data_8W7L
#
_entry.id   8W7L
#
_cell.length_a   1.00
_cell.length_b   1.00
_cell.length_c   1.00
_cell.angle_alpha   90.00
_cell.angle_beta   90.00
_cell.angle_gamma   90.00
#
_symmetry.space_group_name_H-M   'P 1'
#
loop_
_entity.id
_entity.type
_entity.pdbx_description
1 polymer 'Protein kinase domain-containing protein'
2 polymer 'Protein kinase domain-containing protein'
3 polymer PneA
4 polymer PneA
5 non-polymer 'PHOSPHATE ION'
#
loop_
_entity_poly.entity_id
_entity_poly.type
_entity_poly.pdbx_seq_one_letter_code
_entity_poly.pdbx_strand_id
1 'polypeptide(L)'
;NFNLEHPFFFTNNDYSTDTSIKYQASLPFNWHEVMNNDEWVYQYPIGKFVERQGWKIHISSEYNSSHELLQDVAKICHEM
RIPFKHLSTEDKFIMRNGKLVSRGFSGKFITCYPNQNELESVLQRLESALKQYNGPYILSDKRWDEAPIYLRYGVFRPSR
DDEKKVAIDELIVGDEVVKDERLPVFKIPKGIVPPDFLNKWLDKKDKKQGDFPFIIDNAIRFSNSGGIYNARLKEDGKKI
ILKEARPYTGLGFDGTYSSEKLASECKALKILNEWSEAPKIYWHGKIWEHTFLGIEHMKGVPLNRWVTNNFPLYEVVDKT
KDYLLRVSKIVEKLIDLTNKFHSENVYHQDLHLGNILVKDEDEISIIDWEQAVFSNDEKVVHKVAAPGFRAWRETLPSEI
DWYGIRQIAHYLYMPLVTTSDLTYNYVSQTRIEGKKLFESLGYTREHIDYVESLLSYLDSKCPQIENISRKKVLKPMHEI
RTIESEQDIQDFIIKLLRGFTLTYGQWRKEFQSRFFPVAYYGLNFNQGIAFSDLAILWSYQQLAKKVKNFKFDDYYEIRT
QVINEAVNNFKKSSLSGLFDGKIGTIWLIYEFGEIDRAVELFTTHFIEIFENSQNKNLYSGQAGILLVGLYFLSKGEIDN
KLGEEILIRLREYTLNYIENPETFCKVGASDVQSNDPYENFGGLLYGHAGVAWLFGEAYKLTGESIYKNGLELAVDKELV
AYKVDSNNSLQYSQGHRLLPYLATGSAGLLLLINRNKEILSSKYLKYLTSLERATDVVFCVLPGLFNGFCGLEVANNIYS
DIDDNFSGQKKLIEQLYRYLCVIEEGFVIAGDNGLKITTDIASGFAGVAIGLVSIMDNKLTILPQI
;
A
2 'polypeptide(L)'
;FNLEHPFFFTNNDYSTDTSIKYQASLPFNWHEVMNNDEWVYQYPIGKFVERQGWKIHISSEYNSSHELLQDVAKICHEMR
IPFKHLSTEDKFIMRNGKVVSRGFSGKFITCYPNQNELESVLQRLESALKQYNGPYILSDKRWDEAPIYLRYGVFRPSRD
DEKKVAIDELIVGDEVVKDERLPVFKIPKGIVPPDFLNKWLDKKDKKQGDFPFIIDNAIRFSNSGGIYNARLKEDGKKII
LKEARPYTGLGFDGTYSSEKLASECKALKILNEWSEAPKIYWHGKIWEHTFLGIEHMKGVPLNRWVTNNFPLYEVVDKTK
DYLLRVSKIVEKLIDLTNKFHSENVYHQDLHLGNILVKDEDEISIIDWEQAVFSNDEKVVHKVAAPGFRAWRETLPSEID
WYGIRQIAHYLYMPLVTTSDLTYNYVSQTRIEGKKLFESLGYTREHIDYVESLLSYLDSKCPQIENISRKKVLKPMHEIR
TIESEQDIQDFIIKLLRGFTLTYGQWRKEFQSRFFPVAYYGLNFNQGIAFSDLAILWSYQQLAKKVKNFKFDDYYEIRTQ
VINEAVNNFKKSSLSGLFDGKIGTIWLIYEFGEIDRAVELFTTHFIEIFENSQNKNLYSGQAGILLVGLYFLSKGEIDNK
LGEEILIRLREYTLNYIENPETFCKVGASDVQSNDPYENFGGLLYGHAGVAWLFGEAYKLTGESIYKNGLELAVDKELVA
YKVDSNNSLQYSQGHRLLPYLATGSAGLLLLINRNKEILSSKYLKYLTSLERATDVVFCVLPGLFNGFCGLEVANNIYSD
IDDNFSGQKKLIEQLYRYLCVIEEGFVIAGDNGLKITTDIASGFAGVAIGLVSIMDNKLTILPQI
;
B
3 'polypeptide(L)' QGMAEEVLNLQLVSVQVD C
4 'polypeptide(L)' VSMAEEVLNLQLVSVQV D
#
# COMPACT_ATOMS: atom_id res chain seq x y z
N ASN A 1 -7.39 -11.17 -10.20
CA ASN A 1 -8.79 -11.03 -10.58
C ASN A 1 -9.64 -10.87 -9.32
N PHE A 2 -10.32 -11.94 -8.93
CA PHE A 2 -11.18 -11.90 -7.74
C PHE A 2 -10.34 -11.84 -6.46
N ASN A 3 -9.20 -12.53 -6.45
CA ASN A 3 -8.32 -12.49 -5.30
C ASN A 3 -7.56 -11.16 -5.23
N LEU A 4 -7.26 -10.57 -6.39
CA LEU A 4 -6.62 -9.26 -6.41
C LEU A 4 -7.62 -8.16 -6.08
N GLU A 5 -8.91 -8.42 -6.28
CA GLU A 5 -9.93 -7.43 -5.96
C GLU A 5 -10.11 -7.32 -4.45
N HIS A 6 -10.14 -6.09 -3.96
CA HIS A 6 -10.39 -5.84 -2.55
C HIS A 6 -11.83 -6.25 -2.21
N PRO A 7 -12.03 -7.05 -1.16
CA PRO A 7 -13.41 -7.45 -0.80
C PRO A 7 -14.23 -6.30 -0.25
N PHE A 8 -15.54 -6.54 -0.08
CA PHE A 8 -16.53 -5.53 0.30
C PHE A 8 -16.55 -4.35 -0.67
N PHE A 9 -15.84 -3.28 -0.33
CA PHE A 9 -15.95 -2.03 -1.07
C PHE A 9 -15.26 -2.12 -2.43
N PHE A 10 -15.42 -1.07 -3.23
CA PHE A 10 -14.68 -0.93 -4.47
C PHE A 10 -13.26 -0.47 -4.14
N THR A 11 -12.38 -0.45 -5.14
CA THR A 11 -11.02 0.00 -4.93
C THR A 11 -10.53 0.73 -6.17
N ASN A 12 -9.49 1.53 -5.99
CA ASN A 12 -8.93 2.31 -7.08
C ASN A 12 -7.93 1.46 -7.86
N ASN A 13 -7.26 2.09 -8.82
CA ASN A 13 -6.24 1.38 -9.59
C ASN A 13 -5.00 1.13 -8.76
N ASP A 14 -4.75 1.96 -7.74
CA ASP A 14 -3.57 1.84 -6.88
C ASP A 14 -3.86 0.84 -5.76
N TYR A 15 -4.00 -0.43 -6.14
CA TYR A 15 -4.12 -1.51 -5.18
C TYR A 15 -3.29 -2.72 -5.60
N SER A 16 -2.18 -2.50 -6.30
CA SER A 16 -1.32 -3.59 -6.75
C SER A 16 -0.51 -4.11 -5.56
N THR A 17 -0.97 -5.22 -4.98
CA THR A 17 -0.21 -5.86 -3.91
C THR A 17 1.07 -6.49 -4.44
N ASP A 18 0.98 -7.16 -5.60
CA ASP A 18 2.08 -7.78 -6.34
C ASP A 18 2.78 -8.82 -5.46
N THR A 19 2.03 -9.86 -5.11
CA THR A 19 2.54 -10.99 -4.33
C THR A 19 2.75 -12.16 -5.29
N SER A 20 3.91 -12.18 -5.92
CA SER A 20 4.25 -13.19 -6.91
C SER A 20 5.77 -13.30 -7.01
N ILE A 21 6.25 -13.98 -8.05
CA ILE A 21 7.68 -14.13 -8.28
C ILE A 21 8.10 -13.11 -9.33
N LYS A 22 9.08 -12.29 -8.99
CA LYS A 22 9.51 -11.22 -9.87
C LYS A 22 10.38 -11.74 -11.01
N TYR A 23 10.43 -10.97 -12.09
CA TYR A 23 11.24 -11.28 -13.26
C TYR A 23 12.38 -10.28 -13.33
N GLN A 24 13.62 -10.78 -13.33
CA GLN A 24 14.79 -9.93 -13.43
C GLN A 24 15.98 -10.76 -13.88
N ALA A 25 17.01 -10.05 -14.35
CA ALA A 25 18.24 -10.68 -14.84
C ALA A 25 19.44 -10.00 -14.20
N SER A 26 20.57 -10.68 -14.25
CA SER A 26 21.79 -10.16 -13.65
C SER A 26 22.38 -9.03 -14.49
N LEU A 27 22.84 -7.97 -13.82
CA LEU A 27 23.39 -6.80 -14.49
C LEU A 27 24.90 -6.83 -14.48
N PRO A 28 25.55 -6.64 -15.62
CA PRO A 28 27.00 -6.43 -15.62
C PRO A 28 27.31 -4.94 -15.42
N PHE A 29 28.59 -4.62 -15.46
CA PHE A 29 29.02 -3.23 -15.48
C PHE A 29 28.76 -2.68 -16.88
N ASN A 30 28.84 -1.34 -17.01
CA ASN A 30 28.50 -0.57 -18.22
C ASN A 30 27.01 -0.76 -18.56
N TRP A 31 26.21 -0.97 -17.52
CA TRP A 31 24.78 -1.30 -17.64
C TRP A 31 24.09 -0.90 -16.36
N HIS A 32 22.76 -0.75 -16.44
CA HIS A 32 21.96 -0.39 -15.28
C HIS A 32 20.51 -0.77 -15.51
N GLU A 33 19.85 -1.24 -14.45
CA GLU A 33 18.43 -1.61 -14.48
C GLU A 33 17.61 -0.46 -13.90
N VAL A 34 16.73 0.12 -14.72
CA VAL A 34 15.83 1.17 -14.27
C VAL A 34 14.43 0.60 -14.27
N MET A 35 13.55 1.18 -13.44
CA MET A 35 12.19 0.71 -13.28
C MET A 35 11.24 1.64 -14.01
N ASN A 36 10.39 1.06 -14.86
CA ASN A 36 9.36 1.79 -15.58
C ASN A 36 8.07 1.76 -14.75
N ASN A 37 6.94 2.08 -15.37
CA ASN A 37 5.67 2.25 -14.66
C ASN A 37 5.07 0.93 -14.17
N ASP A 38 5.76 0.27 -13.24
CA ASP A 38 5.31 -0.89 -12.47
C ASP A 38 4.97 -2.12 -13.32
N GLU A 39 5.33 -2.12 -14.59
CA GLU A 39 5.08 -3.24 -15.46
C GLU A 39 6.29 -3.65 -16.28
N TRP A 40 7.19 -2.73 -16.60
CA TRP A 40 8.36 -3.04 -17.42
C TRP A 40 9.64 -2.74 -16.64
N VAL A 41 10.68 -3.50 -16.96
CA VAL A 41 11.99 -3.35 -16.34
C VAL A 41 12.99 -3.13 -17.47
N TYR A 42 13.47 -1.90 -17.62
CA TYR A 42 14.26 -1.49 -18.78
C TYR A 42 15.72 -1.33 -18.40
N GLN A 43 16.60 -1.79 -19.30
CA GLN A 43 18.04 -1.79 -19.08
C GLN A 43 18.73 -1.14 -20.27
N TYR A 44 19.64 -0.20 -20.01
CA TYR A 44 20.33 0.40 -21.13
C TYR A 44 21.84 0.44 -20.86
N PRO A 45 22.68 0.33 -21.91
CA PRO A 45 24.12 0.47 -21.73
C PRO A 45 24.53 1.93 -21.70
N ILE A 46 25.23 2.33 -20.63
CA ILE A 46 25.59 3.73 -20.45
C ILE A 46 26.71 4.10 -21.41
N GLY A 47 26.65 5.33 -21.93
CA GLY A 47 27.55 5.80 -22.94
C GLY A 47 27.14 5.46 -24.36
N LYS A 48 26.39 4.37 -24.52
CA LYS A 48 25.91 3.94 -25.83
C LYS A 48 24.77 4.84 -26.28
N PHE A 49 24.87 5.35 -27.51
CA PHE A 49 23.82 6.20 -28.06
C PHE A 49 22.66 5.33 -28.54
N VAL A 50 21.46 5.62 -28.03
CA VAL A 50 20.25 4.95 -28.47
C VAL A 50 19.47 5.91 -29.36
N GLU A 51 18.97 5.39 -30.47
CA GLU A 51 18.31 6.23 -31.47
C GLU A 51 16.81 6.29 -31.18
N ARG A 52 16.07 6.82 -32.15
CA ARG A 52 14.61 6.88 -32.09
C ARG A 52 14.06 6.31 -33.39
N GLN A 53 12.87 5.68 -33.28
CA GLN A 53 12.06 5.24 -34.42
C GLN A 53 12.81 4.19 -35.26
N GLY A 54 13.07 3.06 -34.63
CA GLY A 54 13.81 1.98 -35.23
C GLY A 54 13.01 0.68 -35.28
N TRP A 55 13.63 -0.33 -35.89
CA TRP A 55 13.00 -1.63 -36.07
C TRP A 55 13.03 -2.42 -34.77
N LYS A 56 11.94 -2.34 -34.01
CA LYS A 56 11.89 -3.00 -32.72
C LYS A 56 11.67 -4.49 -32.89
N ILE A 57 12.37 -5.30 -32.12
CA ILE A 57 12.11 -6.73 -32.06
C ILE A 57 11.31 -7.07 -30.81
N HIS A 58 10.16 -7.70 -31.02
CA HIS A 58 9.30 -8.16 -29.93
C HIS A 58 9.42 -9.67 -29.82
N ILE A 59 9.57 -10.16 -28.59
CA ILE A 59 9.77 -11.58 -28.32
C ILE A 59 8.67 -12.05 -27.38
N SER A 60 7.97 -13.11 -27.77
CA SER A 60 6.94 -13.71 -26.95
C SER A 60 7.39 -15.09 -26.46
N SER A 61 6.88 -15.47 -25.29
CA SER A 61 7.25 -16.75 -24.69
C SER A 61 6.09 -17.25 -23.83
N GLU A 62 6.11 -18.54 -23.55
CA GLU A 62 5.07 -19.18 -22.77
C GLU A 62 5.41 -19.16 -21.28
N TYR A 63 4.60 -19.85 -20.48
CA TYR A 63 4.67 -19.71 -19.03
C TYR A 63 5.85 -20.46 -18.44
N ASN A 64 6.02 -21.72 -18.83
CA ASN A 64 7.03 -22.57 -18.19
C ASN A 64 8.44 -22.21 -18.62
N SER A 65 8.63 -21.81 -19.88
CA SER A 65 9.94 -21.45 -20.39
C SER A 65 10.21 -19.95 -20.30
N SER A 66 9.40 -19.23 -19.51
CA SER A 66 9.51 -17.78 -19.40
C SER A 66 10.85 -17.37 -18.81
N HIS A 67 11.26 -18.04 -17.73
CA HIS A 67 12.52 -17.73 -17.06
C HIS A 67 13.71 -18.03 -17.96
N GLU A 68 13.67 -19.15 -18.67
CA GLU A 68 14.81 -19.56 -19.50
C GLU A 68 14.96 -18.66 -20.73
N LEU A 69 13.85 -18.34 -21.39
CA LEU A 69 13.90 -17.41 -22.52
C LEU A 69 14.32 -16.00 -22.08
N LEU A 70 13.84 -15.54 -20.92
CA LEU A 70 14.23 -14.23 -20.41
C LEU A 70 15.71 -14.18 -20.08
N GLN A 71 16.23 -15.22 -19.41
CA GLN A 71 17.64 -15.25 -19.04
C GLN A 71 18.53 -15.37 -20.26
N ASP A 72 18.12 -16.17 -21.25
CA ASP A 72 18.94 -16.36 -22.45
C ASP A 72 18.97 -15.10 -23.31
N VAL A 73 17.80 -14.46 -23.50
CA VAL A 73 17.73 -13.24 -24.30
C VAL A 73 18.46 -12.09 -23.59
N ALA A 74 18.36 -12.03 -22.26
CA ALA A 74 19.08 -11.02 -21.49
C ALA A 74 20.60 -11.24 -21.56
N LYS A 75 21.03 -12.51 -21.54
CA LYS A 75 22.47 -12.78 -21.62
C LYS A 75 22.99 -12.52 -23.02
N ILE A 76 22.13 -12.65 -24.03
CA ILE A 76 22.52 -12.26 -25.39
C ILE A 76 22.67 -10.75 -25.48
N CYS A 77 21.70 -10.00 -24.94
CA CYS A 77 21.72 -8.54 -25.09
C CYS A 77 22.77 -7.88 -24.21
N HIS A 78 23.10 -8.46 -23.06
CA HIS A 78 24.12 -7.86 -22.20
C HIS A 78 25.52 -8.06 -22.78
N GLU A 79 25.71 -9.11 -23.56
CA GLU A 79 26.99 -9.30 -24.25
C GLU A 79 27.16 -8.23 -25.34
N MET A 80 26.07 -7.84 -25.98
CA MET A 80 26.10 -6.79 -26.98
C MET A 80 25.75 -5.44 -26.32
N ARG A 81 25.47 -4.43 -27.15
CA ARG A 81 25.11 -3.11 -26.67
C ARG A 81 23.67 -2.74 -27.04
N ILE A 82 22.78 -3.71 -27.16
CA ILE A 82 21.39 -3.45 -27.53
C ILE A 82 20.57 -3.18 -26.28
N PRO A 83 19.86 -2.05 -26.20
CA PRO A 83 18.97 -1.79 -25.07
C PRO A 83 17.86 -2.81 -24.95
N PHE A 84 17.40 -3.00 -23.71
CA PHE A 84 16.70 -4.21 -23.29
C PHE A 84 15.63 -3.89 -22.26
N LYS A 85 14.45 -4.48 -22.43
CA LYS A 85 13.39 -4.38 -21.44
C LYS A 85 12.49 -5.60 -21.47
N HIS A 86 11.79 -5.83 -20.36
CA HIS A 86 10.98 -7.01 -20.16
C HIS A 86 9.99 -6.75 -19.03
N LEU A 87 9.08 -7.70 -18.83
CA LEU A 87 8.02 -7.56 -17.83
C LEU A 87 8.57 -7.62 -16.41
N SER A 88 7.84 -7.00 -15.49
CA SER A 88 8.31 -6.86 -14.12
C SER A 88 8.09 -8.13 -13.30
N THR A 89 6.84 -8.54 -13.15
CA THR A 89 6.50 -9.65 -12.27
C THR A 89 5.71 -10.70 -13.04
N GLU A 90 5.42 -11.79 -12.34
CA GLU A 90 4.69 -12.90 -12.96
C GLU A 90 3.23 -12.54 -13.18
N ASP A 91 2.65 -11.74 -12.27
CA ASP A 91 1.23 -11.39 -12.38
C ASP A 91 0.97 -10.48 -13.58
N LYS A 92 1.91 -9.57 -13.88
CA LYS A 92 1.78 -8.76 -15.09
C LYS A 92 1.97 -9.61 -16.35
N PHE A 93 2.77 -10.68 -16.26
CA PHE A 93 2.90 -11.59 -17.38
C PHE A 93 1.61 -12.38 -17.62
N ILE A 94 0.92 -12.77 -16.55
CA ILE A 94 -0.38 -13.41 -16.68
C ILE A 94 -1.40 -12.42 -17.25
N MET A 95 -1.36 -11.18 -16.76
CA MET A 95 -2.28 -10.15 -17.24
C MET A 95 -2.03 -9.78 -18.70
N ARG A 96 -0.79 -9.88 -19.17
CA ARG A 96 -0.48 -9.64 -20.57
C ARG A 96 -0.88 -10.80 -21.48
N ASN A 97 -1.22 -11.95 -20.92
CA ASN A 97 -1.66 -13.09 -21.72
C ASN A 97 -3.00 -13.65 -21.23
N GLY A 98 -3.82 -12.85 -20.57
CA GLY A 98 -5.08 -13.32 -20.03
C GLY A 98 -6.20 -13.32 -21.06
N LYS A 99 -7.41 -13.55 -20.56
CA LYS A 99 -8.59 -13.58 -21.41
C LYS A 99 -9.25 -12.21 -21.55
N LEU A 100 -9.10 -11.35 -20.56
CA LEU A 100 -9.72 -10.03 -20.59
C LEU A 100 -8.80 -8.94 -21.14
N VAL A 101 -7.56 -9.28 -21.51
CA VAL A 101 -6.62 -8.30 -22.02
C VAL A 101 -7.00 -7.97 -23.46
N SER A 102 -6.70 -6.74 -23.87
CA SER A 102 -6.93 -6.33 -25.26
C SER A 102 -5.99 -7.07 -26.19
N ARG A 103 -6.53 -7.50 -27.33
CA ARG A 103 -5.76 -8.28 -28.30
C ARG A 103 -4.74 -7.47 -29.06
N GLY A 104 -4.80 -6.14 -28.99
CA GLY A 104 -3.76 -5.32 -29.59
C GLY A 104 -2.44 -5.41 -28.87
N PHE A 105 -2.47 -5.67 -27.57
CA PHE A 105 -1.26 -5.82 -26.75
C PHE A 105 -1.36 -7.15 -26.02
N SER A 106 -0.86 -8.21 -26.65
CA SER A 106 -0.95 -9.55 -26.09
C SER A 106 0.33 -10.31 -26.38
N GLY A 107 1.00 -10.78 -25.33
CA GLY A 107 2.18 -11.59 -25.48
C GLY A 107 3.48 -10.84 -25.62
N LYS A 108 3.45 -9.50 -25.62
CA LYS A 108 4.67 -8.71 -25.74
C LYS A 108 5.49 -8.82 -24.46
N PHE A 109 6.50 -9.67 -24.46
CA PHE A 109 7.29 -9.97 -23.27
C PHE A 109 8.65 -9.29 -23.28
N ILE A 110 9.46 -9.48 -24.31
CA ILE A 110 10.71 -8.74 -24.48
C ILE A 110 10.58 -7.87 -25.71
N THR A 111 10.79 -6.56 -25.54
CA THR A 111 10.89 -5.64 -26.67
C THR A 111 12.28 -5.02 -26.62
N CYS A 112 13.26 -5.74 -27.18
CA CYS A 112 14.63 -5.23 -27.25
C CYS A 112 14.75 -4.23 -28.38
N TYR A 113 15.70 -3.30 -28.24
CA TYR A 113 15.82 -2.15 -29.14
C TYR A 113 17.23 -2.05 -29.73
N PRO A 114 17.61 -2.95 -30.67
CA PRO A 114 18.98 -2.89 -31.20
C PRO A 114 19.22 -1.76 -32.17
N ASN A 115 20.48 -1.64 -32.62
CA ASN A 115 20.88 -0.58 -33.53
C ASN A 115 20.28 -0.77 -34.91
N GLN A 116 19.97 0.36 -35.57
CA GLN A 116 19.37 0.30 -36.90
C GLN A 116 20.36 -0.06 -37.98
N ASN A 117 21.66 0.12 -37.73
CA ASN A 117 22.69 -0.24 -38.70
C ASN A 117 23.20 -1.66 -38.52
N GLU A 118 22.73 -2.38 -37.49
CA GLU A 118 23.18 -3.74 -37.23
C GLU A 118 21.97 -4.56 -36.79
N LEU A 119 21.31 -5.19 -37.75
CA LEU A 119 20.25 -6.15 -37.47
C LEU A 119 20.63 -7.57 -37.81
N GLU A 120 21.43 -7.79 -38.87
CA GLU A 120 21.81 -9.13 -39.27
C GLU A 120 22.74 -9.78 -38.25
N SER A 121 23.45 -8.97 -37.45
CA SER A 121 24.22 -9.50 -36.34
C SER A 121 23.36 -9.79 -35.12
N VAL A 122 22.08 -9.41 -35.14
CA VAL A 122 21.18 -9.58 -34.02
C VAL A 122 20.23 -10.75 -34.24
N LEU A 123 19.62 -10.81 -35.43
CA LEU A 123 18.49 -11.71 -35.65
C LEU A 123 18.93 -13.17 -35.76
N GLN A 124 20.05 -13.43 -36.43
CA GLN A 124 20.52 -14.81 -36.52
C GLN A 124 21.06 -15.30 -35.17
N ARG A 125 21.64 -14.40 -34.38
CA ARG A 125 22.06 -14.74 -33.03
C ARG A 125 20.87 -15.09 -32.15
N LEU A 126 19.80 -14.28 -32.24
CA LEU A 126 18.59 -14.56 -31.48
C LEU A 126 17.86 -15.80 -31.98
N GLU A 127 18.02 -16.16 -33.25
CA GLU A 127 17.45 -17.41 -33.74
C GLU A 127 18.25 -18.61 -33.23
N SER A 128 19.59 -18.51 -33.27
CA SER A 128 20.41 -19.68 -33.01
C SER A 128 20.69 -19.93 -31.53
N ALA A 129 20.66 -18.90 -30.69
CA ALA A 129 21.02 -19.07 -29.29
C ALA A 129 19.83 -19.35 -28.38
N LEU A 130 18.63 -19.46 -28.94
CA LEU A 130 17.44 -19.71 -28.13
C LEU A 130 17.09 -21.18 -27.97
N LYS A 131 17.55 -22.04 -28.91
CA LYS A 131 17.39 -23.48 -28.89
C LYS A 131 15.93 -23.92 -28.81
N GLN A 132 15.45 -24.20 -27.60
CA GLN A 132 14.06 -24.56 -27.39
C GLN A 132 13.21 -23.30 -27.33
N TYR A 133 12.09 -23.32 -28.05
CA TYR A 133 11.24 -22.15 -28.20
C TYR A 133 9.79 -22.61 -28.29
N ASN A 134 8.92 -22.00 -27.48
CA ASN A 134 7.54 -22.45 -27.35
C ASN A 134 6.60 -21.27 -27.18
N GLY A 135 6.94 -20.14 -27.79
CA GLY A 135 6.21 -18.90 -27.56
C GLY A 135 4.97 -18.79 -28.41
N PRO A 136 4.10 -17.84 -28.01
CA PRO A 136 2.87 -17.60 -28.78
C PRO A 136 3.08 -16.71 -30.00
N TYR A 137 1.99 -16.37 -30.66
CA TYR A 137 1.99 -15.48 -31.82
C TYR A 137 1.36 -14.15 -31.41
N ILE A 138 2.19 -13.10 -31.39
CA ILE A 138 1.69 -11.76 -31.11
C ILE A 138 0.88 -11.28 -32.30
N LEU A 139 -0.10 -10.41 -32.06
CA LEU A 139 -0.88 -9.83 -33.14
C LEU A 139 -0.23 -8.53 -33.60
N SER A 140 1.05 -8.60 -33.89
CA SER A 140 1.85 -7.46 -34.34
C SER A 140 2.50 -7.70 -35.69
N ASP A 141 3.10 -8.87 -35.89
CA ASP A 141 4.03 -9.10 -36.99
C ASP A 141 3.74 -10.44 -37.65
N LYS A 142 4.65 -10.92 -38.50
CA LYS A 142 4.42 -12.12 -39.29
C LYS A 142 5.47 -13.21 -39.06
N ARG A 143 5.98 -13.31 -37.82
CA ARG A 143 6.79 -14.45 -37.35
C ARG A 143 8.07 -14.63 -38.17
N TRP A 144 9.00 -13.70 -37.95
CA TRP A 144 10.36 -13.85 -38.48
C TRP A 144 10.96 -15.17 -38.03
N ASP A 145 11.35 -15.98 -39.01
CA ASP A 145 11.95 -17.32 -38.88
C ASP A 145 10.98 -18.23 -38.11
N GLU A 146 11.51 -19.20 -37.38
CA GLU A 146 10.68 -20.14 -36.64
C GLU A 146 10.56 -19.81 -35.16
N ALA A 147 11.63 -19.27 -34.56
CA ALA A 147 11.60 -18.83 -33.18
C ALA A 147 10.67 -17.63 -33.03
N PRO A 148 10.03 -17.44 -31.85
CA PRO A 148 9.08 -16.33 -31.69
C PRO A 148 9.74 -14.96 -31.72
N ILE A 149 10.12 -14.55 -32.92
CA ILE A 149 10.85 -13.31 -33.16
C ILE A 149 10.00 -12.46 -34.09
N TYR A 150 9.73 -11.21 -33.69
CA TYR A 150 8.74 -10.39 -34.39
C TYR A 150 9.30 -8.99 -34.59
N LEU A 151 9.26 -8.50 -35.84
CA LEU A 151 9.88 -7.23 -36.21
C LEU A 151 8.81 -6.16 -36.41
N ARG A 152 8.45 -5.49 -35.32
CA ARG A 152 7.51 -4.39 -35.41
C ARG A 152 8.24 -3.06 -35.53
N TYR A 153 7.77 -2.23 -36.46
CA TYR A 153 8.29 -0.88 -36.64
C TYR A 153 7.51 0.03 -35.70
N GLY A 154 8.05 0.21 -34.50
CA GLY A 154 7.37 1.02 -33.50
C GLY A 154 8.09 2.31 -33.19
N VAL A 155 8.31 2.60 -31.91
CA VAL A 155 8.99 3.82 -31.50
C VAL A 155 9.92 3.51 -30.33
N PHE A 156 11.09 4.14 -30.33
CA PHE A 156 12.05 4.04 -29.25
C PHE A 156 11.74 5.10 -28.19
N ARG A 157 12.73 5.39 -27.33
CA ARG A 157 12.76 6.49 -26.35
C ARG A 157 12.35 7.83 -26.97
N PRO A 158 11.78 8.74 -26.18
CA PRO A 158 11.33 10.03 -26.73
C PRO A 158 12.48 10.90 -27.21
N SER A 159 12.12 11.94 -27.97
CA SER A 159 13.09 12.78 -28.65
C SER A 159 13.90 13.61 -27.68
N ARG A 160 15.17 13.84 -28.02
CA ARG A 160 16.07 14.62 -27.19
C ARG A 160 15.87 16.12 -27.46
N ASP A 161 16.80 16.94 -26.95
CA ASP A 161 16.70 18.37 -27.17
C ASP A 161 17.02 18.75 -28.61
N ASP A 162 17.91 18.01 -29.26
CA ASP A 162 18.28 18.30 -30.64
C ASP A 162 17.20 17.86 -31.64
N GLU A 163 16.31 16.97 -31.24
CA GLU A 163 15.24 16.47 -32.10
C GLU A 163 13.91 17.09 -31.66
N LYS A 164 13.40 18.02 -32.44
CA LYS A 164 12.10 18.62 -32.16
C LYS A 164 10.99 17.74 -32.69
N LYS A 165 9.75 18.11 -32.35
CA LYS A 165 8.51 17.43 -32.74
C LYS A 165 8.53 15.97 -32.28
N VAL A 166 8.40 15.82 -30.95
CA VAL A 166 8.60 14.54 -30.27
C VAL A 166 7.63 13.48 -30.78
N ALA A 167 6.33 13.72 -30.60
CA ALA A 167 5.23 12.98 -31.24
C ALA A 167 5.28 11.48 -30.92
N ILE A 168 5.02 11.17 -29.65
CA ILE A 168 5.18 9.82 -29.13
C ILE A 168 4.26 8.84 -29.85
N ASP A 169 4.87 7.80 -30.43
CA ASP A 169 4.21 6.79 -31.28
C ASP A 169 3.46 7.43 -32.44
N GLU A 170 4.05 8.46 -33.04
CA GLU A 170 3.39 9.15 -34.14
C GLU A 170 4.33 9.37 -35.33
N LEU A 171 5.63 9.44 -35.10
CA LEU A 171 6.58 9.70 -36.17
C LEU A 171 6.84 8.44 -36.98
N ILE A 172 6.75 8.54 -38.30
CA ILE A 172 7.00 7.41 -39.19
C ILE A 172 8.08 7.75 -40.20
N VAL A 173 7.83 8.76 -41.04
CA VAL A 173 8.72 9.04 -42.16
C VAL A 173 9.44 10.37 -41.96
N GLY A 174 8.69 11.46 -41.90
CA GLY A 174 9.28 12.78 -41.89
C GLY A 174 8.54 13.78 -41.02
N ASP A 175 8.21 14.93 -41.59
CA ASP A 175 7.53 15.99 -40.84
C ASP A 175 6.10 15.58 -40.50
N GLU A 176 5.45 14.83 -41.39
CA GLU A 176 4.10 14.35 -41.12
C GLU A 176 4.13 13.23 -40.08
N VAL A 177 3.00 13.06 -39.40
CA VAL A 177 2.86 12.07 -38.34
C VAL A 177 1.59 11.27 -38.57
N VAL A 178 1.73 9.95 -38.69
CA VAL A 178 0.60 9.04 -38.79
C VAL A 178 0.56 8.19 -37.52
N LYS A 179 -0.64 7.97 -36.98
CA LYS A 179 -0.79 7.24 -35.73
C LYS A 179 -0.35 5.79 -35.89
N ASP A 180 0.15 5.22 -34.79
CA ASP A 180 0.67 3.86 -34.79
C ASP A 180 -0.48 2.88 -34.98
N GLU A 181 -0.39 2.04 -36.01
CA GLU A 181 -1.45 1.10 -36.34
C GLU A 181 -1.53 -0.02 -35.31
N ARG A 182 -2.53 0.06 -34.43
CA ARG A 182 -2.75 -0.94 -33.41
C ARG A 182 -3.72 -2.03 -33.87
N LEU A 183 -3.92 -2.16 -35.18
CA LEU A 183 -4.72 -3.25 -35.70
C LEU A 183 -3.99 -4.58 -35.47
N PRO A 184 -4.73 -5.65 -35.19
CA PRO A 184 -4.06 -6.94 -34.90
C PRO A 184 -3.39 -7.57 -36.11
N VAL A 185 -3.78 -7.21 -37.31
CA VAL A 185 -3.10 -7.68 -38.52
C VAL A 185 -1.82 -6.85 -38.70
N PHE A 186 -0.76 -7.51 -39.15
CA PHE A 186 0.47 -6.79 -39.46
C PHE A 186 0.27 -5.89 -40.66
N LYS A 187 0.69 -4.63 -40.52
CA LYS A 187 0.58 -3.66 -41.60
C LYS A 187 1.86 -2.84 -41.66
N ILE A 188 2.49 -2.81 -42.83
CA ILE A 188 3.64 -1.93 -43.06
C ILE A 188 3.10 -0.51 -43.10
N PRO A 189 3.69 0.42 -42.34
CA PRO A 189 3.20 1.80 -42.35
C PRO A 189 3.48 2.49 -43.68
N LYS A 190 2.74 3.57 -43.94
CA LYS A 190 2.86 4.35 -45.16
C LYS A 190 4.25 4.99 -45.25
N GLY A 191 5.05 4.55 -46.21
CA GLY A 191 6.44 4.92 -46.27
C GLY A 191 7.33 3.86 -45.66
N ILE A 192 8.52 4.31 -45.25
CA ILE A 192 9.58 3.54 -44.59
C ILE A 192 10.04 2.39 -45.49
N VAL A 193 11.15 2.61 -46.20
CA VAL A 193 11.69 1.53 -47.03
C VAL A 193 12.32 0.46 -46.13
N PRO A 194 12.03 -0.82 -46.36
CA PRO A 194 12.64 -1.86 -45.55
C PRO A 194 14.09 -2.04 -45.94
N PRO A 195 14.91 -2.63 -45.06
CA PRO A 195 16.28 -2.97 -45.43
C PRO A 195 16.33 -4.07 -46.48
N ASP A 196 17.49 -4.16 -47.15
CA ASP A 196 17.65 -5.08 -48.27
C ASP A 196 17.62 -6.53 -47.85
N PHE A 197 18.04 -6.84 -46.62
CA PHE A 197 17.98 -8.18 -46.08
C PHE A 197 16.62 -8.52 -45.47
N LEU A 198 15.69 -7.57 -45.45
CA LEU A 198 14.34 -7.82 -44.98
C LEU A 198 13.30 -7.78 -46.10
N ASN A 199 13.67 -7.30 -47.29
CA ASN A 199 12.75 -7.34 -48.43
C ASN A 199 12.53 -8.77 -48.89
N LYS A 200 13.56 -9.62 -48.83
CA LYS A 200 13.39 -11.03 -49.15
C LYS A 200 12.56 -11.73 -48.08
N TRP A 201 12.63 -11.26 -46.83
CA TRP A 201 11.80 -11.84 -45.78
C TRP A 201 10.35 -11.42 -45.93
N LEU A 202 10.11 -10.17 -46.32
CA LEU A 202 8.73 -9.68 -46.42
C LEU A 202 8.14 -9.93 -47.80
N ASP A 203 8.30 -11.15 -48.31
CA ASP A 203 7.55 -11.62 -49.47
C ASP A 203 6.78 -12.88 -49.08
N LYS A 204 7.50 -13.82 -48.46
CA LYS A 204 7.02 -15.11 -47.96
C LYS A 204 6.18 -15.89 -48.96
N LYS A 205 4.85 -15.89 -48.73
CA LYS A 205 3.78 -16.51 -49.52
C LYS A 205 3.84 -18.04 -49.48
N ASP A 206 2.69 -18.70 -49.59
CA ASP A 206 2.63 -20.15 -49.57
C ASP A 206 1.38 -20.57 -50.33
N LYS A 207 1.40 -21.79 -50.87
CA LYS A 207 0.29 -22.29 -51.67
C LYS A 207 -0.86 -22.77 -50.79
N LYS A 208 -1.86 -23.39 -51.40
CA LYS A 208 -3.08 -23.79 -50.69
C LYS A 208 -3.14 -25.32 -50.67
N GLN A 209 -3.57 -25.86 -49.54
CA GLN A 209 -3.69 -27.30 -49.35
C GLN A 209 -4.98 -27.63 -48.63
N GLY A 210 -5.92 -26.70 -48.66
CA GLY A 210 -7.19 -26.79 -47.97
C GLY A 210 -7.72 -25.40 -47.72
N ASP A 211 -9.04 -25.29 -47.54
CA ASP A 211 -9.64 -23.97 -47.44
C ASP A 211 -10.64 -23.89 -46.29
N PHE A 212 -10.29 -24.50 -45.13
CA PHE A 212 -10.91 -24.45 -43.80
C PHE A 212 -12.45 -24.51 -43.87
N PRO A 213 -13.03 -25.70 -44.09
CA PRO A 213 -14.43 -25.79 -44.56
C PRO A 213 -15.48 -25.33 -43.55
N PHE A 214 -15.48 -24.03 -43.31
CA PHE A 214 -16.47 -23.33 -42.49
C PHE A 214 -16.35 -21.86 -42.83
N ILE A 215 -17.42 -21.25 -43.33
CA ILE A 215 -17.39 -19.88 -43.84
C ILE A 215 -17.93 -18.96 -42.76
N ILE A 216 -17.10 -18.01 -42.34
CA ILE A 216 -17.51 -16.98 -41.38
C ILE A 216 -18.30 -15.91 -42.14
N ASP A 217 -19.37 -15.41 -41.53
CA ASP A 217 -20.24 -14.44 -42.19
C ASP A 217 -20.21 -13.09 -41.48
N ASN A 218 -20.56 -13.07 -40.20
CA ASN A 218 -20.64 -11.84 -39.43
C ASN A 218 -19.91 -12.02 -38.11
N ALA A 219 -19.68 -10.92 -37.40
CA ALA A 219 -18.90 -10.98 -36.17
C ALA A 219 -19.26 -9.84 -35.23
N ILE A 220 -18.79 -9.96 -34.00
CA ILE A 220 -18.92 -8.95 -32.95
C ILE A 220 -17.56 -8.77 -32.29
N ARG A 221 -17.52 -8.04 -31.18
CA ARG A 221 -16.26 -7.74 -30.50
C ARG A 221 -15.66 -8.99 -29.87
N PHE A 222 -14.36 -9.20 -30.10
CA PHE A 222 -13.60 -10.32 -29.56
C PHE A 222 -13.16 -10.00 -28.14
N SER A 223 -12.56 -10.99 -27.48
CA SER A 223 -12.00 -10.79 -26.15
C SER A 223 -10.49 -10.96 -26.15
N ASN A 224 -9.97 -12.15 -26.44
CA ASN A 224 -8.54 -12.28 -26.73
C ASN A 224 -8.23 -13.16 -27.94
N SER A 225 -8.91 -14.28 -28.14
CA SER A 225 -8.59 -15.21 -29.21
C SER A 225 -9.78 -15.58 -30.06
N GLY A 226 -10.94 -15.81 -29.44
CA GLY A 226 -12.15 -16.05 -30.17
C GLY A 226 -13.13 -14.91 -29.98
N GLY A 227 -14.41 -15.15 -30.19
CA GLY A 227 -15.39 -14.11 -29.99
C GLY A 227 -16.78 -14.65 -30.25
N ILE A 228 -17.74 -13.74 -30.16
CA ILE A 228 -19.14 -14.04 -30.43
C ILE A 228 -19.41 -13.69 -31.89
N TYR A 229 -19.72 -14.70 -32.70
CA TYR A 229 -19.94 -14.51 -34.12
C TYR A 229 -20.78 -15.69 -34.62
N ASN A 230 -21.09 -15.68 -35.92
CA ASN A 230 -21.84 -16.77 -36.55
C ASN A 230 -21.15 -17.14 -37.85
N ALA A 231 -21.23 -18.42 -38.19
CA ALA A 231 -20.59 -18.95 -39.38
C ALA A 231 -21.48 -19.98 -40.05
N ARG A 232 -21.09 -20.38 -41.26
CA ARG A 232 -21.80 -21.40 -42.02
C ARG A 232 -20.81 -22.44 -42.52
N LEU A 233 -21.23 -23.71 -42.46
CA LEU A 233 -20.36 -24.80 -42.89
C LEU A 233 -20.30 -24.89 -44.41
N LYS A 234 -19.19 -25.46 -44.89
CA LYS A 234 -19.04 -25.66 -46.33
C LYS A 234 -19.90 -26.80 -46.84
N GLU A 235 -19.99 -27.90 -46.08
CA GLU A 235 -20.73 -29.07 -46.53
C GLU A 235 -22.22 -28.86 -46.39
N ASP A 236 -22.69 -28.61 -45.17
CA ASP A 236 -24.09 -28.41 -44.89
C ASP A 236 -24.40 -26.93 -44.69
N GLY A 237 -25.67 -26.59 -44.84
CA GLY A 237 -26.14 -25.23 -44.64
C GLY A 237 -26.56 -24.89 -43.23
N LYS A 238 -26.29 -25.77 -42.27
CA LYS A 238 -26.66 -25.52 -40.89
C LYS A 238 -25.78 -24.43 -40.29
N LYS A 239 -26.37 -23.62 -39.41
CA LYS A 239 -25.63 -22.56 -38.74
C LYS A 239 -24.66 -23.17 -37.72
N ILE A 240 -23.43 -22.66 -37.71
CA ILE A 240 -22.38 -23.17 -36.83
C ILE A 240 -21.78 -21.99 -36.07
N ILE A 241 -21.40 -22.23 -34.82
CA ILE A 241 -20.61 -21.29 -34.03
C ILE A 241 -19.35 -22.00 -33.56
N LEU A 242 -18.23 -21.71 -34.22
CA LEU A 242 -16.97 -22.30 -33.81
C LEU A 242 -16.20 -21.33 -32.93
N LYS A 243 -15.17 -21.86 -32.27
CA LYS A 243 -14.37 -21.07 -31.34
C LYS A 243 -12.91 -21.12 -31.78
N GLU A 244 -12.21 -20.01 -31.57
CA GLU A 244 -10.82 -19.87 -31.98
C GLU A 244 -9.92 -20.01 -30.76
N ALA A 245 -8.95 -20.92 -30.85
CA ALA A 245 -8.01 -21.18 -29.77
C ALA A 245 -6.62 -20.81 -30.26
N ARG A 246 -6.23 -19.57 -30.02
CA ARG A 246 -4.87 -19.14 -30.34
C ARG A 246 -3.91 -19.82 -29.36
N PRO A 247 -2.80 -20.38 -29.85
CA PRO A 247 -1.87 -21.08 -28.95
C PRO A 247 -1.18 -20.13 -27.99
N TYR A 248 -1.12 -20.56 -26.73
CA TYR A 248 -0.40 -19.90 -25.63
C TYR A 248 -0.93 -18.49 -25.37
N THR A 249 -2.24 -18.42 -25.13
CA THR A 249 -2.88 -17.18 -24.70
C THR A 249 -4.10 -17.54 -23.86
N GLY A 250 -4.68 -16.52 -23.23
CA GLY A 250 -5.84 -16.73 -22.38
C GLY A 250 -5.58 -17.49 -21.11
N LEU A 251 -4.46 -17.21 -20.43
CA LEU A 251 -4.18 -17.84 -19.15
C LEU A 251 -5.12 -17.36 -18.06
N GLY A 252 -5.46 -18.29 -17.17
CA GLY A 252 -5.95 -17.94 -15.85
C GLY A 252 -4.79 -17.70 -14.92
N PHE A 253 -5.11 -17.57 -13.63
CA PHE A 253 -4.06 -17.40 -12.63
C PHE A 253 -3.26 -18.70 -12.46
N ASP A 254 -3.93 -19.84 -12.58
CA ASP A 254 -3.20 -21.09 -12.74
C ASP A 254 -2.70 -21.22 -14.18
N GLY A 255 -1.73 -22.11 -14.36
CA GLY A 255 -1.14 -22.30 -15.67
C GLY A 255 -2.00 -23.11 -16.63
N THR A 256 -3.14 -22.56 -17.04
CA THR A 256 -4.07 -23.24 -17.92
C THR A 256 -4.40 -22.31 -19.09
N TYR A 257 -4.00 -22.72 -20.30
CA TYR A 257 -4.34 -21.96 -21.49
C TYR A 257 -5.74 -22.31 -21.96
N SER A 258 -6.23 -21.56 -22.96
CA SER A 258 -7.56 -21.81 -23.50
C SER A 258 -7.60 -23.04 -24.40
N SER A 259 -6.44 -23.52 -24.86
CA SER A 259 -6.41 -24.68 -25.75
C SER A 259 -6.88 -25.94 -25.03
N GLU A 260 -6.38 -26.19 -23.82
CA GLU A 260 -6.87 -27.34 -23.07
C GLU A 260 -8.27 -27.12 -22.51
N LYS A 261 -8.71 -25.86 -22.38
CA LYS A 261 -10.10 -25.59 -22.01
C LYS A 261 -11.04 -26.03 -23.12
N LEU A 262 -10.72 -25.66 -24.37
CA LEU A 262 -11.54 -26.11 -25.48
C LEU A 262 -11.36 -27.59 -25.76
N ALA A 263 -10.20 -28.16 -25.40
CA ALA A 263 -10.02 -29.61 -25.49
C ALA A 263 -10.90 -30.33 -24.47
N SER A 264 -11.05 -29.77 -23.26
CA SER A 264 -11.95 -30.34 -22.28
C SER A 264 -13.39 -30.22 -22.72
N GLU A 265 -13.76 -29.09 -23.35
CA GLU A 265 -15.09 -28.95 -23.92
C GLU A 265 -15.34 -29.97 -25.03
N CYS A 266 -14.31 -30.23 -25.86
CA CYS A 266 -14.42 -31.25 -26.91
C CYS A 266 -14.61 -32.63 -26.32
N LYS A 267 -13.85 -32.98 -25.27
CA LYS A 267 -13.98 -34.30 -24.68
C LYS A 267 -15.28 -34.45 -23.89
N ALA A 268 -15.85 -33.34 -23.41
CA ALA A 268 -17.16 -33.40 -22.79
C ALA A 268 -18.27 -33.56 -23.83
N LEU A 269 -18.16 -32.85 -24.94
CA LEU A 269 -19.25 -32.88 -25.92
C LEU A 269 -19.12 -34.04 -26.91
N LYS A 270 -18.00 -34.77 -26.91
CA LYS A 270 -17.95 -36.03 -27.66
C LYS A 270 -18.79 -37.09 -26.96
N ILE A 271 -18.63 -37.25 -25.64
CA ILE A 271 -19.42 -38.23 -24.92
C ILE A 271 -20.85 -37.73 -24.74
N LEU A 272 -21.04 -36.42 -24.63
CA LEU A 272 -22.39 -35.85 -24.60
C LEU A 272 -22.82 -35.55 -26.03
N ASN A 273 -23.27 -36.60 -26.72
CA ASN A 273 -23.69 -36.50 -28.10
C ASN A 273 -25.07 -37.11 -28.35
N GLU A 274 -25.78 -37.51 -27.30
CA GLU A 274 -27.07 -38.16 -27.46
C GLU A 274 -28.15 -37.64 -26.52
N TRP A 275 -27.81 -36.76 -25.58
CA TRP A 275 -28.78 -36.26 -24.61
C TRP A 275 -29.45 -34.97 -25.09
N SER A 276 -30.04 -35.03 -26.29
CA SER A 276 -30.81 -33.96 -26.92
C SER A 276 -30.02 -32.66 -27.08
N GLU A 277 -29.81 -31.96 -25.96
CA GLU A 277 -29.01 -30.74 -25.96
C GLU A 277 -27.54 -31.11 -25.85
N ALA A 278 -26.68 -30.09 -25.59
CA ALA A 278 -25.23 -30.16 -25.56
C ALA A 278 -24.68 -30.79 -26.85
N PRO A 279 -24.67 -30.04 -27.95
CA PRO A 279 -24.43 -30.65 -29.27
C PRO A 279 -23.03 -31.19 -29.44
N LYS A 280 -22.91 -32.19 -30.32
CA LYS A 280 -21.64 -32.84 -30.58
C LYS A 280 -20.79 -31.99 -31.53
N ILE A 281 -19.53 -32.38 -31.66
CA ILE A 281 -18.58 -31.65 -32.48
C ILE A 281 -18.76 -32.07 -33.93
N TYR A 282 -19.08 -31.10 -34.80
CA TYR A 282 -19.14 -31.37 -36.22
C TYR A 282 -17.76 -31.44 -36.85
N TRP A 283 -16.83 -30.60 -36.41
CA TRP A 283 -15.49 -30.58 -36.97
C TRP A 283 -14.51 -30.04 -35.92
N HIS A 284 -13.38 -30.73 -35.78
CA HIS A 284 -12.33 -30.32 -34.85
C HIS A 284 -10.99 -30.58 -35.52
N GLY A 285 -10.22 -29.53 -35.73
CA GLY A 285 -8.97 -29.67 -36.44
C GLY A 285 -7.93 -28.61 -36.14
N LYS A 286 -6.68 -29.05 -36.00
CA LYS A 286 -5.54 -28.14 -35.80
C LYS A 286 -5.03 -27.73 -37.17
N ILE A 287 -5.44 -26.55 -37.64
CA ILE A 287 -4.96 -26.02 -38.91
C ILE A 287 -3.92 -24.94 -38.63
N TRP A 288 -2.81 -25.00 -39.37
CA TRP A 288 -1.58 -24.24 -39.10
C TRP A 288 -1.12 -24.48 -37.67
N GLU A 289 -1.48 -23.57 -36.76
CA GLU A 289 -1.11 -23.72 -35.36
C GLU A 289 -2.28 -23.42 -34.41
N HIS A 290 -3.34 -22.75 -34.87
CA HIS A 290 -4.53 -22.52 -34.08
C HIS A 290 -5.38 -23.79 -34.00
N THR A 291 -6.38 -23.77 -33.12
CA THR A 291 -7.30 -24.87 -32.93
C THR A 291 -8.73 -24.35 -33.05
N PHE A 292 -9.57 -25.04 -33.81
CA PHE A 292 -10.96 -24.66 -34.00
C PHE A 292 -11.89 -25.77 -33.54
N LEU A 293 -13.06 -25.38 -33.03
CA LEU A 293 -14.04 -26.31 -32.46
C LEU A 293 -15.45 -25.89 -32.87
N GLY A 294 -15.97 -26.56 -33.90
CA GLY A 294 -17.30 -26.25 -34.41
C GLY A 294 -18.44 -26.91 -33.66
N ILE A 295 -19.27 -26.10 -33.01
CA ILE A 295 -20.42 -26.56 -32.24
C ILE A 295 -21.65 -25.84 -32.79
N GLU A 296 -22.69 -26.58 -33.13
CA GLU A 296 -23.85 -25.96 -33.76
C GLU A 296 -24.67 -25.18 -32.73
N HIS A 297 -25.41 -24.20 -33.23
CA HIS A 297 -26.23 -23.32 -32.40
C HIS A 297 -27.70 -23.63 -32.64
N MET A 298 -28.44 -23.87 -31.56
CA MET A 298 -29.85 -24.18 -31.65
C MET A 298 -30.68 -22.92 -31.47
N LYS A 299 -31.94 -23.01 -31.89
CA LYS A 299 -32.86 -21.89 -31.75
C LYS A 299 -33.29 -21.74 -30.30
N GLY A 300 -32.98 -20.61 -29.70
CA GLY A 300 -33.33 -20.38 -28.32
C GLY A 300 -32.94 -18.99 -27.88
N VAL A 301 -33.33 -18.67 -26.64
CA VAL A 301 -33.03 -17.38 -26.03
C VAL A 301 -32.32 -17.63 -24.70
N PRO A 302 -31.47 -16.71 -24.23
CA PRO A 302 -30.87 -16.89 -22.90
C PRO A 302 -31.89 -16.72 -21.80
N LEU A 303 -31.53 -17.22 -20.62
CA LEU A 303 -32.46 -17.26 -19.49
C LEU A 303 -32.70 -15.87 -18.91
N ASN A 304 -31.75 -14.94 -19.10
CA ASN A 304 -31.94 -13.57 -18.63
C ASN A 304 -33.06 -12.90 -19.44
N ARG A 305 -33.04 -13.10 -20.76
CA ARG A 305 -34.09 -12.56 -21.61
C ARG A 305 -35.43 -13.24 -21.33
N TRP A 306 -35.40 -14.53 -20.98
CA TRP A 306 -36.63 -15.23 -20.64
C TRP A 306 -37.22 -14.73 -19.32
N VAL A 307 -36.36 -14.38 -18.36
CA VAL A 307 -36.84 -13.80 -17.10
C VAL A 307 -37.42 -12.41 -17.35
N THR A 308 -36.71 -11.59 -18.13
CA THR A 308 -37.18 -10.23 -18.38
C THR A 308 -38.38 -10.18 -19.33
N ASN A 309 -38.65 -11.24 -20.08
CA ASN A 309 -39.83 -11.28 -20.93
C ASN A 309 -40.99 -12.02 -20.28
N ASN A 310 -40.74 -12.92 -19.34
CA ASN A 310 -41.77 -13.71 -18.67
C ASN A 310 -41.58 -13.54 -17.17
N PHE A 311 -42.24 -12.55 -16.60
CA PHE A 311 -42.27 -12.29 -15.16
C PHE A 311 -43.44 -11.35 -14.87
N PRO A 312 -44.19 -11.58 -13.80
CA PRO A 312 -45.34 -10.70 -13.51
C PRO A 312 -44.94 -9.33 -12.99
N LEU A 313 -44.42 -8.48 -13.87
CA LEU A 313 -44.13 -7.10 -13.47
C LEU A 313 -45.41 -6.29 -13.29
N TYR A 314 -46.45 -6.59 -14.06
CA TYR A 314 -47.70 -5.85 -14.02
C TYR A 314 -48.87 -6.81 -14.02
N GLU A 315 -50.06 -6.27 -13.74
CA GLU A 315 -51.26 -7.10 -13.71
C GLU A 315 -51.71 -7.49 -15.11
N VAL A 316 -51.60 -6.56 -16.07
CA VAL A 316 -51.98 -6.85 -17.45
C VAL A 316 -51.00 -7.83 -18.09
N VAL A 317 -49.71 -7.70 -17.75
CA VAL A 317 -48.71 -8.64 -18.24
C VAL A 317 -48.90 -9.99 -17.56
N ASP A 318 -48.81 -11.06 -18.36
CA ASP A 318 -49.01 -12.45 -17.93
C ASP A 318 -50.41 -12.65 -17.32
N LYS A 319 -51.41 -12.49 -18.19
CA LYS A 319 -52.79 -12.73 -17.82
C LYS A 319 -53.03 -14.22 -17.56
N THR A 320 -54.09 -14.50 -16.79
CA THR A 320 -54.43 -15.81 -16.21
C THR A 320 -53.31 -16.39 -15.35
N LYS A 321 -52.54 -15.49 -14.72
CA LYS A 321 -51.48 -15.81 -13.75
C LYS A 321 -50.44 -16.76 -14.31
N ASP A 322 -50.64 -18.06 -14.06
CA ASP A 322 -49.78 -19.18 -14.44
C ASP A 322 -48.35 -18.98 -13.95
N TYR A 323 -47.37 -19.09 -14.85
CA TYR A 323 -45.93 -18.82 -14.68
C TYR A 323 -45.20 -19.74 -13.70
N LEU A 324 -45.93 -20.38 -12.80
CA LEU A 324 -45.28 -21.27 -11.85
C LEU A 324 -45.24 -22.68 -12.41
N LEU A 325 -46.20 -23.01 -13.29
CA LEU A 325 -46.10 -24.22 -14.09
C LEU A 325 -44.86 -24.17 -14.97
N ARG A 326 -44.59 -23.02 -15.59
CA ARG A 326 -43.42 -22.86 -16.44
C ARG A 326 -42.13 -22.90 -15.64
N VAL A 327 -42.10 -22.21 -14.48
CA VAL A 327 -40.91 -22.19 -13.65
C VAL A 327 -40.62 -23.57 -13.09
N SER A 328 -41.65 -24.26 -12.59
CA SER A 328 -41.48 -25.60 -12.06
C SER A 328 -41.09 -26.59 -13.15
N LYS A 329 -41.61 -26.41 -14.37
CA LYS A 329 -41.26 -27.29 -15.47
C LYS A 329 -39.80 -27.12 -15.87
N ILE A 330 -39.32 -25.89 -16.00
CA ILE A 330 -37.93 -25.70 -16.43
C ILE A 330 -36.96 -26.06 -15.31
N VAL A 331 -37.33 -25.84 -14.04
CA VAL A 331 -36.49 -26.25 -12.94
C VAL A 331 -36.45 -27.78 -12.82
N GLU A 332 -37.60 -28.44 -13.04
CA GLU A 332 -37.64 -29.90 -12.99
C GLU A 332 -36.85 -30.52 -14.13
N LYS A 333 -36.90 -29.90 -15.32
CA LYS A 333 -36.07 -30.36 -16.43
C LYS A 333 -34.59 -30.16 -16.13
N LEU A 334 -34.24 -29.04 -15.48
CA LEU A 334 -32.87 -28.80 -15.06
C LEU A 334 -32.39 -29.86 -14.06
N ILE A 335 -33.24 -30.21 -13.10
CA ILE A 335 -32.90 -31.21 -12.08
C ILE A 335 -32.74 -32.59 -12.71
N ASP A 336 -33.66 -32.95 -13.61
CA ASP A 336 -33.61 -34.25 -14.26
C ASP A 336 -32.38 -34.39 -15.14
N LEU A 337 -32.08 -33.36 -15.95
CA LEU A 337 -30.93 -33.46 -16.83
C LEU A 337 -29.62 -33.34 -16.05
N THR A 338 -29.63 -32.59 -14.95
CA THR A 338 -28.45 -32.50 -14.09
C THR A 338 -28.15 -33.84 -13.43
N ASN A 339 -29.19 -34.55 -12.98
CA ASN A 339 -28.99 -35.90 -12.48
C ASN A 339 -28.59 -36.86 -13.59
N LYS A 340 -29.00 -36.57 -14.83
CA LYS A 340 -28.61 -37.42 -15.95
C LYS A 340 -27.11 -37.30 -16.27
N PHE A 341 -26.59 -36.07 -16.31
CA PHE A 341 -25.17 -35.97 -16.66
C PHE A 341 -24.25 -36.13 -15.46
N HIS A 342 -24.79 -36.34 -14.26
CA HIS A 342 -23.96 -36.62 -13.10
C HIS A 342 -23.67 -38.11 -12.94
N SER A 343 -23.98 -38.92 -13.95
CA SER A 343 -23.74 -40.36 -13.91
C SER A 343 -22.43 -40.76 -14.56
N GLU A 344 -22.09 -40.16 -15.70
CA GLU A 344 -20.85 -40.47 -16.41
C GLU A 344 -19.68 -39.59 -15.98
N ASN A 345 -19.79 -38.95 -14.82
CA ASN A 345 -18.73 -38.17 -14.17
C ASN A 345 -18.29 -36.99 -15.05
N VAL A 346 -19.25 -36.12 -15.33
CA VAL A 346 -19.00 -34.88 -16.06
C VAL A 346 -19.87 -33.79 -15.42
N TYR A 347 -19.33 -32.58 -15.32
CA TYR A 347 -19.99 -31.50 -14.61
C TYR A 347 -19.87 -30.24 -15.46
N HIS A 348 -20.19 -29.08 -14.88
CA HIS A 348 -20.22 -27.83 -15.62
C HIS A 348 -19.28 -26.77 -15.07
N GLN A 349 -19.33 -26.51 -13.75
CA GLN A 349 -18.55 -25.49 -13.04
C GLN A 349 -18.74 -24.06 -13.55
N ASP A 350 -19.79 -23.80 -14.35
CA ASP A 350 -20.12 -22.43 -14.73
C ASP A 350 -21.61 -22.44 -15.07
N LEU A 351 -22.45 -21.99 -14.15
CA LEU A 351 -23.87 -21.84 -14.39
C LEU A 351 -24.20 -20.35 -14.38
N HIS A 352 -24.92 -19.91 -15.41
CA HIS A 352 -25.15 -18.50 -15.64
C HIS A 352 -26.43 -18.34 -16.44
N LEU A 353 -26.96 -17.11 -16.47
CA LEU A 353 -28.15 -16.82 -17.24
C LEU A 353 -27.91 -17.00 -18.74
N GLY A 354 -26.74 -16.63 -19.22
CA GLY A 354 -26.39 -16.82 -20.61
C GLY A 354 -25.95 -18.23 -20.97
N ASN A 355 -25.87 -19.12 -20.00
CA ASN A 355 -25.50 -20.51 -20.26
C ASN A 355 -26.69 -21.43 -20.43
N ILE A 356 -27.85 -21.04 -19.93
CA ILE A 356 -29.07 -21.85 -20.04
C ILE A 356 -29.94 -21.24 -21.13
N LEU A 357 -30.20 -22.01 -22.18
CA LEU A 357 -31.01 -21.56 -23.31
C LEU A 357 -32.36 -22.25 -23.26
N VAL A 358 -33.43 -21.47 -23.35
CA VAL A 358 -34.78 -22.01 -23.45
C VAL A 358 -35.37 -21.57 -24.78
N LYS A 359 -36.44 -22.24 -25.18
CA LYS A 359 -36.99 -22.10 -26.53
C LYS A 359 -38.50 -22.24 -26.44
N ASP A 360 -39.14 -22.50 -27.58
CA ASP A 360 -40.58 -22.74 -27.61
C ASP A 360 -40.92 -24.01 -26.86
N GLU A 361 -42.10 -23.99 -26.21
CA GLU A 361 -42.65 -25.05 -25.37
C GLU A 361 -41.76 -25.39 -24.17
N ASP A 362 -40.90 -24.45 -23.76
CA ASP A 362 -40.10 -24.50 -22.53
C ASP A 362 -39.19 -25.71 -22.48
N GLU A 363 -38.30 -25.80 -23.48
CA GLU A 363 -37.28 -26.83 -23.54
C GLU A 363 -35.94 -26.20 -23.24
N ILE A 364 -35.25 -26.69 -22.21
CA ILE A 364 -33.99 -26.11 -21.79
C ILE A 364 -32.86 -26.59 -22.71
N SER A 365 -31.75 -25.87 -22.67
CA SER A 365 -30.56 -26.24 -23.41
C SER A 365 -29.35 -25.65 -22.71
N ILE A 366 -28.30 -26.45 -22.54
CA ILE A 366 -27.12 -26.06 -21.79
C ILE A 366 -25.94 -25.97 -22.75
N ILE A 367 -25.22 -24.85 -22.70
CA ILE A 367 -24.06 -24.59 -23.55
C ILE A 367 -22.88 -24.23 -22.66
N ASP A 368 -21.76 -23.90 -23.31
CA ASP A 368 -20.54 -23.36 -22.69
C ASP A 368 -19.95 -24.32 -21.66
N TRP A 369 -19.52 -25.48 -22.15
CA TRP A 369 -18.99 -26.54 -21.30
C TRP A 369 -17.47 -26.54 -21.23
N GLU A 370 -16.84 -25.36 -21.34
CA GLU A 370 -15.38 -25.31 -21.40
C GLU A 370 -14.71 -25.53 -20.05
N GLN A 371 -15.43 -25.38 -18.94
CA GLN A 371 -14.85 -25.58 -17.62
C GLN A 371 -15.22 -26.93 -17.01
N ALA A 372 -15.60 -27.90 -17.82
CA ALA A 372 -15.96 -29.22 -17.31
C ALA A 372 -14.71 -30.00 -16.87
N VAL A 373 -14.84 -30.71 -15.76
CA VAL A 373 -13.79 -31.61 -15.28
C VAL A 373 -14.39 -33.01 -15.20
N PHE A 374 -13.60 -34.01 -15.57
CA PHE A 374 -14.07 -35.39 -15.72
C PHE A 374 -13.79 -36.24 -14.49
N SER A 375 -13.36 -35.63 -13.38
CA SER A 375 -13.08 -36.40 -12.18
C SER A 375 -13.62 -35.64 -10.97
N ASN A 376 -14.22 -36.38 -10.03
CA ASN A 376 -14.77 -35.82 -8.80
C ASN A 376 -14.28 -36.64 -7.61
N ASP A 377 -13.07 -36.33 -7.13
CA ASP A 377 -12.62 -36.81 -5.84
C ASP A 377 -11.75 -35.83 -5.06
N GLU A 378 -11.54 -34.61 -5.55
CA GLU A 378 -10.76 -33.61 -4.83
C GLU A 378 -11.63 -32.39 -4.55
N LYS A 379 -11.16 -31.54 -3.65
CA LYS A 379 -11.86 -30.31 -3.27
C LYS A 379 -11.12 -29.13 -3.90
N VAL A 380 -11.75 -28.48 -4.88
CA VAL A 380 -11.17 -27.35 -5.58
C VAL A 380 -12.04 -26.12 -5.41
N VAL A 381 -11.40 -24.96 -5.35
CA VAL A 381 -12.09 -23.68 -5.28
C VAL A 381 -12.54 -23.31 -6.68
N HIS A 382 -13.73 -22.70 -6.77
CA HIS A 382 -14.30 -22.29 -8.06
C HIS A 382 -13.45 -21.21 -8.69
N LYS A 383 -12.78 -21.54 -9.81
CA LYS A 383 -11.76 -20.66 -10.37
C LYS A 383 -12.37 -19.47 -11.08
N VAL A 384 -13.14 -19.71 -12.14
CA VAL A 384 -13.82 -18.66 -12.89
C VAL A 384 -15.31 -18.81 -12.67
N ALA A 385 -15.99 -17.70 -12.40
CA ALA A 385 -17.40 -17.74 -12.07
C ALA A 385 -18.09 -16.48 -12.58
N ALA A 386 -19.39 -16.61 -12.83
CA ALA A 386 -20.22 -15.49 -13.19
C ALA A 386 -20.44 -14.58 -11.99
N PRO A 387 -20.80 -13.30 -12.21
CA PRO A 387 -21.07 -12.41 -11.07
C PRO A 387 -22.33 -12.77 -10.31
N GLY A 388 -22.23 -13.75 -9.42
CA GLY A 388 -23.36 -14.19 -8.61
C GLY A 388 -23.45 -15.69 -8.49
N PHE A 389 -22.47 -16.40 -9.05
CA PHE A 389 -22.47 -17.85 -9.06
C PHE A 389 -21.09 -18.37 -8.69
N ARG A 390 -20.52 -17.84 -7.61
CA ARG A 390 -19.20 -18.22 -7.13
C ARG A 390 -19.33 -18.96 -5.81
N ALA A 391 -18.56 -20.03 -5.65
CA ALA A 391 -18.63 -20.86 -4.46
C ALA A 391 -17.79 -20.26 -3.34
N TRP A 392 -17.69 -21.02 -2.25
CA TRP A 392 -16.90 -20.65 -1.08
C TRP A 392 -16.21 -21.90 -0.59
N ARG A 393 -14.91 -21.79 -0.27
CA ARG A 393 -14.15 -22.76 0.52
C ARG A 393 -14.12 -24.16 -0.11
N GLU A 394 -13.50 -24.23 -1.30
CA GLU A 394 -13.22 -25.43 -2.10
C GLU A 394 -14.28 -26.54 -2.08
N THR A 395 -15.46 -26.24 -2.60
CA THR A 395 -16.52 -27.25 -2.69
C THR A 395 -16.16 -28.31 -3.73
N LEU A 396 -16.95 -29.37 -3.76
CA LEU A 396 -16.63 -30.45 -4.69
C LEU A 396 -17.15 -30.13 -6.09
N PRO A 397 -16.53 -30.74 -7.11
CA PRO A 397 -17.09 -30.66 -8.47
C PRO A 397 -18.47 -31.31 -8.60
N SER A 398 -18.85 -32.20 -7.67
CA SER A 398 -20.19 -32.77 -7.71
C SER A 398 -21.27 -31.74 -7.40
N GLU A 399 -21.09 -30.91 -6.38
CA GLU A 399 -22.12 -29.96 -5.99
C GLU A 399 -21.81 -28.50 -6.29
N ILE A 400 -20.74 -28.20 -7.02
CA ILE A 400 -20.65 -26.87 -7.64
C ILE A 400 -21.78 -26.65 -8.64
N ASP A 401 -22.14 -27.70 -9.38
CA ASP A 401 -23.28 -27.60 -10.29
C ASP A 401 -24.58 -27.47 -9.51
N TRP A 402 -24.66 -28.14 -8.35
CA TRP A 402 -25.87 -28.06 -7.55
C TRP A 402 -26.03 -26.67 -6.93
N TYR A 403 -24.91 -26.06 -6.53
CA TYR A 403 -24.93 -24.68 -6.06
C TYR A 403 -25.36 -23.72 -7.16
N GLY A 404 -24.84 -23.92 -8.37
CA GLY A 404 -25.27 -23.09 -9.50
C GLY A 404 -26.73 -23.26 -9.84
N ILE A 405 -27.23 -24.50 -9.77
CA ILE A 405 -28.65 -24.77 -10.04
C ILE A 405 -29.52 -24.15 -8.94
N ARG A 406 -29.04 -24.18 -7.69
CA ARG A 406 -29.74 -23.53 -6.59
C ARG A 406 -29.84 -22.02 -6.81
N GLN A 407 -28.74 -21.41 -7.24
CA GLN A 407 -28.73 -19.96 -7.43
C GLN A 407 -29.60 -19.55 -8.62
N ILE A 408 -29.57 -20.35 -9.70
CA ILE A 408 -30.38 -20.00 -10.87
C ILE A 408 -31.86 -20.27 -10.59
N ALA A 409 -32.16 -21.25 -9.72
CA ALA A 409 -33.56 -21.49 -9.37
C ALA A 409 -34.08 -20.40 -8.44
N HIS A 410 -33.22 -19.85 -7.58
CA HIS A 410 -33.65 -18.70 -6.80
C HIS A 410 -33.77 -17.45 -7.66
N TYR A 411 -32.99 -17.35 -8.73
CA TYR A 411 -33.22 -16.27 -9.71
C TYR A 411 -34.56 -16.42 -10.41
N LEU A 412 -34.91 -17.66 -10.78
CA LEU A 412 -36.21 -17.90 -11.40
C LEU A 412 -37.36 -17.67 -10.43
N TYR A 413 -37.13 -17.93 -9.14
CA TYR A 413 -38.11 -17.61 -8.13
C TYR A 413 -38.29 -16.10 -7.99
N MET A 414 -37.17 -15.37 -7.81
CA MET A 414 -37.21 -13.91 -7.78
C MET A 414 -35.82 -13.37 -8.11
N PRO A 415 -35.69 -12.55 -9.15
CA PRO A 415 -34.37 -12.32 -9.75
C PRO A 415 -33.48 -11.27 -9.07
N LEU A 416 -32.82 -11.63 -7.96
CA LEU A 416 -31.85 -10.76 -7.32
C LEU A 416 -30.61 -11.52 -6.87
N VAL A 417 -29.99 -12.31 -7.74
CA VAL A 417 -28.94 -13.24 -7.31
C VAL A 417 -27.60 -12.51 -7.26
N THR A 418 -27.57 -11.26 -7.74
CA THR A 418 -26.32 -10.62 -8.14
C THR A 418 -25.40 -10.27 -6.97
N THR A 419 -25.88 -10.33 -5.73
CA THR A 419 -25.05 -10.02 -4.57
C THR A 419 -24.67 -11.25 -3.77
N SER A 420 -24.82 -12.45 -4.35
CA SER A 420 -24.49 -13.67 -3.63
C SER A 420 -23.00 -13.87 -3.47
N ASP A 421 -22.17 -13.21 -4.28
CA ASP A 421 -20.73 -13.23 -4.06
C ASP A 421 -20.33 -12.36 -2.88
N LEU A 422 -21.18 -11.43 -2.47
CA LEU A 422 -20.88 -10.52 -1.38
C LEU A 422 -21.34 -11.10 -0.04
N THR A 423 -22.62 -11.48 0.04
CA THR A 423 -23.19 -12.03 1.26
C THR A 423 -23.46 -13.52 1.06
N TYR A 424 -22.92 -14.35 1.95
CA TYR A 424 -23.15 -15.78 1.87
C TYR A 424 -24.58 -16.12 2.26
N ASN A 425 -25.17 -17.09 1.54
CA ASN A 425 -26.54 -17.56 1.72
C ASN A 425 -27.55 -16.40 1.58
N TYR A 426 -27.43 -15.68 0.47
CA TYR A 426 -28.33 -14.54 0.24
C TYR A 426 -29.73 -15.00 -0.17
N VAL A 427 -29.87 -16.25 -0.60
CA VAL A 427 -31.14 -16.74 -1.14
C VAL A 427 -32.24 -16.83 -0.09
N SER A 428 -31.88 -16.79 1.20
CA SER A 428 -32.88 -16.72 2.26
C SER A 428 -33.63 -15.39 2.23
N GLN A 429 -33.03 -14.34 1.66
CA GLN A 429 -33.78 -13.11 1.42
C GLN A 429 -34.83 -13.31 0.34
N THR A 430 -34.43 -13.90 -0.79
CA THR A 430 -35.29 -13.97 -1.96
C THR A 430 -36.42 -14.96 -1.77
N ARG A 431 -36.18 -16.03 -1.00
CA ARG A 431 -37.25 -17.00 -0.71
C ARG A 431 -38.39 -16.36 0.08
N ILE A 432 -38.05 -15.72 1.20
CA ILE A 432 -39.06 -15.13 2.07
C ILE A 432 -39.70 -13.92 1.40
N GLU A 433 -38.94 -13.19 0.58
CA GLU A 433 -39.54 -12.05 -0.11
C GLU A 433 -40.45 -12.49 -1.24
N GLY A 434 -40.06 -13.53 -1.99
CA GLY A 434 -40.89 -14.00 -3.08
C GLY A 434 -42.14 -14.72 -2.61
N LYS A 435 -42.10 -15.31 -1.42
CA LYS A 435 -43.30 -15.92 -0.85
C LYS A 435 -44.40 -14.89 -0.60
N LYS A 436 -44.05 -13.79 0.06
CA LYS A 436 -45.04 -12.74 0.29
C LYS A 436 -45.29 -11.88 -0.95
N LEU A 437 -44.38 -11.91 -1.94
CA LEU A 437 -44.65 -11.25 -3.21
C LEU A 437 -45.72 -12.01 -3.99
N PHE A 438 -45.56 -13.33 -4.11
CA PHE A 438 -46.53 -14.14 -4.83
C PHE A 438 -47.81 -14.35 -4.03
N GLU A 439 -47.77 -14.17 -2.71
CA GLU A 439 -48.99 -14.17 -1.94
C GLU A 439 -49.81 -12.90 -2.15
N SER A 440 -49.21 -11.84 -2.68
CA SER A 440 -49.91 -10.59 -2.94
C SER A 440 -50.47 -10.48 -4.34
N LEU A 441 -49.83 -11.11 -5.33
CA LEU A 441 -50.34 -11.05 -6.70
C LEU A 441 -51.58 -11.91 -6.86
N GLY A 442 -51.64 -13.05 -6.17
CA GLY A 442 -52.82 -13.88 -6.22
C GLY A 442 -52.57 -15.26 -6.79
N TYR A 443 -51.31 -15.68 -6.81
CA TYR A 443 -50.98 -17.01 -7.31
C TYR A 443 -51.41 -18.08 -6.30
N THR A 444 -51.72 -19.26 -6.81
CA THR A 444 -52.41 -20.26 -6.00
C THR A 444 -51.47 -20.95 -5.02
N ARG A 445 -52.07 -21.37 -3.90
CA ARG A 445 -51.33 -21.87 -2.75
C ARG A 445 -50.62 -23.18 -3.07
N GLU A 446 -51.21 -24.03 -3.91
CA GLU A 446 -50.58 -25.29 -4.23
C GLU A 446 -49.37 -25.10 -5.15
N HIS A 447 -49.42 -24.09 -6.04
CA HIS A 447 -48.26 -23.80 -6.88
C HIS A 447 -47.13 -23.18 -6.07
N ILE A 448 -47.49 -22.31 -5.12
CA ILE A 448 -46.47 -21.71 -4.26
C ILE A 448 -45.85 -22.75 -3.34
N ASP A 449 -46.67 -23.68 -2.83
CA ASP A 449 -46.14 -24.77 -2.00
C ASP A 449 -45.25 -25.69 -2.82
N TYR A 450 -45.62 -25.95 -4.08
CA TYR A 450 -44.80 -26.79 -4.95
C TYR A 450 -43.44 -26.16 -5.23
N VAL A 451 -43.43 -24.85 -5.56
CA VAL A 451 -42.16 -24.21 -5.89
C VAL A 451 -41.30 -24.04 -4.63
N GLU A 452 -41.92 -23.81 -3.47
CA GLU A 452 -41.15 -23.71 -2.24
C GLU A 452 -40.61 -25.07 -1.82
N SER A 453 -41.36 -26.15 -2.08
CA SER A 453 -40.89 -27.50 -1.75
C SER A 453 -39.71 -27.90 -2.63
N LEU A 454 -39.79 -27.62 -3.93
CA LEU A 454 -38.65 -27.95 -4.79
C LEU A 454 -37.46 -27.04 -4.52
N LEU A 455 -37.72 -25.81 -4.06
CA LEU A 455 -36.62 -24.92 -3.73
C LEU A 455 -35.91 -25.37 -2.45
N SER A 456 -36.68 -25.84 -1.46
CA SER A 456 -36.08 -26.43 -0.28
C SER A 456 -35.37 -27.75 -0.59
N TYR A 457 -35.83 -28.46 -1.62
CA TYR A 457 -35.14 -29.67 -2.07
C TYR A 457 -33.74 -29.36 -2.60
N LEU A 458 -33.58 -28.23 -3.30
CA LEU A 458 -32.25 -27.81 -3.70
C LEU A 458 -31.47 -27.21 -2.55
N ASP A 459 -32.18 -26.60 -1.58
CA ASP A 459 -31.51 -26.12 -0.37
C ASP A 459 -30.95 -27.27 0.47
N SER A 460 -31.50 -28.46 0.32
CA SER A 460 -30.97 -29.64 0.99
C SER A 460 -29.72 -30.20 0.31
N LYS A 461 -29.32 -29.66 -0.85
CA LYS A 461 -28.15 -30.15 -1.56
C LYS A 461 -26.94 -29.24 -1.48
N CYS A 462 -27.11 -27.99 -1.08
CA CYS A 462 -25.96 -27.10 -0.91
C CYS A 462 -25.19 -27.50 0.35
N PRO A 463 -23.86 -27.61 0.28
CA PRO A 463 -23.08 -27.97 1.47
C PRO A 463 -23.02 -26.83 2.49
N GLN A 464 -23.63 -27.05 3.66
CA GLN A 464 -23.61 -26.05 4.72
C GLN A 464 -22.23 -26.07 5.37
N ILE A 465 -21.43 -25.06 5.06
CA ILE A 465 -20.02 -25.03 5.42
C ILE A 465 -19.77 -23.87 6.37
N GLU A 466 -18.56 -23.84 6.93
CA GLU A 466 -18.12 -22.68 7.70
C GLU A 466 -17.68 -21.57 6.74
N ASN A 467 -18.15 -20.36 7.01
CA ASN A 467 -17.93 -19.23 6.12
C ASN A 467 -16.64 -18.53 6.51
N ILE A 468 -15.58 -18.77 5.74
CA ILE A 468 -14.27 -18.17 5.96
C ILE A 468 -13.88 -17.53 4.63
N SER A 469 -14.23 -16.24 4.46
CA SER A 469 -13.76 -15.51 3.30
C SER A 469 -13.51 -14.04 3.58
N ARG A 470 -13.29 -13.65 4.84
CA ARG A 470 -13.27 -12.29 5.36
C ARG A 470 -14.58 -11.54 5.15
N LYS A 471 -15.67 -12.25 4.86
CA LYS A 471 -17.00 -11.69 4.71
C LYS A 471 -17.97 -12.26 5.73
N LYS A 472 -17.45 -12.74 6.86
CA LYS A 472 -18.24 -13.39 7.89
C LYS A 472 -19.22 -12.45 8.57
N VAL A 473 -18.92 -11.15 8.58
CA VAL A 473 -19.83 -10.17 9.19
C VAL A 473 -21.08 -9.95 8.35
N LEU A 474 -21.02 -10.21 7.04
CA LEU A 474 -22.15 -10.02 6.14
C LEU A 474 -23.02 -11.26 6.20
N LYS A 475 -24.20 -11.14 6.80
CA LYS A 475 -25.13 -12.23 7.02
C LYS A 475 -26.48 -11.86 6.43
N PRO A 476 -27.29 -12.86 6.04
CA PRO A 476 -28.66 -12.55 5.58
C PRO A 476 -29.61 -12.28 6.74
N MET A 477 -30.89 -12.10 6.43
CA MET A 477 -31.92 -11.80 7.42
C MET A 477 -32.97 -12.89 7.43
N HIS A 478 -33.34 -13.34 8.62
CA HIS A 478 -34.50 -14.22 8.78
C HIS A 478 -35.55 -13.60 9.70
N GLU A 479 -35.55 -12.27 9.80
CA GLU A 479 -36.51 -11.55 10.63
C GLU A 479 -37.41 -10.68 9.76
N ILE A 480 -37.91 -11.22 8.66
CA ILE A 480 -38.77 -10.47 7.76
C ILE A 480 -40.12 -10.31 8.44
N ARG A 481 -40.36 -9.14 9.02
CA ARG A 481 -41.55 -8.86 9.81
C ARG A 481 -42.36 -7.78 9.13
N THR A 482 -43.68 -7.83 9.34
CA THR A 482 -44.55 -6.80 8.80
C THR A 482 -44.42 -5.52 9.63
N ILE A 483 -44.98 -4.44 9.10
CA ILE A 483 -44.94 -3.12 9.74
C ILE A 483 -46.31 -2.86 10.34
N GLU A 484 -46.35 -2.64 11.65
CA GLU A 484 -47.59 -2.42 12.38
C GLU A 484 -47.74 -0.99 12.88
N SER A 485 -46.68 -0.39 13.41
CA SER A 485 -46.76 0.93 14.01
C SER A 485 -45.50 1.72 13.69
N GLU A 486 -45.40 2.90 14.28
CA GLU A 486 -44.24 3.78 14.06
C GLU A 486 -42.99 3.29 14.79
N GLN A 487 -43.15 2.43 15.80
CA GLN A 487 -42.00 1.79 16.43
C GLN A 487 -41.28 0.86 15.45
N ASP A 488 -42.05 0.18 14.60
CA ASP A 488 -41.50 -0.67 13.55
C ASP A 488 -40.80 0.12 12.45
N ILE A 489 -40.98 1.43 12.41
CA ILE A 489 -40.19 2.29 11.53
C ILE A 489 -38.97 2.84 12.25
N GLN A 490 -39.14 3.27 13.51
CA GLN A 490 -38.06 3.93 14.22
C GLN A 490 -36.95 2.94 14.60
N ASP A 491 -37.30 1.67 14.85
CA ASP A 491 -36.27 0.68 15.11
C ASP A 491 -35.45 0.37 13.86
N PHE A 492 -36.12 0.37 12.70
CA PHE A 492 -35.45 0.24 11.41
C PHE A 492 -34.48 1.40 11.18
N ILE A 493 -34.92 2.62 11.48
CA ILE A 493 -34.07 3.80 11.28
C ILE A 493 -32.86 3.76 12.22
N ILE A 494 -33.07 3.41 13.49
CA ILE A 494 -31.94 3.46 14.43
C ILE A 494 -30.95 2.33 14.15
N LYS A 495 -31.42 1.16 13.71
CA LYS A 495 -30.49 0.09 13.32
C LYS A 495 -29.73 0.47 12.05
N LEU A 496 -30.44 1.04 11.08
CA LEU A 496 -29.85 1.40 9.80
C LEU A 496 -28.82 2.52 9.94
N LEU A 497 -29.03 3.41 10.91
CA LEU A 497 -28.02 4.43 11.19
C LEU A 497 -26.93 3.91 12.12
N ARG A 498 -27.24 2.89 12.92
CA ARG A 498 -26.28 2.39 13.90
C ARG A 498 -25.22 1.52 13.21
N GLY A 499 -25.54 1.01 12.02
CA GLY A 499 -24.55 0.20 11.29
C GLY A 499 -23.38 0.99 10.72
N PHE A 500 -23.41 2.32 10.87
CA PHE A 500 -22.47 3.16 10.13
C PHE A 500 -21.13 3.33 10.84
N THR A 501 -21.09 3.15 12.16
CA THR A 501 -19.80 3.05 12.84
C THR A 501 -18.99 1.92 12.24
N LEU A 502 -19.64 0.79 11.99
CA LEU A 502 -18.99 -0.37 11.41
C LEU A 502 -18.63 -0.14 9.95
N THR A 503 -19.62 0.25 9.13
CA THR A 503 -19.35 0.34 7.69
C THR A 503 -18.58 1.60 7.30
N TYR A 504 -18.32 2.50 8.25
CA TYR A 504 -17.46 3.65 8.01
C TYR A 504 -16.07 3.40 8.56
N GLY A 505 -15.97 2.84 9.77
CA GLY A 505 -14.67 2.57 10.35
C GLY A 505 -13.91 1.48 9.62
N GLN A 506 -14.63 0.52 9.03
CA GLN A 506 -13.93 -0.52 8.28
C GLN A 506 -13.39 0.04 6.96
N TRP A 507 -14.04 1.06 6.41
CA TRP A 507 -13.46 1.76 5.26
C TRP A 507 -12.28 2.63 5.69
N ARG A 508 -12.32 3.15 6.93
CA ARG A 508 -11.18 3.93 7.42
C ARG A 508 -9.96 3.06 7.68
N LYS A 509 -10.15 1.83 8.16
CA LYS A 509 -9.02 1.03 8.63
C LYS A 509 -8.17 0.48 7.48
N GLU A 510 -8.61 0.61 6.23
CA GLU A 510 -7.85 0.11 5.10
C GLU A 510 -7.65 1.13 3.99
N PHE A 511 -8.43 2.20 3.94
CA PHE A 511 -8.31 3.21 2.90
C PHE A 511 -8.27 4.61 3.50
N GLN A 512 -7.42 5.46 2.94
CA GLN A 512 -7.24 6.84 3.39
C GLN A 512 -7.55 7.88 2.33
N SER A 513 -7.94 7.48 1.12
CA SER A 513 -8.12 8.44 0.03
C SER A 513 -9.39 9.25 0.22
N ARG A 514 -10.53 8.60 0.23
CA ARG A 514 -11.81 9.24 0.48
C ARG A 514 -12.19 9.02 1.94
N PHE A 515 -13.37 9.49 2.33
CA PHE A 515 -13.91 9.16 3.64
C PHE A 515 -15.08 8.20 3.59
N PHE A 516 -15.83 8.19 2.49
CA PHE A 516 -16.90 7.23 2.27
C PHE A 516 -16.63 6.42 1.01
N PRO A 517 -16.95 5.13 1.02
CA PRO A 517 -16.84 4.34 -0.20
C PRO A 517 -17.93 4.74 -1.19
N VAL A 518 -17.71 4.40 -2.46
CA VAL A 518 -18.62 4.80 -3.53
C VAL A 518 -18.66 3.69 -4.58
N ALA A 519 -19.46 3.92 -5.62
CA ALA A 519 -19.57 2.99 -6.72
C ALA A 519 -18.36 3.15 -7.66
N TYR A 520 -18.30 2.25 -8.65
CA TYR A 520 -17.16 2.23 -9.57
C TYR A 520 -17.19 3.43 -10.51
N TYR A 521 -18.37 3.89 -10.87
CA TYR A 521 -18.48 5.09 -11.70
C TYR A 521 -18.12 6.34 -10.88
N GLY A 522 -18.55 6.40 -9.63
CA GLY A 522 -18.37 7.59 -8.83
C GLY A 522 -17.24 7.53 -7.83
N LEU A 523 -16.29 6.61 -8.03
CA LEU A 523 -15.14 6.53 -7.14
C LEU A 523 -14.24 7.75 -7.29
N ASN A 524 -14.03 8.21 -8.52
CA ASN A 524 -13.17 9.37 -8.75
C ASN A 524 -13.88 10.66 -8.39
N PHE A 525 -15.21 10.71 -8.52
CA PHE A 525 -15.96 11.88 -8.13
C PHE A 525 -16.00 12.00 -6.62
N ASN A 526 -15.74 13.21 -6.11
CA ASN A 526 -15.69 13.42 -4.67
C ASN A 526 -16.38 14.72 -4.25
N GLN A 527 -17.20 15.30 -5.13
CA GLN A 527 -17.87 16.55 -4.80
C GLN A 527 -19.20 16.61 -5.54
N GLY A 528 -20.11 17.42 -5.01
CA GLY A 528 -21.40 17.62 -5.61
C GLY A 528 -22.49 16.81 -4.93
N ILE A 529 -23.52 16.50 -5.72
CA ILE A 529 -24.68 15.78 -5.25
C ILE A 529 -24.78 14.39 -5.89
N ALA A 530 -23.95 14.09 -6.88
CA ALA A 530 -23.96 12.76 -7.48
C ALA A 530 -23.23 11.75 -6.60
N PHE A 531 -21.93 11.95 -6.42
CA PHE A 531 -21.09 11.05 -5.62
C PHE A 531 -20.16 11.93 -4.78
N SER A 532 -20.46 12.04 -3.49
CA SER A 532 -19.64 12.85 -2.60
C SER A 532 -19.64 12.23 -1.21
N ASP A 533 -18.60 12.56 -0.44
CA ASP A 533 -18.50 12.14 0.94
C ASP A 533 -19.16 13.13 1.89
N LEU A 534 -19.80 14.17 1.37
CA LEU A 534 -20.46 15.20 2.17
C LEU A 534 -21.97 15.06 2.20
N ALA A 535 -22.58 14.71 1.06
CA ALA A 535 -24.03 14.60 0.99
C ALA A 535 -24.54 13.38 1.75
N ILE A 536 -23.70 12.36 1.91
CA ILE A 536 -24.08 11.16 2.67
C ILE A 536 -24.24 11.51 4.14
N LEU A 537 -23.24 12.20 4.70
CA LEU A 537 -23.33 12.66 6.08
C LEU A 537 -24.42 13.73 6.24
N TRP A 538 -24.67 14.51 5.17
CA TRP A 538 -25.78 15.46 5.20
C TRP A 538 -27.11 14.74 5.33
N SER A 539 -27.32 13.67 4.56
CA SER A 539 -28.55 12.89 4.66
C SER A 539 -28.64 12.19 6.02
N TYR A 540 -27.49 11.78 6.56
CA TYR A 540 -27.44 11.22 7.90
C TYR A 540 -27.90 12.22 8.95
N GLN A 541 -27.63 13.52 8.71
CA GLN A 541 -28.03 14.56 9.66
C GLN A 541 -29.56 14.64 9.80
N GLN A 542 -30.29 14.76 8.69
CA GLN A 542 -31.75 14.78 8.84
C GLN A 542 -32.33 13.41 9.20
N LEU A 543 -31.67 12.32 8.82
CA LEU A 543 -32.19 11.01 9.24
C LEU A 543 -31.98 10.78 10.73
N ALA A 544 -30.95 11.38 11.33
CA ALA A 544 -30.80 11.35 12.77
C ALA A 544 -31.76 12.32 13.45
N LYS A 545 -32.02 13.47 12.82
CA LYS A 545 -32.95 14.44 13.40
C LYS A 545 -34.40 13.97 13.32
N LYS A 546 -34.71 13.05 12.41
CA LYS A 546 -36.07 12.56 12.27
C LYS A 546 -36.42 11.45 13.26
N VAL A 547 -35.48 11.03 14.10
CA VAL A 547 -35.72 9.96 15.07
C VAL A 547 -35.23 10.44 16.44
N LYS A 548 -35.84 9.89 17.49
CA LYS A 548 -35.56 10.34 18.85
C LYS A 548 -34.17 9.92 19.32
N ASN A 549 -33.77 8.68 19.02
CA ASN A 549 -32.47 8.18 19.45
C ASN A 549 -31.35 8.91 18.72
N PHE A 550 -30.29 9.23 19.46
CA PHE A 550 -29.33 10.23 19.01
C PHE A 550 -28.23 9.65 18.12
N LYS A 551 -27.79 8.42 18.38
CA LYS A 551 -26.73 7.72 17.65
C LYS A 551 -25.42 8.52 17.71
N PHE A 552 -24.86 8.56 18.93
CA PHE A 552 -23.73 9.43 19.27
C PHE A 552 -22.51 9.19 18.38
N ASP A 553 -21.91 7.98 18.50
CA ASP A 553 -20.61 7.53 17.99
C ASP A 553 -19.60 8.58 17.51
N ASP A 554 -19.84 9.25 16.37
CA ASP A 554 -18.85 10.13 15.76
C ASP A 554 -19.58 11.18 14.92
N TYR A 555 -19.72 12.40 15.46
CA TYR A 555 -20.33 13.48 14.69
C TYR A 555 -19.55 14.79 14.73
N TYR A 556 -18.96 15.17 15.88
CA TYR A 556 -18.16 16.39 15.99
C TYR A 556 -16.95 16.40 15.06
N GLU A 557 -16.00 15.49 15.28
CA GLU A 557 -14.73 15.58 14.58
C GLU A 557 -14.85 15.28 13.09
N ILE A 558 -15.74 14.38 12.69
CA ILE A 558 -16.00 14.14 11.27
C ILE A 558 -16.74 15.32 10.64
N ARG A 559 -17.65 15.98 11.38
CA ARG A 559 -18.36 17.13 10.82
C ARG A 559 -17.44 18.33 10.67
N THR A 560 -16.42 18.43 11.53
CA THR A 560 -15.40 19.45 11.33
C THR A 560 -14.41 19.05 10.23
N GLN A 561 -14.13 17.75 10.09
CA GLN A 561 -13.12 17.30 9.15
C GLN A 561 -13.62 17.37 7.71
N VAL A 562 -14.92 17.21 7.49
CA VAL A 562 -15.46 17.28 6.13
C VAL A 562 -15.35 18.70 5.58
N ILE A 563 -15.47 19.73 6.43
CA ILE A 563 -15.26 21.11 6.00
C ILE A 563 -13.81 21.32 5.61
N ASN A 564 -12.88 20.75 6.37
CA ASN A 564 -11.46 20.91 6.08
C ASN A 564 -11.07 20.17 4.80
N GLU A 565 -11.71 19.05 4.47
CA GLU A 565 -11.34 18.42 3.21
C GLU A 565 -12.14 18.99 2.05
N ALA A 566 -13.20 19.74 2.32
CA ALA A 566 -14.02 20.29 1.26
C ALA A 566 -13.69 21.73 0.91
N VAL A 567 -12.92 22.42 1.76
CA VAL A 567 -12.60 23.83 1.51
C VAL A 567 -11.71 23.99 0.29
N ASN A 568 -10.80 23.04 0.04
CA ASN A 568 -9.93 23.14 -1.13
C ASN A 568 -10.54 22.54 -2.38
N ASN A 569 -11.72 21.92 -2.29
CA ASN A 569 -12.39 21.38 -3.47
C ASN A 569 -13.35 22.37 -4.11
N PHE A 570 -13.46 23.59 -3.61
CA PHE A 570 -14.23 24.60 -4.33
C PHE A 570 -13.47 25.12 -5.54
N LYS A 571 -12.14 25.02 -5.52
CA LYS A 571 -11.32 25.42 -6.67
C LYS A 571 -11.46 24.35 -7.74
N LYS A 572 -12.51 24.48 -8.56
CA LYS A 572 -13.01 23.45 -9.47
C LYS A 572 -13.15 22.11 -8.76
N SER A 573 -12.29 21.17 -9.10
CA SER A 573 -12.01 20.01 -8.26
C SER A 573 -10.54 19.64 -8.36
N SER A 574 -9.71 20.64 -8.76
CA SER A 574 -8.32 20.61 -9.22
C SER A 574 -8.18 20.00 -10.61
N LEU A 575 -9.26 19.44 -11.14
CA LEU A 575 -9.35 19.02 -12.54
C LEU A 575 -10.84 18.96 -12.89
N SER A 576 -11.36 20.01 -13.53
CA SER A 576 -12.78 20.08 -13.84
C SER A 576 -13.07 21.08 -14.96
N GLY A 577 -13.81 20.65 -15.97
CA GLY A 577 -14.21 21.53 -17.05
C GLY A 577 -15.61 22.10 -16.91
N LEU A 578 -16.58 21.23 -16.65
CA LEU A 578 -17.98 21.63 -16.53
C LEU A 578 -18.53 21.44 -15.12
N PHE A 579 -18.01 20.49 -14.36
CA PHE A 579 -18.41 20.26 -12.99
C PHE A 579 -17.56 21.02 -11.98
N ASP A 580 -16.99 22.16 -12.39
CA ASP A 580 -16.13 22.94 -11.53
C ASP A 580 -16.87 23.51 -10.33
N GLY A 581 -18.10 23.96 -10.53
CA GLY A 581 -18.88 24.44 -9.41
C GLY A 581 -19.61 23.33 -8.68
N LYS A 582 -20.51 22.67 -9.40
CA LYS A 582 -21.50 21.73 -8.84
C LYS A 582 -22.18 22.34 -7.62
N ILE A 583 -22.83 23.49 -7.86
CA ILE A 583 -23.34 24.30 -6.77
C ILE A 583 -24.55 23.60 -6.16
N GLY A 584 -24.73 23.78 -4.86
CA GLY A 584 -25.58 22.92 -4.07
C GLY A 584 -24.73 22.39 -2.93
N THR A 585 -23.42 22.42 -3.14
CA THR A 585 -22.48 22.20 -2.03
C THR A 585 -22.64 23.29 -0.98
N ILE A 586 -22.90 24.53 -1.42
CA ILE A 586 -23.22 25.61 -0.49
C ILE A 586 -24.54 25.35 0.21
N TRP A 587 -25.47 24.67 -0.45
CA TRP A 587 -26.71 24.25 0.20
C TRP A 587 -26.43 23.20 1.27
N LEU A 588 -25.48 22.28 1.02
CA LEU A 588 -25.08 21.33 2.06
C LEU A 588 -24.41 22.02 3.23
N ILE A 589 -23.59 23.05 2.96
CA ILE A 589 -22.99 23.83 4.04
C ILE A 589 -24.07 24.60 4.82
N TYR A 590 -25.08 25.09 4.10
CA TYR A 590 -26.24 25.74 4.73
C TYR A 590 -27.00 24.76 5.62
N GLU A 591 -27.10 23.50 5.21
CA GLU A 591 -27.71 22.49 6.06
C GLU A 591 -26.76 22.09 7.19
N PHE A 592 -25.44 22.12 6.92
CA PHE A 592 -24.47 21.77 7.96
C PHE A 592 -24.37 22.84 9.03
N GLY A 593 -24.50 24.11 8.66
CA GLY A 593 -24.25 25.22 9.56
C GLY A 593 -23.04 26.03 9.14
N GLU A 594 -22.82 27.11 9.89
CA GLU A 594 -21.83 28.15 9.60
C GLU A 594 -22.04 28.72 8.20
N ILE A 595 -23.18 29.40 8.05
CA ILE A 595 -23.63 29.94 6.78
C ILE A 595 -22.82 31.18 6.38
N ASP A 596 -22.07 31.76 7.34
CA ASP A 596 -21.31 32.97 7.08
C ASP A 596 -20.17 32.74 6.08
N ARG A 597 -19.66 31.52 5.99
CA ARG A 597 -18.71 31.20 4.92
C ARG A 597 -19.40 30.70 3.66
N ALA A 598 -20.59 30.11 3.81
CA ALA A 598 -21.32 29.58 2.65
C ALA A 598 -21.80 30.71 1.75
N VAL A 599 -22.30 31.79 2.34
CA VAL A 599 -22.74 32.96 1.55
C VAL A 599 -21.55 33.60 0.85
N GLU A 600 -20.40 33.69 1.54
CA GLU A 600 -19.20 34.26 0.94
C GLU A 600 -18.69 33.40 -0.22
N LEU A 601 -18.71 32.08 -0.05
CA LEU A 601 -18.28 31.19 -1.13
C LEU A 601 -19.25 31.21 -2.30
N PHE A 602 -20.56 31.35 -2.02
CA PHE A 602 -21.55 31.43 -3.08
C PHE A 602 -21.41 32.74 -3.87
N THR A 603 -21.11 33.84 -3.17
CA THR A 603 -20.89 35.10 -3.88
C THR A 603 -19.55 35.11 -4.60
N THR A 604 -18.57 34.35 -4.12
CA THR A 604 -17.27 34.31 -4.77
C THR A 604 -17.32 33.45 -6.04
N HIS A 605 -17.66 32.17 -5.91
CA HIS A 605 -17.67 31.25 -7.03
C HIS A 605 -19.10 31.09 -7.54
N PHE A 606 -19.54 32.05 -8.36
CA PHE A 606 -20.83 31.91 -9.02
C PHE A 606 -20.75 32.22 -10.51
N ILE A 607 -19.87 33.13 -10.88
CA ILE A 607 -19.84 33.67 -12.24
C ILE A 607 -18.94 32.84 -13.14
N GLU A 608 -17.76 32.47 -12.65
CA GLU A 608 -16.77 31.74 -13.44
C GLU A 608 -17.18 30.29 -13.71
N ILE A 609 -18.19 29.78 -13.02
CA ILE A 609 -18.63 28.40 -13.20
C ILE A 609 -19.85 28.32 -14.11
N PHE A 610 -20.14 29.38 -14.86
CA PHE A 610 -21.30 29.42 -15.74
C PHE A 610 -20.95 29.42 -17.22
N GLU A 611 -19.93 30.19 -17.61
CA GLU A 611 -19.57 30.28 -19.02
C GLU A 611 -18.81 29.06 -19.52
N ASN A 612 -18.24 28.27 -18.60
CA ASN A 612 -17.42 27.14 -19.01
C ASN A 612 -18.24 25.93 -19.43
N SER A 613 -19.54 25.92 -19.14
CA SER A 613 -20.38 24.78 -19.52
C SER A 613 -20.66 24.79 -21.01
N GLN A 614 -20.56 23.61 -21.63
CA GLN A 614 -20.77 23.45 -23.07
C GLN A 614 -21.97 22.59 -23.39
N ASN A 615 -22.04 21.37 -22.85
CA ASN A 615 -23.17 20.47 -23.08
C ASN A 615 -24.22 20.77 -22.02
N LYS A 616 -25.26 21.50 -22.43
CA LYS A 616 -26.26 22.05 -21.51
C LYS A 616 -27.11 20.96 -20.85
N ASN A 617 -26.98 20.85 -19.53
CA ASN A 617 -27.67 19.83 -18.75
C ASN A 617 -27.71 20.30 -17.30
N LEU A 618 -28.55 19.65 -16.50
CA LEU A 618 -28.56 19.91 -15.07
C LEU A 618 -27.28 19.44 -14.40
N TYR A 619 -26.67 18.37 -14.90
CA TYR A 619 -25.48 17.80 -14.29
C TYR A 619 -24.18 18.13 -15.02
N SER A 620 -24.16 18.03 -16.34
CA SER A 620 -22.96 18.28 -17.12
C SER A 620 -22.96 19.66 -17.78
N GLY A 621 -23.86 20.54 -17.40
CA GLY A 621 -23.95 21.87 -17.99
C GLY A 621 -24.30 22.92 -16.98
N GLN A 622 -24.88 24.02 -17.46
CA GLN A 622 -25.16 25.18 -16.62
C GLN A 622 -26.60 25.27 -16.15
N ALA A 623 -27.47 24.35 -16.59
CA ALA A 623 -28.88 24.45 -16.24
C ALA A 623 -29.13 24.14 -14.76
N GLY A 624 -28.32 23.25 -14.19
CA GLY A 624 -28.49 22.91 -12.78
C GLY A 624 -27.94 23.96 -11.83
N ILE A 625 -27.18 24.93 -12.35
CA ILE A 625 -26.66 26.00 -11.51
C ILE A 625 -27.78 26.93 -11.06
N LEU A 626 -28.73 27.21 -11.95
CA LEU A 626 -29.73 28.24 -11.70
C LEU A 626 -30.76 27.79 -10.68
N LEU A 627 -30.97 26.47 -10.55
CA LEU A 627 -31.87 25.94 -9.53
C LEU A 627 -31.37 26.24 -8.13
N VAL A 628 -30.06 26.06 -7.91
CA VAL A 628 -29.48 26.39 -6.62
C VAL A 628 -29.35 27.90 -6.47
N GLY A 629 -29.09 28.60 -7.58
CA GLY A 629 -28.93 30.05 -7.53
C GLY A 629 -30.19 30.79 -7.17
N LEU A 630 -31.35 30.30 -7.60
CA LEU A 630 -32.60 30.94 -7.22
C LEU A 630 -32.95 30.67 -5.77
N TYR A 631 -32.41 29.59 -5.19
CA TYR A 631 -32.75 29.20 -3.82
C TYR A 631 -32.22 30.21 -2.81
N PHE A 632 -30.99 30.72 -3.02
CA PHE A 632 -30.42 31.68 -2.08
C PHE A 632 -31.13 33.02 -2.13
N LEU A 633 -31.54 33.46 -3.33
CA LEU A 633 -32.26 34.72 -3.41
C LEU A 633 -33.70 34.57 -2.93
N SER A 634 -34.28 33.38 -3.02
CA SER A 634 -35.58 33.14 -2.41
C SER A 634 -35.47 33.13 -0.88
N LYS A 635 -34.40 32.54 -0.35
CA LYS A 635 -34.17 32.51 1.08
C LYS A 635 -33.73 33.87 1.63
N GLY A 636 -33.22 34.76 0.79
CA GLY A 636 -32.76 36.05 1.25
C GLY A 636 -31.36 36.02 1.83
N GLU A 637 -30.39 35.58 1.03
CA GLU A 637 -29.00 35.52 1.45
C GLU A 637 -28.07 36.37 0.61
N ILE A 638 -28.48 36.77 -0.59
CA ILE A 638 -27.64 37.54 -1.49
C ILE A 638 -28.28 38.90 -1.74
N ASP A 639 -27.55 39.75 -2.46
CA ASP A 639 -28.03 41.08 -2.77
C ASP A 639 -28.76 41.11 -4.12
N ASN A 640 -29.55 42.17 -4.31
CA ASN A 640 -30.32 42.33 -5.53
C ASN A 640 -29.42 42.62 -6.73
N LYS A 641 -28.26 43.25 -6.49
CA LYS A 641 -27.31 43.49 -7.56
C LYS A 641 -26.75 42.19 -8.13
N LEU A 642 -26.49 41.21 -7.27
CA LEU A 642 -26.10 39.89 -7.75
C LEU A 642 -27.30 39.15 -8.35
N GLY A 643 -28.47 39.29 -7.74
CA GLY A 643 -29.63 38.52 -8.19
C GLY A 643 -30.21 39.00 -9.51
N GLU A 644 -29.93 40.24 -9.89
CA GLU A 644 -30.43 40.77 -11.16
C GLU A 644 -29.81 40.05 -12.34
N GLU A 645 -28.51 39.73 -12.26
CA GLU A 645 -27.87 38.98 -13.33
C GLU A 645 -28.37 37.54 -13.39
N ILE A 646 -28.70 36.97 -12.22
CA ILE A 646 -29.28 35.63 -12.18
C ILE A 646 -30.65 35.61 -12.84
N LEU A 647 -31.47 36.62 -12.55
CA LEU A 647 -32.79 36.73 -13.19
C LEU A 647 -32.66 37.02 -14.67
N ILE A 648 -31.62 37.76 -15.06
CA ILE A 648 -31.36 38.00 -16.48
C ILE A 648 -31.00 36.71 -17.20
N ARG A 649 -30.22 35.85 -16.53
CA ARG A 649 -29.90 34.54 -17.11
C ARG A 649 -31.13 33.63 -17.14
N LEU A 650 -32.01 33.75 -16.14
CA LEU A 650 -33.30 33.04 -16.16
C LEU A 650 -34.14 33.45 -17.35
N ARG A 651 -34.21 34.75 -17.63
CA ARG A 651 -34.99 35.22 -18.77
C ARG A 651 -34.31 34.87 -20.09
N GLU A 652 -32.97 34.85 -20.12
CA GLU A 652 -32.26 34.59 -21.36
C GLU A 652 -32.30 33.10 -21.73
N TYR A 653 -32.35 32.22 -20.73
CA TYR A 653 -32.33 30.79 -21.02
C TYR A 653 -33.63 30.32 -21.65
N THR A 654 -34.75 30.93 -21.27
CA THR A 654 -36.06 30.52 -21.79
C THR A 654 -36.19 30.83 -23.27
N LEU A 655 -35.68 31.98 -23.71
CA LEU A 655 -35.78 32.36 -25.12
C LEU A 655 -34.89 31.47 -25.98
N ASN A 656 -33.72 31.08 -25.48
CA ASN A 656 -32.87 30.15 -26.21
C ASN A 656 -33.48 28.75 -26.23
N TYR A 657 -34.22 28.39 -25.18
CA TYR A 657 -34.82 27.05 -25.15
C TYR A 657 -36.03 26.97 -26.08
N ILE A 658 -36.85 28.03 -26.12
CA ILE A 658 -38.05 28.00 -26.96
C ILE A 658 -37.80 28.51 -28.38
N GLU A 659 -36.64 29.09 -28.65
CA GLU A 659 -36.34 29.51 -30.01
C GLU A 659 -35.96 28.31 -30.89
N ASN A 660 -34.92 27.60 -30.49
CA ASN A 660 -34.50 26.36 -31.16
C ASN A 660 -34.38 25.29 -30.09
N PRO A 661 -35.45 24.51 -29.85
CA PRO A 661 -35.38 23.46 -28.82
C PRO A 661 -34.45 22.32 -29.17
N GLU A 662 -34.11 22.13 -30.44
CA GLU A 662 -33.20 21.07 -30.86
C GLU A 662 -31.73 21.48 -30.83
N THR A 663 -31.39 22.53 -30.09
CA THR A 663 -30.00 22.95 -29.97
C THR A 663 -29.20 21.94 -29.14
N PHE A 664 -29.74 21.53 -28.00
CA PHE A 664 -29.08 20.56 -27.15
C PHE A 664 -29.98 19.42 -26.70
N CYS A 665 -31.29 19.49 -26.95
CA CYS A 665 -32.22 18.43 -26.55
C CYS A 665 -32.26 17.36 -27.64
N LYS A 666 -31.27 16.47 -27.58
CA LYS A 666 -31.24 15.28 -28.43
C LYS A 666 -31.31 14.04 -27.54
N VAL A 667 -32.31 13.21 -27.78
CA VAL A 667 -32.55 12.04 -26.94
C VAL A 667 -32.30 10.77 -27.74
N GLY A 668 -32.34 10.88 -29.07
CA GLY A 668 -32.12 9.73 -29.93
C GLY A 668 -33.17 8.65 -29.85
N ALA A 669 -34.44 9.02 -29.63
CA ALA A 669 -35.61 8.15 -29.65
C ALA A 669 -35.54 7.04 -28.60
N SER A 670 -34.66 6.06 -28.80
CA SER A 670 -34.53 4.90 -27.94
C SER A 670 -34.01 5.25 -26.55
N ASP A 671 -34.09 4.29 -25.63
CA ASP A 671 -33.66 4.47 -24.24
C ASP A 671 -32.16 4.73 -24.14
N VAL A 672 -31.78 5.67 -23.29
CA VAL A 672 -30.38 6.12 -23.20
C VAL A 672 -29.62 5.33 -22.15
N GLN A 673 -30.33 4.46 -21.42
CA GLN A 673 -29.83 3.68 -20.28
C GLN A 673 -29.30 4.66 -19.25
N SER A 674 -28.03 4.57 -18.85
CA SER A 674 -27.45 5.49 -17.86
C SER A 674 -25.94 5.50 -18.06
N ASN A 675 -25.23 6.05 -17.06
CA ASN A 675 -23.76 6.10 -16.95
C ASN A 675 -23.21 6.90 -18.14
N ASP A 676 -22.26 6.38 -18.89
CA ASP A 676 -21.69 7.06 -20.06
C ASP A 676 -22.47 6.96 -21.38
N PRO A 677 -22.86 5.78 -21.89
CA PRO A 677 -23.23 5.71 -23.31
C PRO A 677 -24.63 6.25 -23.60
N TYR A 678 -24.90 6.39 -24.91
CA TYR A 678 -26.15 6.84 -25.50
C TYR A 678 -26.57 8.23 -25.03
N GLU A 679 -25.60 9.08 -24.69
CA GLU A 679 -25.70 10.53 -24.45
C GLU A 679 -26.51 10.94 -23.22
N ASN A 680 -27.17 9.97 -22.56
CA ASN A 680 -27.85 10.13 -21.28
C ASN A 680 -28.87 11.28 -21.28
N PHE A 681 -29.90 11.12 -22.12
CA PHE A 681 -30.98 12.11 -22.21
C PHE A 681 -32.30 11.37 -22.10
N GLY A 682 -32.74 11.13 -20.87
CA GLY A 682 -34.03 10.51 -20.63
C GLY A 682 -34.97 11.42 -19.89
N GLY A 683 -34.42 12.28 -19.06
CA GLY A 683 -35.20 13.23 -18.28
C GLY A 683 -34.46 13.62 -17.02
N LEU A 684 -34.84 14.80 -16.50
CA LEU A 684 -34.43 15.33 -15.20
C LEU A 684 -32.92 15.49 -15.06
N LEU A 685 -32.30 14.65 -14.23
CA LEU A 685 -30.86 14.75 -13.97
C LEU A 685 -30.06 14.42 -15.22
N TYR A 686 -30.28 13.23 -15.78
CA TYR A 686 -29.67 12.85 -17.05
C TYR A 686 -30.66 13.03 -18.19
N GLY A 687 -31.03 14.28 -18.44
CA GLY A 687 -31.98 14.58 -19.48
C GLY A 687 -32.44 16.02 -19.43
N HIS A 688 -33.58 16.27 -20.07
CA HIS A 688 -34.07 17.62 -20.27
C HIS A 688 -35.38 17.93 -19.56
N ALA A 689 -35.78 17.13 -18.57
CA ALA A 689 -36.88 17.57 -17.70
C ALA A 689 -36.38 18.38 -16.52
N GLY A 690 -35.06 18.51 -16.39
CA GLY A 690 -34.50 19.41 -15.39
C GLY A 690 -34.83 20.87 -15.67
N VAL A 691 -34.90 21.24 -16.94
CA VAL A 691 -35.31 22.61 -17.26
C VAL A 691 -36.81 22.80 -17.00
N ALA A 692 -37.60 21.72 -17.09
CA ALA A 692 -39.00 21.80 -16.67
C ALA A 692 -39.10 22.00 -15.17
N TRP A 693 -38.22 21.36 -14.41
CA TRP A 693 -38.14 21.61 -12.96
C TRP A 693 -37.71 23.05 -12.68
N LEU A 694 -36.76 23.57 -13.47
CA LEU A 694 -36.35 24.97 -13.38
C LEU A 694 -37.53 25.92 -13.60
N PHE A 695 -38.33 25.63 -14.65
CA PHE A 695 -39.46 26.48 -14.97
C PHE A 695 -40.54 26.40 -13.89
N GLY A 696 -40.75 25.21 -13.33
CA GLY A 696 -41.72 25.06 -12.25
C GLY A 696 -41.33 25.82 -11.00
N GLU A 697 -40.06 25.70 -10.58
CA GLU A 697 -39.63 26.41 -9.38
C GLU A 697 -39.53 27.91 -9.62
N ALA A 698 -39.16 28.32 -10.83
CA ALA A 698 -39.09 29.74 -11.14
C ALA A 698 -40.47 30.38 -11.20
N TYR A 699 -41.47 29.67 -11.73
CA TYR A 699 -42.81 30.22 -11.77
C TYR A 699 -43.47 30.16 -10.40
N LYS A 700 -43.09 29.18 -9.57
CA LYS A 700 -43.52 29.19 -8.17
C LYS A 700 -42.90 30.34 -7.40
N LEU A 701 -41.69 30.76 -7.77
CA LEU A 701 -41.08 31.94 -7.16
C LEU A 701 -41.74 33.23 -7.63
N THR A 702 -41.65 33.54 -8.92
CA THR A 702 -42.22 34.77 -9.48
C THR A 702 -43.00 34.43 -10.74
N GLY A 703 -44.03 35.22 -11.03
CA GLY A 703 -44.92 34.97 -12.13
C GLY A 703 -44.44 35.63 -13.41
N GLU A 704 -44.26 34.81 -14.45
CA GLU A 704 -43.87 35.29 -15.77
C GLU A 704 -44.69 34.56 -16.82
N SER A 705 -44.93 35.26 -17.95
CA SER A 705 -45.72 34.68 -19.03
C SER A 705 -44.94 33.67 -19.85
N ILE A 706 -43.65 33.90 -20.09
CA ILE A 706 -42.85 32.97 -20.88
C ILE A 706 -42.49 31.69 -20.12
N TYR A 707 -42.53 31.74 -18.78
CA TYR A 707 -42.17 30.57 -17.98
C TYR A 707 -43.16 29.43 -18.17
N LYS A 708 -44.46 29.76 -18.22
CA LYS A 708 -45.49 28.73 -18.41
C LYS A 708 -45.41 28.12 -19.80
N ASN A 709 -45.14 28.96 -20.82
CA ASN A 709 -45.01 28.44 -22.19
C ASN A 709 -43.79 27.54 -22.34
N GLY A 710 -42.65 27.96 -21.76
CA GLY A 710 -41.47 27.10 -21.76
C GLY A 710 -41.67 25.83 -20.96
N LEU A 711 -42.45 25.91 -19.87
CA LEU A 711 -42.75 24.75 -19.07
C LEU A 711 -43.59 23.75 -19.85
N GLU A 712 -44.60 24.24 -20.58
CA GLU A 712 -45.44 23.37 -21.41
C GLU A 712 -44.64 22.77 -22.55
N LEU A 713 -43.71 23.55 -23.13
CA LEU A 713 -42.84 23.03 -24.17
C LEU A 713 -41.91 21.94 -23.64
N ALA A 714 -41.37 22.13 -22.43
CA ALA A 714 -40.48 21.13 -21.84
C ALA A 714 -41.23 19.88 -21.43
N VAL A 715 -42.49 20.03 -21.00
CA VAL A 715 -43.33 18.88 -20.69
C VAL A 715 -43.65 18.11 -21.97
N ASP A 716 -44.01 18.83 -23.04
CA ASP A 716 -44.37 18.16 -24.29
C ASP A 716 -43.14 17.59 -25.00
N LYS A 717 -41.94 18.06 -24.66
CA LYS A 717 -40.72 17.48 -25.22
C LYS A 717 -40.46 16.07 -24.71
N GLU A 718 -41.00 15.72 -23.55
CA GLU A 718 -40.96 14.35 -23.05
C GLU A 718 -42.27 13.61 -23.25
N LEU A 719 -43.39 14.33 -23.35
CA LEU A 719 -44.69 13.71 -23.56
C LEU A 719 -44.85 13.14 -24.96
N VAL A 720 -44.02 13.56 -25.92
CA VAL A 720 -44.01 12.93 -27.24
C VAL A 720 -43.41 11.54 -27.16
N ALA A 721 -42.56 11.29 -26.17
CA ALA A 721 -42.05 9.95 -25.87
C ALA A 721 -43.00 9.21 -24.93
N TYR A 722 -44.25 9.05 -25.38
CA TYR A 722 -45.30 8.39 -24.61
C TYR A 722 -45.39 6.91 -24.90
N LYS A 723 -44.31 6.29 -25.38
CA LYS A 723 -44.33 4.90 -25.79
C LYS A 723 -44.40 3.98 -24.57
N VAL A 724 -45.62 3.72 -24.11
CA VAL A 724 -45.84 2.85 -22.96
C VAL A 724 -46.09 1.41 -23.35
N ASP A 725 -46.34 1.15 -24.65
CA ASP A 725 -46.43 -0.12 -25.37
C ASP A 725 -47.01 -1.31 -24.60
N SER A 726 -48.21 -1.13 -24.05
CA SER A 726 -48.91 -2.07 -23.15
C SER A 726 -48.03 -2.40 -21.95
N ASN A 727 -47.82 -1.36 -21.14
CA ASN A 727 -47.05 -1.32 -19.88
C ASN A 727 -45.55 -1.47 -20.11
N ASN A 728 -44.77 -1.03 -19.12
CA ASN A 728 -43.30 -0.89 -19.18
C ASN A 728 -42.86 -0.04 -20.37
N ARG A 737 -37.91 -4.28 -18.63
CA ARG A 737 -37.75 -4.15 -20.07
C ARG A 737 -37.37 -2.73 -20.41
N LEU A 738 -38.36 -1.88 -20.59
CA LEU A 738 -38.11 -0.47 -20.86
C LEU A 738 -37.40 0.16 -19.65
N LEU A 739 -37.37 1.48 -19.61
CA LEU A 739 -36.56 2.23 -18.64
C LEU A 739 -37.43 3.23 -17.88
N PRO A 740 -38.32 2.76 -16.98
CA PRO A 740 -39.16 3.72 -16.24
C PRO A 740 -38.40 4.61 -15.26
N TYR A 741 -37.75 3.99 -14.26
CA TYR A 741 -37.03 4.54 -13.11
C TYR A 741 -37.43 5.94 -12.64
N LEU A 742 -36.47 6.71 -12.13
CA LEU A 742 -36.72 8.08 -11.68
C LEU A 742 -35.84 9.09 -12.41
N ALA A 743 -34.55 8.81 -12.55
CA ALA A 743 -33.63 9.71 -13.22
C ALA A 743 -33.68 9.60 -14.74
N THR A 744 -34.51 8.71 -15.28
CA THR A 744 -34.70 8.60 -16.72
C THR A 744 -36.11 8.94 -17.17
N GLY A 745 -37.04 9.19 -16.25
CA GLY A 745 -38.39 9.59 -16.62
C GLY A 745 -39.41 8.92 -15.72
N SER A 746 -40.63 8.84 -16.25
CA SER A 746 -41.79 8.19 -15.63
C SER A 746 -42.10 8.75 -14.25
N ALA A 747 -41.42 8.24 -13.22
CA ALA A 747 -41.64 8.74 -11.87
C ALA A 747 -41.20 10.18 -11.71
N GLY A 748 -40.14 10.58 -12.43
CA GLY A 748 -39.70 11.97 -12.37
C GLY A 748 -40.69 12.94 -12.98
N LEU A 749 -41.27 12.57 -14.12
CA LEU A 749 -42.28 13.43 -14.72
C LEU A 749 -43.60 13.38 -13.95
N LEU A 750 -43.89 12.26 -13.28
CA LEU A 750 -45.00 12.19 -12.34
C LEU A 750 -44.78 13.18 -11.20
N LEU A 751 -43.53 13.24 -10.71
CA LEU A 751 -43.15 14.21 -9.69
C LEU A 751 -43.30 15.65 -10.17
N LEU A 752 -42.91 15.90 -11.43
CA LEU A 752 -43.03 17.24 -12.00
C LEU A 752 -44.49 17.67 -12.12
N ILE A 753 -45.36 16.75 -12.53
CA ILE A 753 -46.77 17.08 -12.62
C ILE A 753 -47.38 17.28 -11.24
N ASN A 754 -47.00 16.45 -10.26
CA ASN A 754 -47.59 16.56 -8.93
C ASN A 754 -47.05 17.74 -8.14
N ARG A 755 -45.87 18.25 -8.51
CA ARG A 755 -45.33 19.46 -7.89
C ARG A 755 -46.20 20.68 -8.16
N ASN A 756 -46.25 21.10 -9.43
CA ASN A 756 -47.08 22.23 -9.85
C ASN A 756 -48.38 21.75 -10.50
N LYS A 757 -49.15 21.01 -9.69
CA LYS A 757 -50.44 20.48 -10.13
C LYS A 757 -51.52 21.56 -10.26
N GLU A 758 -51.36 22.69 -9.59
CA GLU A 758 -52.32 23.78 -9.66
C GLU A 758 -52.10 24.70 -10.86
N ILE A 759 -51.03 24.49 -11.61
CA ILE A 759 -50.66 25.38 -12.71
C ILE A 759 -51.08 24.81 -14.06
N LEU A 760 -50.79 23.53 -14.29
CA LEU A 760 -51.07 22.92 -15.59
C LEU A 760 -52.55 22.63 -15.75
N SER A 761 -52.97 22.51 -17.00
CA SER A 761 -54.36 22.26 -17.33
C SER A 761 -54.69 20.79 -17.16
N SER A 762 -55.94 20.41 -17.44
CA SER A 762 -56.40 19.05 -17.21
C SER A 762 -55.88 18.06 -18.24
N LYS A 763 -55.38 18.53 -19.38
CA LYS A 763 -54.90 17.62 -20.43
C LYS A 763 -53.64 16.88 -20.01
N TYR A 764 -52.78 17.54 -19.23
CA TYR A 764 -51.59 16.87 -18.72
C TYR A 764 -51.93 15.98 -17.52
N LEU A 765 -52.88 16.42 -16.69
CA LEU A 765 -53.29 15.63 -15.52
C LEU A 765 -54.09 14.41 -15.91
N LYS A 766 -54.69 14.39 -17.11
CA LYS A 766 -55.39 13.21 -17.59
C LYS A 766 -54.43 12.06 -17.85
N TYR A 767 -53.21 12.37 -18.28
CA TYR A 767 -52.18 11.37 -18.54
C TYR A 767 -51.62 10.75 -17.25
N LEU A 768 -51.80 11.43 -16.11
CA LEU A 768 -51.19 11.01 -14.86
C LEU A 768 -51.73 9.67 -14.38
N THR A 769 -53.05 9.47 -14.49
CA THR A 769 -53.65 8.22 -14.03
C THR A 769 -53.26 7.05 -14.92
N SER A 770 -53.09 7.30 -16.22
CA SER A 770 -52.71 6.23 -17.13
C SER A 770 -51.23 5.92 -17.05
N LEU A 771 -50.41 6.85 -16.54
CA LEU A 771 -49.01 6.52 -16.31
C LEU A 771 -48.76 6.02 -14.90
N GLU A 772 -49.72 6.21 -13.98
CA GLU A 772 -49.60 5.66 -12.64
C GLU A 772 -49.63 4.13 -12.67
N ARG A 773 -50.48 3.55 -13.51
CA ARG A 773 -50.47 2.10 -13.67
C ARG A 773 -49.23 1.62 -14.42
N ALA A 774 -48.62 2.49 -15.24
CA ALA A 774 -47.39 2.12 -15.92
C ALA A 774 -46.21 2.11 -14.96
N THR A 775 -46.18 3.03 -13.99
CA THR A 775 -45.08 3.11 -13.05
C THR A 775 -45.29 2.25 -11.81
N ASP A 776 -46.44 1.61 -11.66
CA ASP A 776 -46.71 0.75 -10.50
C ASP A 776 -46.25 -0.67 -10.75
N VAL A 777 -44.93 -0.82 -10.84
CA VAL A 777 -44.32 -2.13 -11.04
C VAL A 777 -44.04 -2.73 -9.66
N VAL A 778 -44.02 -4.07 -9.59
CA VAL A 778 -43.80 -4.76 -8.34
C VAL A 778 -42.34 -5.18 -8.16
N PHE A 779 -41.48 -4.89 -9.14
CA PHE A 779 -40.09 -5.31 -9.05
C PHE A 779 -39.21 -4.36 -9.85
N CYS A 780 -38.03 -4.09 -9.29
CA CYS A 780 -36.93 -3.47 -10.01
C CYS A 780 -35.64 -4.15 -9.59
N VAL A 781 -34.59 -3.96 -10.36
CA VAL A 781 -33.34 -4.68 -10.14
C VAL A 781 -32.45 -3.89 -9.18
N LEU A 782 -32.13 -2.65 -9.54
CA LEU A 782 -31.25 -1.84 -8.73
C LEU A 782 -32.00 -1.30 -7.51
N PRO A 783 -31.32 -1.06 -6.40
CA PRO A 783 -31.99 -0.54 -5.19
C PRO A 783 -31.90 0.96 -4.97
N GLY A 784 -31.22 1.72 -5.82
CA GLY A 784 -31.03 3.15 -5.60
C GLY A 784 -32.24 3.97 -6.00
N LEU A 785 -32.07 5.29 -5.96
CA LEU A 785 -33.17 6.16 -6.38
C LEU A 785 -33.02 6.72 -7.78
N PHE A 786 -31.80 6.83 -8.32
CA PHE A 786 -31.64 7.28 -9.71
C PHE A 786 -32.20 6.27 -10.69
N ASN A 787 -31.61 5.08 -10.73
CA ASN A 787 -31.97 4.06 -11.69
C ASN A 787 -32.35 2.76 -10.99
N GLY A 788 -33.07 2.87 -9.89
CA GLY A 788 -33.40 1.72 -9.07
C GLY A 788 -34.88 1.64 -8.76
N PHE A 789 -35.16 1.15 -7.55
CA PHE A 789 -36.53 0.88 -7.16
C PHE A 789 -37.16 1.98 -6.32
N CYS A 790 -36.46 2.44 -5.27
CA CYS A 790 -37.08 3.33 -4.31
C CYS A 790 -37.28 4.73 -4.86
N GLY A 791 -36.63 5.07 -5.97
CA GLY A 791 -36.94 6.30 -6.68
C GLY A 791 -38.35 6.34 -7.23
N LEU A 792 -38.92 5.18 -7.55
CA LEU A 792 -40.33 5.11 -7.90
C LEU A 792 -41.21 5.41 -6.69
N GLU A 793 -40.92 4.76 -5.56
CA GLU A 793 -41.80 4.82 -4.40
C GLU A 793 -41.73 6.16 -3.69
N VAL A 794 -40.58 6.85 -3.77
CA VAL A 794 -40.52 8.18 -3.18
C VAL A 794 -41.32 9.16 -4.03
N ALA A 795 -41.49 8.87 -5.32
CA ALA A 795 -42.23 9.74 -6.22
C ALA A 795 -43.71 9.37 -6.34
N ASN A 796 -44.11 8.18 -5.87
CA ASN A 796 -45.50 7.76 -6.02
C ASN A 796 -46.44 8.59 -5.15
N ASN A 797 -46.27 8.51 -3.83
CA ASN A 797 -47.05 9.33 -2.91
C ASN A 797 -46.15 10.38 -2.24
N ILE A 798 -45.96 11.49 -2.96
CA ILE A 798 -45.10 12.58 -2.50
C ILE A 798 -45.88 13.87 -2.33
N TYR A 799 -46.86 14.14 -3.19
CA TYR A 799 -47.69 15.34 -3.09
C TYR A 799 -49.17 14.98 -3.20
N SER A 800 -49.57 13.95 -2.45
CA SER A 800 -50.95 13.51 -2.45
C SER A 800 -51.86 14.41 -1.63
N ASP A 801 -51.29 15.33 -0.83
CA ASP A 801 -52.03 16.25 0.06
C ASP A 801 -52.93 15.49 1.04
N ILE A 802 -52.44 14.37 1.55
CA ILE A 802 -53.18 13.54 2.48
C ILE A 802 -52.16 12.78 3.32
N ASP A 803 -52.54 12.45 4.55
CA ASP A 803 -51.65 11.75 5.48
C ASP A 803 -51.67 10.27 5.16
N ASP A 804 -50.85 9.87 4.18
CA ASP A 804 -50.64 8.46 3.84
C ASP A 804 -49.18 8.10 3.99
N ASN A 805 -48.47 8.77 4.91
CA ASN A 805 -47.05 8.54 5.12
C ASN A 805 -46.80 7.14 5.67
N PHE A 806 -47.65 6.68 6.59
CA PHE A 806 -47.47 5.35 7.15
C PHE A 806 -47.72 4.26 6.11
N SER A 807 -48.68 4.49 5.19
CA SER A 807 -48.88 3.57 4.08
C SER A 807 -47.68 3.58 3.14
N GLY A 808 -47.07 4.75 2.95
CA GLY A 808 -45.85 4.83 2.16
C GLY A 808 -44.69 4.06 2.78
N GLN A 809 -44.54 4.15 4.11
CA GLN A 809 -43.51 3.38 4.80
C GLN A 809 -43.79 1.89 4.74
N LYS A 810 -45.04 1.49 4.97
CA LYS A 810 -45.44 0.09 4.92
C LYS A 810 -45.35 -0.50 3.52
N LYS A 811 -45.32 0.34 2.48
CA LYS A 811 -44.99 -0.13 1.16
C LYS A 811 -43.48 -0.23 0.97
N LEU A 812 -42.77 0.86 1.28
CA LEU A 812 -41.37 1.02 0.87
C LEU A 812 -40.43 0.11 1.65
N ILE A 813 -40.62 -0.01 2.97
CA ILE A 813 -39.69 -0.79 3.78
C ILE A 813 -39.85 -2.28 3.51
N GLU A 814 -41.09 -2.75 3.41
CA GLU A 814 -41.35 -4.16 3.12
C GLU A 814 -40.92 -4.50 1.70
N GLN A 815 -40.99 -3.54 0.78
CA GLN A 815 -40.44 -3.80 -0.54
C GLN A 815 -38.92 -3.67 -0.56
N LEU A 816 -38.35 -2.98 0.42
CA LEU A 816 -36.91 -2.76 0.51
C LEU A 816 -36.19 -3.86 1.26
N TYR A 817 -36.92 -4.76 1.94
CA TYR A 817 -36.29 -5.86 2.67
C TYR A 817 -35.54 -6.85 1.79
N ARG A 818 -35.80 -6.85 0.47
CA ARG A 818 -35.11 -7.76 -0.44
C ARG A 818 -33.67 -7.35 -0.74
N TYR A 819 -33.32 -6.06 -0.64
CA TYR A 819 -31.99 -5.60 -1.00
C TYR A 819 -31.08 -5.44 0.21
N LEU A 820 -31.52 -5.87 1.38
CA LEU A 820 -30.86 -5.54 2.64
C LEU A 820 -29.98 -6.69 3.10
N CYS A 821 -28.73 -6.38 3.40
CA CYS A 821 -27.82 -7.29 4.08
C CYS A 821 -27.51 -6.68 5.44
N VAL A 822 -27.60 -7.47 6.49
CA VAL A 822 -27.44 -6.95 7.84
C VAL A 822 -25.98 -7.07 8.27
N ILE A 823 -25.46 -6.00 8.86
CA ILE A 823 -24.17 -6.07 9.55
C ILE A 823 -24.48 -6.04 11.04
N GLU A 824 -24.75 -7.23 11.58
CA GLU A 824 -24.88 -7.67 12.97
C GLU A 824 -25.98 -7.01 13.79
N GLU A 825 -26.37 -5.78 13.45
CA GLU A 825 -27.67 -5.23 13.81
C GLU A 825 -28.11 -4.22 12.76
N GLY A 826 -27.15 -3.77 11.94
CA GLY A 826 -27.37 -2.65 11.04
C GLY A 826 -27.47 -3.11 9.60
N PHE A 827 -28.35 -2.47 8.86
CA PHE A 827 -28.63 -2.88 7.49
C PHE A 827 -27.80 -2.04 6.53
N VAL A 828 -27.57 -2.58 5.33
CA VAL A 828 -26.74 -1.92 4.33
C VAL A 828 -27.12 -2.50 2.96
N ILE A 829 -26.85 -1.73 1.91
CA ILE A 829 -27.34 -2.02 0.56
C ILE A 829 -26.17 -2.06 -0.41
N ALA A 830 -26.15 -3.08 -1.27
CA ALA A 830 -25.27 -3.10 -2.43
C ALA A 830 -25.89 -2.29 -3.56
N GLY A 831 -25.04 -1.60 -4.32
CA GLY A 831 -25.50 -0.61 -5.27
C GLY A 831 -25.66 -1.11 -6.69
N ASP A 832 -25.30 -0.25 -7.63
CA ASP A 832 -25.40 -0.61 -9.05
C ASP A 832 -24.35 -1.64 -9.42
N ASN A 833 -24.77 -2.70 -10.14
CA ASN A 833 -23.88 -3.83 -10.44
C ASN A 833 -23.67 -4.23 -9.04
N GLY A 834 -24.64 -4.90 -8.47
CA GLY A 834 -24.51 -5.07 -7.04
C GLY A 834 -23.68 -6.25 -6.58
N LEU A 835 -22.38 -6.19 -6.82
CA LEU A 835 -21.44 -7.14 -6.26
C LEU A 835 -20.69 -6.60 -5.06
N LYS A 836 -20.52 -5.28 -4.98
CA LYS A 836 -19.72 -4.63 -3.96
C LYS A 836 -20.60 -3.74 -3.09
N ILE A 837 -20.31 -3.71 -1.79
CA ILE A 837 -21.03 -2.83 -0.88
C ILE A 837 -20.64 -1.38 -1.18
N THR A 838 -21.61 -0.46 -1.04
CA THR A 838 -21.36 0.95 -1.31
C THR A 838 -22.41 1.79 -0.60
N THR A 839 -22.11 3.08 -0.48
CA THR A 839 -23.04 4.10 -0.02
C THR A 839 -22.81 5.38 -0.80
N ASP A 840 -23.86 5.87 -1.46
CA ASP A 840 -23.84 7.11 -2.23
C ASP A 840 -25.28 7.53 -2.51
N ILE A 841 -25.42 8.69 -3.15
CA ILE A 841 -26.73 9.22 -3.54
C ILE A 841 -27.37 8.32 -4.59
N ALA A 842 -26.56 7.74 -5.48
CA ALA A 842 -27.07 7.04 -6.64
C ALA A 842 -27.67 5.69 -6.27
N SER A 843 -26.84 4.78 -5.73
CA SER A 843 -27.30 3.42 -5.45
C SER A 843 -26.59 2.95 -4.18
N GLY A 844 -27.26 3.07 -3.05
CA GLY A 844 -26.66 2.69 -1.79
C GLY A 844 -27.54 3.09 -0.64
N PHE A 845 -26.91 3.49 0.47
CA PHE A 845 -27.67 4.05 1.58
C PHE A 845 -28.39 5.34 1.25
N ALA A 846 -27.71 6.34 0.70
CA ALA A 846 -28.32 7.66 0.62
C ALA A 846 -29.49 7.68 -0.37
N GLY A 847 -29.50 6.73 -1.31
CA GLY A 847 -30.64 6.54 -2.18
C GLY A 847 -31.91 6.10 -1.47
N VAL A 848 -31.79 5.47 -0.30
CA VAL A 848 -32.97 5.20 0.50
C VAL A 848 -33.10 6.15 1.68
N ALA A 849 -32.01 6.79 2.11
CA ALA A 849 -32.09 7.79 3.18
C ALA A 849 -32.91 8.98 2.74
N ILE A 850 -32.64 9.47 1.52
CA ILE A 850 -33.40 10.57 0.97
C ILE A 850 -34.84 10.14 0.70
N GLY A 851 -35.03 8.87 0.32
CA GLY A 851 -36.37 8.35 0.12
C GLY A 851 -37.20 8.31 1.39
N LEU A 852 -36.61 7.80 2.48
CA LEU A 852 -37.27 7.80 3.79
C LEU A 852 -37.55 9.22 4.29
N VAL A 853 -36.54 10.10 4.25
CA VAL A 853 -36.72 11.42 4.85
C VAL A 853 -37.61 12.28 3.99
N SER A 854 -37.74 11.96 2.69
CA SER A 854 -38.68 12.67 1.83
C SER A 854 -40.07 12.11 1.97
N ILE A 855 -40.19 10.80 2.19
CA ILE A 855 -41.52 10.20 2.22
C ILE A 855 -42.17 10.42 3.58
N MET A 856 -41.39 10.79 4.60
CA MET A 856 -42.03 10.99 5.90
C MET A 856 -42.44 12.44 6.16
N ASP A 857 -42.05 13.40 5.32
CA ASP A 857 -42.50 14.77 5.51
C ASP A 857 -42.92 15.50 4.23
N ASN A 858 -42.77 14.87 3.06
CA ASN A 858 -43.09 15.44 1.74
C ASN A 858 -42.30 16.72 1.47
N LYS A 859 -40.98 16.58 1.40
CA LYS A 859 -40.10 17.73 1.16
C LYS A 859 -39.20 17.52 -0.05
N LEU A 860 -38.68 16.30 -0.21
CA LEU A 860 -37.79 15.89 -1.31
C LEU A 860 -36.53 16.77 -1.36
N THR A 861 -35.65 16.50 -0.39
CA THR A 861 -34.44 17.29 -0.19
C THR A 861 -33.36 17.15 -1.27
N ILE A 862 -33.64 16.44 -2.37
CA ILE A 862 -32.76 16.44 -3.53
C ILE A 862 -32.65 17.86 -4.10
N LEU A 863 -33.79 18.50 -4.32
CA LEU A 863 -33.87 19.81 -4.95
C LEU A 863 -34.76 20.71 -4.12
N PRO A 864 -34.52 22.03 -4.13
CA PRO A 864 -35.39 22.94 -3.38
C PRO A 864 -36.78 23.02 -3.96
N GLN A 865 -37.76 23.22 -3.08
CA GLN A 865 -39.17 23.22 -3.44
C GLN A 865 -39.78 24.62 -3.40
N ILE A 866 -39.01 25.63 -3.81
CA ILE A 866 -39.52 26.99 -3.86
C ILE A 866 -39.00 27.66 -5.14
N PHE B 1 14.57 -7.36 7.46
CA PHE B 1 13.85 -8.59 7.21
C PHE B 1 13.31 -8.64 5.78
N ASN B 2 12.43 -9.60 5.51
CA ASN B 2 11.83 -9.72 4.19
C ASN B 2 10.84 -8.60 3.93
N LEU B 3 10.09 -8.20 4.96
CA LEU B 3 9.15 -7.10 4.82
C LEU B 3 9.82 -5.74 4.87
N GLU B 4 11.08 -5.67 5.28
CA GLU B 4 11.81 -4.41 5.31
C GLU B 4 12.25 -4.06 3.89
N HIS B 5 11.89 -2.87 3.44
CA HIS B 5 12.13 -2.47 2.06
C HIS B 5 13.61 -2.16 1.85
N PRO B 6 14.18 -2.51 0.69
CA PRO B 6 15.59 -2.19 0.43
C PRO B 6 15.85 -0.72 0.16
N PHE B 7 17.08 -0.39 -0.21
CA PHE B 7 17.55 0.97 -0.51
C PHE B 7 17.34 1.91 0.68
N PHE B 8 16.16 2.49 0.80
CA PHE B 8 15.89 3.56 1.74
C PHE B 8 15.32 3.02 3.04
N PHE B 9 15.02 3.93 3.96
CA PHE B 9 14.40 3.59 5.22
C PHE B 9 12.89 3.54 5.08
N THR B 10 12.22 3.02 6.12
CA THR B 10 10.78 2.84 6.12
C THR B 10 10.34 2.76 7.57
N ASN B 11 9.45 3.66 8.00
CA ASN B 11 8.97 3.59 9.39
C ASN B 11 7.85 2.57 9.55
N ASN B 12 6.67 2.84 8.96
CA ASN B 12 5.63 1.83 8.82
C ASN B 12 4.70 2.27 7.67
N ASP B 13 4.96 1.76 6.47
CA ASP B 13 3.93 1.78 5.44
C ASP B 13 3.94 0.54 4.54
N TYR B 14 4.84 -0.42 4.76
CA TYR B 14 4.87 -1.67 4.03
C TYR B 14 4.56 -2.89 4.90
N SER B 15 3.52 -2.80 5.72
CA SER B 15 2.95 -4.00 6.35
C SER B 15 2.15 -4.74 5.29
N THR B 16 2.87 -5.50 4.46
CA THR B 16 2.24 -6.16 3.32
C THR B 16 1.39 -7.35 3.77
N ASP B 17 1.89 -8.11 4.75
CA ASP B 17 1.21 -9.26 5.36
C ASP B 17 0.85 -10.32 4.33
N THR B 18 1.88 -10.85 3.66
CA THR B 18 1.72 -11.89 2.66
C THR B 18 1.95 -13.23 3.35
N SER B 19 0.93 -13.69 4.06
CA SER B 19 1.01 -14.92 4.85
C SER B 19 -0.40 -15.45 5.08
N ILE B 20 -0.49 -16.62 5.68
CA ILE B 20 -1.78 -17.23 6.00
C ILE B 20 -2.34 -16.54 7.24
N LYS B 21 -3.59 -16.09 7.14
CA LYS B 21 -4.23 -15.34 8.20
C LYS B 21 -4.89 -16.27 9.21
N TYR B 22 -5.21 -15.71 10.38
CA TYR B 22 -5.92 -16.43 11.43
C TYR B 22 -7.32 -15.85 11.53
N GLN B 23 -8.33 -16.72 11.40
CA GLN B 23 -9.71 -16.30 11.56
C GLN B 23 -10.55 -17.52 11.93
N ALA B 24 -11.74 -17.25 12.46
CA ALA B 24 -12.62 -18.29 12.97
C ALA B 24 -14.01 -18.11 12.39
N SER B 25 -14.79 -19.20 12.43
CA SER B 25 -16.15 -19.17 11.91
C SER B 25 -17.05 -18.31 12.79
N LEU B 26 -17.93 -17.54 12.16
CA LEU B 26 -18.78 -16.59 12.85
C LEU B 26 -20.23 -17.07 12.81
N PRO B 27 -20.85 -17.34 13.95
CA PRO B 27 -22.27 -17.68 13.97
C PRO B 27 -23.13 -16.42 14.09
N PHE B 28 -24.44 -16.63 13.99
CA PHE B 28 -25.39 -15.54 14.13
C PHE B 28 -25.41 -15.08 15.59
N ASN B 29 -25.80 -13.81 15.78
CA ASN B 29 -25.79 -13.10 17.08
C ASN B 29 -24.36 -12.90 17.55
N TRP B 30 -23.45 -12.69 16.61
CA TRP B 30 -22.04 -12.46 16.88
C TRP B 30 -21.50 -11.46 15.86
N HIS B 31 -20.19 -11.22 15.89
CA HIS B 31 -19.56 -10.15 15.13
C HIS B 31 -18.07 -10.45 15.01
N GLU B 32 -17.39 -9.80 14.06
CA GLU B 32 -15.94 -9.79 13.99
C GLU B 32 -15.50 -8.41 13.50
N VAL B 33 -14.99 -7.60 14.41
CA VAL B 33 -14.57 -6.23 14.09
C VAL B 33 -13.04 -6.19 14.03
N MET B 34 -12.53 -5.43 13.07
CA MET B 34 -11.09 -5.24 12.89
C MET B 34 -10.55 -4.28 13.94
N ASN B 35 -9.56 -4.73 14.70
CA ASN B 35 -8.81 -3.87 15.61
C ASN B 35 -7.59 -3.33 14.87
N ASN B 36 -6.60 -2.82 15.61
CA ASN B 36 -5.45 -2.14 15.01
C ASN B 36 -4.46 -3.08 14.32
N ASP B 37 -4.93 -3.74 13.26
CA ASP B 37 -4.15 -4.56 12.33
C ASP B 37 -3.47 -5.76 12.99
N GLU B 38 -3.86 -6.13 14.21
CA GLU B 38 -3.26 -7.24 14.92
C GLU B 38 -4.28 -8.15 15.58
N TRP B 39 -5.46 -7.65 15.94
CA TRP B 39 -6.46 -8.44 16.62
C TRP B 39 -7.78 -8.37 15.86
N VAL B 40 -8.59 -9.41 16.03
CA VAL B 40 -9.98 -9.41 15.54
C VAL B 40 -10.90 -9.72 16.72
N TYR B 41 -11.72 -8.73 17.11
CA TYR B 41 -12.56 -8.87 18.28
C TYR B 41 -13.92 -9.46 17.90
N GLN B 42 -14.34 -10.49 18.63
CA GLN B 42 -15.63 -11.12 18.43
C GLN B 42 -16.41 -11.05 19.72
N TYR B 43 -17.58 -10.42 19.69
CA TYR B 43 -18.38 -10.27 20.89
C TYR B 43 -19.83 -10.62 20.60
N PRO B 44 -20.54 -11.23 21.56
CA PRO B 44 -21.98 -11.44 21.37
C PRO B 44 -22.75 -10.13 21.47
N ILE B 45 -23.93 -10.13 20.84
CA ILE B 45 -24.65 -8.89 20.60
C ILE B 45 -25.74 -8.73 21.65
N GLY B 46 -25.75 -7.58 22.32
CA GLY B 46 -26.69 -7.35 23.38
C GLY B 46 -26.30 -7.95 24.71
N LYS B 47 -25.18 -8.66 24.77
CA LYS B 47 -24.66 -9.18 26.02
C LYS B 47 -23.89 -8.07 26.71
N PHE B 48 -24.18 -7.85 27.98
CA PHE B 48 -23.49 -6.82 28.75
C PHE B 48 -22.12 -7.36 29.14
N VAL B 49 -21.09 -6.88 28.47
CA VAL B 49 -19.73 -7.11 28.91
C VAL B 49 -19.39 -6.01 29.90
N GLU B 50 -18.68 -6.38 30.96
CA GLU B 50 -18.36 -5.42 31.99
C GLU B 50 -16.93 -4.93 31.82
N ARG B 51 -16.47 -4.17 32.81
CA ARG B 51 -15.11 -3.69 32.84
C ARG B 51 -14.45 -4.19 34.12
N GLN B 52 -13.12 -4.28 34.08
CA GLN B 52 -12.26 -4.57 35.24
C GLN B 52 -12.58 -5.95 35.83
N GLY B 53 -12.33 -6.98 35.02
CA GLY B 53 -12.56 -8.35 35.43
C GLY B 53 -11.32 -9.20 35.19
N TRP B 54 -11.52 -10.51 35.33
CA TRP B 54 -10.44 -11.47 35.17
C TRP B 54 -10.35 -11.92 33.72
N LYS B 55 -9.27 -11.54 33.04
CA LYS B 55 -9.01 -12.00 31.69
C LYS B 55 -8.29 -13.34 31.72
N ILE B 56 -8.31 -14.03 30.59
CA ILE B 56 -7.55 -15.26 30.40
C ILE B 56 -6.75 -15.14 29.12
N HIS B 57 -5.43 -15.30 29.23
CA HIS B 57 -4.53 -15.29 28.10
C HIS B 57 -4.18 -16.73 27.77
N ILE B 58 -4.50 -17.16 26.54
CA ILE B 58 -4.22 -18.51 26.07
C ILE B 58 -3.10 -18.42 25.04
N SER B 59 -2.06 -19.23 25.24
CA SER B 59 -0.89 -19.18 24.37
C SER B 59 -0.66 -20.56 23.76
N SER B 60 0.02 -20.59 22.62
CA SER B 60 0.20 -21.84 21.89
C SER B 60 1.43 -21.74 21.01
N GLU B 61 1.83 -22.90 20.47
CA GLU B 61 2.97 -22.99 19.57
C GLU B 61 2.56 -22.60 18.16
N TYR B 62 3.45 -22.82 17.20
CA TYR B 62 3.19 -22.47 15.81
C TYR B 62 2.47 -23.56 15.03
N ASN B 63 2.78 -24.83 15.33
CA ASN B 63 2.25 -25.93 14.53
C ASN B 63 0.77 -26.16 14.82
N SER B 64 0.39 -26.17 16.10
CA SER B 64 -0.99 -26.44 16.50
C SER B 64 -1.78 -25.16 16.75
N SER B 65 -1.33 -24.04 16.19
CA SER B 65 -1.98 -22.75 16.42
C SER B 65 -3.37 -22.72 15.80
N HIS B 66 -3.51 -23.22 14.56
CA HIS B 66 -4.81 -23.23 13.88
C HIS B 66 -5.80 -24.14 14.60
N GLU B 67 -5.33 -25.32 15.04
CA GLU B 67 -6.20 -26.27 15.73
C GLU B 67 -6.64 -25.73 17.09
N LEU B 68 -5.72 -25.10 17.83
CA LEU B 68 -6.09 -24.54 19.12
C LEU B 68 -7.01 -23.35 18.96
N LEU B 69 -6.81 -22.53 17.92
CA LEU B 69 -7.70 -21.41 17.65
C LEU B 69 -9.11 -21.89 17.30
N GLN B 70 -9.20 -22.94 16.48
CA GLN B 70 -10.50 -23.50 16.14
C GLN B 70 -11.18 -24.13 17.35
N ASP B 71 -10.39 -24.77 18.22
CA ASP B 71 -10.98 -25.37 19.43
C ASP B 71 -11.49 -24.33 20.40
N VAL B 72 -10.72 -23.26 20.64
CA VAL B 72 -11.15 -22.20 21.55
C VAL B 72 -12.36 -21.45 20.97
N ALA B 73 -12.37 -21.24 19.65
CA ALA B 73 -13.54 -20.62 19.03
C ALA B 73 -14.78 -21.50 19.13
N LYS B 74 -14.63 -22.81 18.90
CA LYS B 74 -15.78 -23.69 18.89
C LYS B 74 -16.28 -23.99 20.30
N ILE B 75 -15.42 -23.83 21.31
CA ILE B 75 -15.90 -23.99 22.67
C ILE B 75 -16.43 -22.65 23.19
N CYS B 76 -16.08 -21.54 22.55
CA CYS B 76 -16.51 -20.23 23.01
C CYS B 76 -17.70 -19.65 22.25
N HIS B 77 -18.11 -20.25 21.13
CA HIS B 77 -19.20 -19.67 20.35
C HIS B 77 -20.57 -19.97 20.95
N GLU B 78 -20.77 -21.19 21.47
CA GLU B 78 -22.10 -21.58 21.94
C GLU B 78 -22.47 -20.88 23.24
N MET B 79 -21.49 -20.33 23.94
CA MET B 79 -21.68 -19.64 25.21
C MET B 79 -21.17 -18.20 25.04
N ARG B 80 -21.36 -17.37 26.07
CA ARG B 80 -21.49 -15.94 25.81
C ARG B 80 -20.32 -15.11 26.33
N ILE B 81 -19.11 -15.56 26.05
CA ILE B 81 -17.89 -14.84 26.43
C ILE B 81 -17.27 -14.21 25.18
N PRO B 82 -17.01 -12.89 25.18
CA PRO B 82 -16.30 -12.26 24.06
C PRO B 82 -14.89 -12.79 23.91
N PHE B 83 -14.42 -12.77 22.66
CA PHE B 83 -13.22 -13.52 22.28
C PHE B 83 -12.46 -12.77 21.19
N LYS B 84 -11.15 -12.64 21.33
CA LYS B 84 -10.34 -12.03 20.30
C LYS B 84 -9.02 -12.78 20.17
N HIS B 85 -8.42 -12.68 18.99
CA HIS B 85 -7.21 -13.42 18.69
C HIS B 85 -6.40 -12.69 17.63
N LEU B 86 -5.21 -13.21 17.35
CA LEU B 86 -4.26 -12.58 16.44
C LEU B 86 -4.74 -12.70 15.00
N SER B 87 -4.18 -11.85 14.14
CA SER B 87 -4.65 -11.68 12.77
C SER B 87 -3.99 -12.63 11.79
N THR B 88 -2.66 -12.68 11.76
CA THR B 88 -1.97 -13.44 10.73
C THR B 88 -0.77 -14.16 11.35
N GLU B 89 -0.09 -14.94 10.50
CA GLU B 89 1.08 -15.67 10.96
C GLU B 89 2.25 -14.75 11.26
N ASP B 90 2.39 -13.66 10.50
CA ASP B 90 3.52 -12.74 10.68
C ASP B 90 3.43 -12.01 12.01
N LYS B 91 2.22 -11.60 12.41
CA LYS B 91 2.05 -10.99 13.72
C LYS B 91 2.25 -12.00 14.84
N PHE B 92 1.93 -13.28 14.58
CA PHE B 92 2.20 -14.32 15.57
C PHE B 92 3.70 -14.56 15.74
N ILE B 93 4.45 -14.48 14.65
CA ILE B 93 5.91 -14.56 14.73
C ILE B 93 6.48 -13.33 15.44
N MET B 94 5.88 -12.16 15.20
CA MET B 94 6.34 -10.93 15.84
C MET B 94 6.06 -10.96 17.34
N ARG B 95 4.94 -11.56 17.75
CA ARG B 95 4.64 -11.64 19.18
C ARG B 95 5.34 -12.80 19.87
N ASN B 96 5.92 -13.74 19.12
CA ASN B 96 6.73 -14.82 19.69
C ASN B 96 8.03 -14.87 18.92
N GLY B 97 8.99 -14.06 19.33
CA GLY B 97 10.26 -13.93 18.62
C GLY B 97 11.39 -13.65 19.58
N LYS B 98 12.48 -13.10 19.07
CA LYS B 98 13.65 -12.78 19.87
C LYS B 98 13.89 -11.29 20.04
N VAL B 99 13.24 -10.46 19.22
CA VAL B 99 13.42 -9.00 19.31
C VAL B 99 12.28 -8.36 20.09
N VAL B 100 11.16 -9.07 20.26
CA VAL B 100 10.00 -8.51 20.95
C VAL B 100 10.28 -8.41 22.45
N SER B 101 9.65 -7.43 23.09
CA SER B 101 9.83 -7.24 24.53
C SER B 101 9.23 -8.40 25.31
N ARG B 102 9.88 -8.76 26.41
CA ARG B 102 9.50 -9.92 27.20
C ARG B 102 8.21 -9.73 27.99
N GLY B 103 7.73 -8.49 28.13
CA GLY B 103 6.44 -8.28 28.77
C GLY B 103 5.26 -8.67 27.91
N PHE B 104 5.40 -8.61 26.59
CA PHE B 104 4.33 -8.95 25.63
C PHE B 104 4.82 -10.17 24.86
N SER B 105 4.53 -11.36 25.37
CA SER B 105 4.93 -12.59 24.71
C SER B 105 3.81 -13.62 24.82
N GLY B 106 3.55 -14.32 23.72
CA GLY B 106 2.55 -15.36 23.74
C GLY B 106 1.12 -14.88 23.75
N LYS B 107 0.88 -13.59 23.46
CA LYS B 107 -0.47 -13.05 23.48
C LYS B 107 -1.25 -13.52 22.27
N PHE B 108 -1.81 -14.73 22.33
CA PHE B 108 -2.54 -15.28 21.20
C PHE B 108 -4.06 -15.10 21.34
N ILE B 109 -4.65 -15.61 22.42
CA ILE B 109 -6.09 -15.55 22.62
C ILE B 109 -6.37 -14.93 23.97
N THR B 110 -7.19 -13.87 24.00
CA THR B 110 -7.61 -13.21 25.24
C THR B 110 -9.13 -13.18 25.29
N CYS B 111 -9.73 -14.12 26.01
CA CYS B 111 -11.17 -14.09 26.19
C CYS B 111 -11.54 -13.23 27.40
N TYR B 112 -12.78 -12.76 27.41
CA TYR B 112 -13.25 -11.77 28.39
C TYR B 112 -14.54 -12.22 29.05
N PRO B 113 -14.47 -13.15 30.01
CA PRO B 113 -15.69 -13.67 30.63
C PRO B 113 -16.19 -12.74 31.74
N ASN B 114 -17.21 -13.23 32.45
CA ASN B 114 -17.83 -12.49 33.54
C ASN B 114 -17.41 -13.07 34.88
N GLN B 115 -17.86 -12.42 35.96
CA GLN B 115 -17.53 -12.88 37.30
C GLN B 115 -18.31 -14.13 37.69
N ASN B 116 -19.61 -14.17 37.36
CA ASN B 116 -20.43 -15.30 37.74
C ASN B 116 -20.13 -16.53 36.88
N GLU B 117 -19.97 -16.34 35.58
CA GLU B 117 -19.67 -17.43 34.66
C GLU B 117 -18.17 -17.50 34.41
N LEU B 118 -17.45 -17.77 35.49
CA LEU B 118 -15.99 -17.80 35.46
C LEU B 118 -15.41 -19.17 35.74
N GLU B 119 -15.81 -19.81 36.84
CA GLU B 119 -15.30 -21.14 37.18
C GLU B 119 -15.72 -22.16 36.13
N SER B 120 -16.96 -22.03 35.62
CA SER B 120 -17.46 -22.91 34.58
C SER B 120 -16.66 -22.77 33.29
N VAL B 121 -16.33 -21.53 32.90
CA VAL B 121 -15.63 -21.37 31.63
C VAL B 121 -14.17 -21.76 31.76
N LEU B 122 -13.56 -21.60 32.95
CA LEU B 122 -12.19 -22.11 33.13
C LEU B 122 -12.14 -23.64 33.13
N GLN B 123 -13.08 -24.31 33.81
CA GLN B 123 -13.05 -25.77 33.78
C GLN B 123 -13.43 -26.30 32.41
N ARG B 124 -14.32 -25.60 31.69
CA ARG B 124 -14.67 -25.99 30.33
C ARG B 124 -13.49 -25.83 29.39
N LEU B 125 -12.74 -24.73 29.53
CA LEU B 125 -11.56 -24.52 28.69
C LEU B 125 -10.46 -25.54 28.99
N GLU B 126 -10.25 -25.86 30.26
CA GLU B 126 -9.23 -26.83 30.62
C GLU B 126 -9.57 -28.22 30.10
N SER B 127 -10.82 -28.65 30.29
CA SER B 127 -11.24 -29.96 29.80
C SER B 127 -11.35 -29.98 28.28
N ALA B 128 -11.60 -28.83 27.66
CA ALA B 128 -11.74 -28.78 26.22
C ALA B 128 -10.38 -28.87 25.53
N LEU B 129 -9.45 -27.99 25.90
CA LEU B 129 -8.10 -28.08 25.34
C LEU B 129 -7.38 -29.33 25.83
N LYS B 130 -7.00 -29.37 27.12
CA LYS B 130 -6.36 -30.51 27.80
C LYS B 130 -5.00 -30.95 27.22
N GLN B 131 -4.53 -30.31 26.17
CA GLN B 131 -3.26 -30.61 25.51
C GLN B 131 -2.79 -29.32 24.85
N TYR B 132 -1.93 -29.46 23.83
CA TYR B 132 -1.30 -28.38 23.06
C TYR B 132 -0.47 -27.47 23.96
N ASN B 133 0.63 -28.02 24.49
CA ASN B 133 1.55 -27.24 25.32
C ASN B 133 2.18 -26.12 24.51
N GLY B 134 2.45 -25.00 25.18
CA GLY B 134 2.96 -23.84 24.51
C GLY B 134 3.85 -22.97 25.39
N PRO B 135 4.01 -21.70 25.01
CA PRO B 135 4.85 -20.78 25.77
C PRO B 135 4.25 -20.46 27.13
N TYR B 136 5.12 -20.12 28.07
CA TYR B 136 4.73 -19.60 29.37
C TYR B 136 4.83 -18.07 29.29
N ILE B 137 3.68 -17.40 29.37
CA ILE B 137 3.67 -15.95 29.39
C ILE B 137 4.22 -15.46 30.73
N LEU B 138 5.02 -14.40 30.69
CA LEU B 138 5.55 -13.79 31.91
C LEU B 138 4.57 -12.75 32.48
N SER B 139 3.35 -13.19 32.69
CA SER B 139 2.33 -12.37 33.33
C SER B 139 1.62 -13.09 34.47
N ASP B 140 1.39 -14.39 34.35
CA ASP B 140 0.58 -15.14 35.30
C ASP B 140 1.26 -16.45 35.69
N LYS B 141 0.49 -17.29 36.37
CA LYS B 141 0.86 -18.67 36.63
C LYS B 141 0.05 -19.60 35.74
N ARG B 142 0.65 -20.73 35.37
CA ARG B 142 -0.01 -21.66 34.46
C ARG B 142 -1.13 -22.42 35.16
N TRP B 143 -2.37 -22.04 34.91
CA TRP B 143 -3.51 -22.76 35.43
C TRP B 143 -3.63 -24.11 34.72
N ASP B 144 -3.74 -25.18 35.51
CA ASP B 144 -3.90 -26.58 35.11
C ASP B 144 -2.72 -26.99 34.22
N GLU B 145 -2.96 -27.91 33.28
CA GLU B 145 -1.93 -28.39 32.37
C GLU B 145 -1.95 -27.69 31.02
N ALA B 146 -3.14 -27.33 30.53
CA ALA B 146 -3.24 -26.57 29.30
C ALA B 146 -2.72 -25.15 29.53
N PRO B 147 -2.16 -24.51 28.48
CA PRO B 147 -1.61 -23.16 28.66
C PRO B 147 -2.70 -22.11 28.86
N ILE B 148 -3.24 -22.07 30.08
CA ILE B 148 -4.30 -21.16 30.47
C ILE B 148 -3.74 -20.27 31.57
N TYR B 149 -3.84 -18.95 31.38
CA TYR B 149 -3.22 -18.00 32.30
C TYR B 149 -4.19 -16.86 32.57
N LEU B 150 -4.48 -16.62 33.84
CA LEU B 150 -5.49 -15.65 34.25
C LEU B 150 -4.82 -14.36 34.71
N ARG B 151 -4.98 -13.30 33.92
CA ARG B 151 -4.44 -12.00 34.26
C ARG B 151 -5.57 -11.04 34.57
N TYR B 152 -5.43 -10.28 35.65
CA TYR B 152 -6.43 -9.28 36.03
C TYR B 152 -6.14 -8.02 35.22
N GLY B 153 -6.55 -8.05 33.97
CA GLY B 153 -6.14 -7.04 33.01
C GLY B 153 -7.18 -5.98 32.71
N VAL B 154 -7.12 -5.46 31.49
CA VAL B 154 -7.90 -4.30 31.07
C VAL B 154 -8.97 -4.75 30.08
N PHE B 155 -10.18 -4.22 30.26
CA PHE B 155 -11.35 -4.51 29.45
C PHE B 155 -11.65 -3.32 28.56
N ARG B 156 -12.82 -3.36 27.92
CA ARG B 156 -13.46 -2.30 27.13
C ARG B 156 -13.39 -0.93 27.82
N PRO B 157 -13.31 0.16 27.04
CA PRO B 157 -13.27 1.50 27.65
C PRO B 157 -14.58 1.84 28.38
N SER B 158 -14.46 2.75 29.34
CA SER B 158 -15.51 3.00 30.31
C SER B 158 -16.75 3.63 29.65
N ARG B 159 -17.91 3.26 30.18
CA ARG B 159 -19.18 3.70 29.64
C ARG B 159 -19.41 5.18 29.95
N ASP B 160 -20.40 5.76 29.25
CA ASP B 160 -20.73 7.16 29.43
C ASP B 160 -21.33 7.47 30.81
N ASP B 161 -22.04 6.52 31.41
CA ASP B 161 -22.56 6.69 32.76
C ASP B 161 -21.52 6.43 33.85
N GLU B 162 -20.45 5.69 33.54
CA GLU B 162 -19.36 5.49 34.47
C GLU B 162 -18.33 6.59 34.27
N LYS B 163 -17.41 6.76 35.22
CA LYS B 163 -16.39 7.79 35.11
C LYS B 163 -15.01 7.20 35.35
N LYS B 164 -13.97 8.04 35.27
CA LYS B 164 -12.57 7.66 35.46
C LYS B 164 -12.15 6.54 34.50
N VAL B 165 -12.12 6.87 33.20
CA VAL B 165 -11.86 5.92 32.13
C VAL B 165 -10.48 5.28 32.31
N ALA B 166 -9.42 6.09 32.25
CA ALA B 166 -8.07 5.76 32.70
C ALA B 166 -7.51 4.46 32.14
N ILE B 167 -7.25 4.44 30.83
CA ILE B 167 -6.81 3.25 30.11
C ILE B 167 -5.49 2.73 30.67
N ASP B 168 -5.46 1.43 30.99
CA ASP B 168 -4.34 0.72 31.64
C ASP B 168 -3.99 1.34 32.99
N GLU B 169 -5.02 1.72 33.75
CA GLU B 169 -4.85 2.13 35.13
C GLU B 169 -5.71 1.33 36.10
N LEU B 170 -6.63 0.50 35.62
CA LEU B 170 -7.21 -0.67 36.28
C LEU B 170 -8.19 -0.35 37.42
N ILE B 171 -8.24 0.92 37.87
CA ILE B 171 -9.15 1.54 38.84
C ILE B 171 -9.54 0.60 39.98
N VAL B 172 -8.69 0.48 41.00
CA VAL B 172 -8.95 -0.48 42.08
C VAL B 172 -10.10 0.00 42.95
N GLY B 173 -9.98 1.20 43.51
CA GLY B 173 -11.06 1.83 44.23
C GLY B 173 -11.32 3.21 43.67
N ASP B 174 -11.22 4.23 44.51
CA ASP B 174 -11.14 5.59 43.98
C ASP B 174 -9.78 5.86 43.36
N GLU B 175 -8.75 5.15 43.80
CA GLU B 175 -7.39 5.30 43.31
C GLU B 175 -7.10 4.28 42.22
N VAL B 176 -6.20 4.64 41.31
CA VAL B 176 -5.85 3.81 40.17
C VAL B 176 -4.36 3.49 40.22
N VAL B 177 -4.03 2.23 39.89
CA VAL B 177 -2.66 1.74 39.98
C VAL B 177 -2.13 1.49 38.57
N LYS B 178 -0.88 1.87 38.32
CA LYS B 178 -0.29 1.67 37.00
C LYS B 178 -0.07 0.18 36.74
N ASP B 179 -0.69 -0.32 35.67
CA ASP B 179 -0.60 -1.73 35.30
C ASP B 179 0.77 -1.98 34.69
N GLU B 180 1.75 -2.17 35.57
CA GLU B 180 3.12 -2.43 35.12
C GLU B 180 3.22 -3.84 34.56
N ARG B 181 3.87 -3.96 33.41
CA ARG B 181 4.02 -5.26 32.74
C ARG B 181 5.31 -5.96 33.18
N LEU B 182 5.42 -6.18 34.49
CA LEU B 182 6.57 -6.89 35.06
C LEU B 182 6.50 -8.37 34.69
N PRO B 183 7.65 -9.01 34.47
CA PRO B 183 7.65 -10.45 34.17
C PRO B 183 7.12 -11.32 35.29
N VAL B 184 7.29 -10.92 36.54
CA VAL B 184 6.80 -11.69 37.67
C VAL B 184 5.31 -11.45 37.83
N PHE B 185 4.57 -12.52 38.10
CA PHE B 185 3.13 -12.40 38.36
C PHE B 185 2.92 -11.73 39.71
N LYS B 186 2.52 -10.46 39.67
CA LYS B 186 2.30 -9.66 40.87
C LYS B 186 0.84 -9.23 40.90
N ILE B 187 0.14 -9.63 41.96
CA ILE B 187 -1.26 -9.20 42.13
C ILE B 187 -1.27 -7.74 42.57
N PRO B 188 -2.04 -6.87 41.92
CA PRO B 188 -2.12 -5.47 42.36
C PRO B 188 -2.84 -5.33 43.70
N LYS B 189 -2.67 -4.14 44.29
CA LYS B 189 -3.16 -3.88 45.64
C LYS B 189 -4.68 -3.86 45.69
N GLY B 190 -5.22 -4.12 46.88
CA GLY B 190 -6.65 -4.31 47.02
C GLY B 190 -7.07 -5.65 46.44
N ILE B 191 -8.18 -5.60 45.68
CA ILE B 191 -8.81 -6.66 44.88
C ILE B 191 -8.83 -8.04 45.53
N VAL B 192 -9.93 -8.36 46.23
CA VAL B 192 -10.06 -9.69 46.83
C VAL B 192 -10.29 -10.72 45.72
N PRO B 193 -9.49 -11.78 45.65
CA PRO B 193 -9.74 -12.83 44.67
C PRO B 193 -10.98 -13.62 45.04
N PRO B 194 -11.62 -14.29 44.08
CA PRO B 194 -12.77 -15.14 44.41
C PRO B 194 -12.35 -16.38 45.19
N ASP B 195 -13.37 -17.04 45.76
CA ASP B 195 -13.12 -18.15 46.67
C ASP B 195 -12.57 -19.37 45.95
N PHE B 196 -13.02 -19.62 44.72
CA PHE B 196 -12.48 -20.75 43.96
C PHE B 196 -11.09 -20.46 43.40
N LEU B 197 -10.69 -19.19 43.32
CA LEU B 197 -9.34 -18.84 42.89
C LEU B 197 -8.39 -18.62 44.05
N ASN B 198 -8.89 -18.56 45.29
CA ASN B 198 -8.01 -18.36 46.44
C ASN B 198 -7.17 -19.60 46.72
N LYS B 199 -7.66 -20.78 46.38
CA LYS B 199 -6.90 -22.01 46.55
C LYS B 199 -5.92 -22.27 45.41
N TRP B 200 -5.94 -21.43 44.37
CA TRP B 200 -5.01 -21.57 43.26
C TRP B 200 -3.75 -20.74 43.46
N LEU B 201 -3.85 -19.61 44.17
CA LEU B 201 -2.72 -18.72 44.36
C LEU B 201 -1.71 -19.24 45.38
N ASP B 202 -2.03 -20.28 46.13
CA ASP B 202 -1.13 -20.79 47.15
C ASP B 202 -0.69 -22.23 46.93
N LYS B 203 -0.65 -22.70 45.68
CA LYS B 203 -0.22 -24.07 45.41
C LYS B 203 1.31 -24.10 45.33
N LYS B 204 1.98 -24.08 46.48
CA LYS B 204 3.43 -24.10 46.54
C LYS B 204 3.93 -25.53 46.61
N ASP B 205 5.01 -25.84 45.90
CA ASP B 205 5.54 -27.19 45.86
C ASP B 205 6.92 -27.18 46.50
N LYS B 206 7.38 -28.36 46.92
CA LYS B 206 8.61 -28.50 47.70
C LYS B 206 9.86 -28.37 46.85
N LYS B 207 11.01 -28.61 47.45
CA LYS B 207 12.30 -28.39 46.81
C LYS B 207 12.78 -29.72 46.22
N GLN B 208 13.88 -29.67 45.48
CA GLN B 208 14.40 -30.82 44.73
C GLN B 208 15.89 -30.53 44.56
N GLY B 209 16.56 -31.23 43.64
CA GLY B 209 17.99 -31.05 43.41
C GLY B 209 18.32 -29.73 42.76
N ASP B 210 18.24 -28.66 43.56
CA ASP B 210 18.34 -27.28 43.11
C ASP B 210 19.68 -27.00 42.43
N PHE B 211 19.62 -26.17 41.38
CA PHE B 211 20.72 -25.79 40.50
C PHE B 211 21.87 -25.14 41.25
N PRO B 212 23.12 -25.51 40.97
CA PRO B 212 24.25 -24.89 41.66
C PRO B 212 24.74 -23.62 40.99
N PHE B 213 23.84 -22.66 40.75
CA PHE B 213 24.16 -21.42 40.07
C PHE B 213 23.91 -20.25 41.00
N ILE B 214 24.82 -19.29 40.99
CA ILE B 214 24.64 -18.01 41.67
C ILE B 214 24.65 -16.93 40.61
N ILE B 215 23.47 -16.41 40.28
CA ILE B 215 23.31 -15.44 39.22
C ILE B 215 23.64 -14.06 39.78
N ASP B 216 24.60 -13.38 39.16
CA ASP B 216 25.11 -12.13 39.69
C ASP B 216 24.65 -10.91 38.89
N ASN B 217 24.57 -11.04 37.56
CA ASN B 217 24.31 -9.89 36.72
C ASN B 217 23.34 -10.26 35.60
N ALA B 218 22.91 -9.24 34.87
CA ALA B 218 21.98 -9.41 33.76
C ALA B 218 22.12 -8.24 32.81
N ILE B 219 22.47 -8.53 31.54
CA ILE B 219 22.79 -7.47 30.59
C ILE B 219 21.82 -7.46 29.42
N ARG B 220 21.36 -8.63 28.99
CA ARG B 220 20.80 -8.76 27.65
C ARG B 220 19.50 -9.56 27.64
N PHE B 221 18.55 -9.20 28.50
CA PHE B 221 17.25 -9.87 28.49
C PHE B 221 16.46 -9.51 27.23
N SER B 222 16.59 -10.32 26.17
CA SER B 222 15.91 -9.99 24.93
C SER B 222 14.46 -10.48 24.93
N ASN B 223 14.26 -11.79 24.89
CA ASN B 223 12.93 -12.35 25.09
C ASN B 223 12.94 -13.61 25.94
N SER B 224 14.05 -14.35 25.90
CA SER B 224 14.05 -15.69 26.49
C SER B 224 15.26 -15.92 27.37
N GLY B 225 16.40 -15.32 27.03
CA GLY B 225 17.63 -15.57 27.77
C GLY B 225 18.38 -14.31 28.09
N GLY B 226 19.70 -14.35 27.98
CA GLY B 226 20.51 -13.18 28.26
C GLY B 226 21.98 -13.50 28.18
N ILE B 227 22.75 -12.45 27.90
CA ILE B 227 24.20 -12.51 27.98
C ILE B 227 24.58 -12.07 29.39
N TYR B 228 24.70 -13.04 30.30
CA TYR B 228 24.81 -12.71 31.71
C TYR B 228 25.60 -13.81 32.42
N ASN B 229 26.47 -13.37 33.33
CA ASN B 229 27.39 -14.27 34.01
C ASN B 229 26.72 -14.92 35.21
N ALA B 230 27.42 -15.89 35.80
CA ALA B 230 26.96 -16.59 36.99
C ALA B 230 28.17 -17.11 37.73
N ARG B 231 27.93 -17.71 38.89
CA ARG B 231 28.99 -18.29 39.70
C ARG B 231 28.70 -19.77 39.90
N LEU B 232 29.72 -20.60 39.74
CA LEU B 232 29.61 -22.04 39.89
C LEU B 232 30.10 -22.46 41.27
N LYS B 233 29.36 -23.35 41.91
CA LYS B 233 29.68 -23.77 43.27
C LYS B 233 30.90 -24.69 43.34
N GLU B 234 31.21 -25.40 42.27
CA GLU B 234 32.25 -26.41 42.28
C GLU B 234 33.49 -25.97 41.51
N ASP B 235 33.33 -25.57 40.25
CA ASP B 235 34.45 -25.08 39.44
C ASP B 235 34.59 -23.58 39.66
N GLY B 236 35.80 -23.17 40.00
CA GLY B 236 36.08 -21.79 40.32
C GLY B 236 36.08 -20.83 39.14
N LYS B 237 36.08 -21.38 37.93
CA LYS B 237 36.06 -20.54 36.73
C LYS B 237 34.70 -19.88 36.55
N LYS B 238 34.68 -18.71 35.92
CA LYS B 238 33.44 -17.99 35.67
C LYS B 238 32.62 -18.72 34.62
N ILE B 239 31.30 -18.72 34.81
CA ILE B 239 30.36 -19.41 33.95
C ILE B 239 29.37 -18.39 33.39
N ILE B 240 29.05 -18.52 32.11
CA ILE B 240 28.00 -17.74 31.47
C ILE B 240 27.03 -18.72 30.83
N LEU B 241 25.74 -18.56 31.13
CA LEU B 241 24.72 -19.50 30.72
C LEU B 241 23.67 -18.82 29.84
N LYS B 242 22.94 -19.64 29.11
CA LYS B 242 21.84 -19.21 28.26
C LYS B 242 20.55 -19.83 28.77
N GLU B 243 19.45 -19.08 28.62
CA GLU B 243 18.13 -19.53 29.05
C GLU B 243 17.25 -19.75 27.84
N ALA B 244 16.67 -20.95 27.73
CA ALA B 244 15.82 -21.32 26.61
C ALA B 244 14.43 -21.63 27.15
N ARG B 245 13.58 -20.61 27.24
CA ARG B 245 12.17 -20.85 27.49
C ARG B 245 11.57 -21.54 26.28
N PRO B 246 10.76 -22.59 26.48
CA PRO B 246 10.21 -23.32 25.33
C PRO B 246 9.21 -22.50 24.54
N TYR B 247 9.17 -22.76 23.24
CA TYR B 247 8.19 -22.21 22.29
C TYR B 247 8.24 -20.69 22.18
N THR B 248 9.40 -20.09 22.46
CA THR B 248 9.59 -18.67 22.21
C THR B 248 10.93 -18.44 21.51
N GLY B 249 10.98 -17.37 20.71
CA GLY B 249 12.14 -17.09 19.92
C GLY B 249 12.01 -17.72 18.56
N LEU B 250 11.78 -16.93 17.52
CA LEU B 250 11.48 -17.50 16.22
C LEU B 250 12.02 -16.61 15.11
N GLY B 251 12.38 -17.25 14.00
CA GLY B 251 12.53 -16.57 12.73
C GLY B 251 11.27 -16.67 11.90
N PHE B 252 11.41 -16.37 10.61
CA PHE B 252 10.29 -16.56 9.70
C PHE B 252 9.98 -18.03 9.47
N ASP B 253 10.97 -18.91 9.63
CA ASP B 253 10.74 -20.34 9.68
C ASP B 253 10.45 -20.76 11.11
N GLY B 254 9.80 -21.90 11.26
CA GLY B 254 9.40 -22.38 12.58
C GLY B 254 10.53 -23.05 13.34
N THR B 255 11.53 -22.27 13.73
CA THR B 255 12.68 -22.78 14.49
C THR B 255 12.72 -22.05 15.82
N TYR B 256 12.49 -22.78 16.90
CA TYR B 256 12.56 -22.21 18.23
C TYR B 256 14.01 -22.15 18.71
N SER B 257 14.23 -21.40 19.79
CA SER B 257 15.57 -21.23 20.32
C SER B 257 16.08 -22.46 21.05
N SER B 258 15.18 -23.38 21.43
CA SER B 258 15.59 -24.60 22.12
C SER B 258 16.45 -25.49 21.23
N GLU B 259 16.03 -25.69 19.98
CA GLU B 259 16.86 -26.46 19.06
C GLU B 259 18.08 -25.68 18.58
N LYS B 260 18.04 -24.34 18.64
CA LYS B 260 19.25 -23.56 18.36
C LYS B 260 20.32 -23.80 19.43
N LEU B 261 19.91 -23.78 20.70
CA LEU B 261 20.87 -24.07 21.76
C LEU B 261 21.24 -25.55 21.79
N ALA B 262 20.35 -26.43 21.32
CA ALA B 262 20.70 -27.84 21.15
C ALA B 262 21.76 -28.01 20.06
N SER B 263 21.65 -27.24 18.98
CA SER B 263 22.67 -27.26 17.94
C SER B 263 23.99 -26.71 18.46
N GLU B 264 23.94 -25.66 19.30
CA GLU B 264 25.16 -25.15 19.92
C GLU B 264 25.78 -26.17 20.86
N CYS B 265 24.96 -26.93 21.58
CA CYS B 265 25.46 -27.98 22.46
C CYS B 265 26.11 -29.10 21.66
N LYS B 266 25.48 -29.54 20.57
CA LYS B 266 26.03 -30.62 19.77
C LYS B 266 27.22 -30.15 18.93
N ALA B 267 27.38 -28.85 18.74
CA ALA B 267 28.59 -28.34 18.11
C ALA B 267 29.74 -28.26 19.11
N LEU B 268 29.53 -27.57 20.24
CA LEU B 268 30.59 -27.38 21.21
C LEU B 268 30.91 -28.63 22.03
N LYS B 269 30.10 -29.69 21.92
CA LYS B 269 30.49 -30.96 22.51
C LYS B 269 31.65 -31.59 21.74
N ILE B 270 31.61 -31.53 20.41
CA ILE B 270 32.73 -32.02 19.63
C ILE B 270 33.80 -30.95 19.42
N LEU B 271 33.48 -29.69 19.71
CA LEU B 271 34.49 -28.64 19.79
C LEU B 271 34.94 -28.47 21.25
N ASN B 272 35.72 -29.44 21.69
CA ASN B 272 36.27 -29.45 23.04
C ASN B 272 37.77 -29.67 23.09
N GLU B 273 38.37 -30.22 22.05
CA GLU B 273 39.79 -30.52 22.02
C GLU B 273 40.63 -29.37 21.51
N TRP B 274 40.02 -28.26 21.12
CA TRP B 274 40.76 -27.15 20.55
C TRP B 274 41.19 -26.16 21.62
N SER B 275 41.95 -25.16 21.20
CA SER B 275 42.62 -24.25 22.14
C SER B 275 41.63 -23.33 22.84
N GLU B 276 40.63 -22.86 22.11
CA GLU B 276 39.65 -21.94 22.71
C GLU B 276 38.47 -22.75 23.24
N ALA B 277 37.73 -23.42 22.33
CA ALA B 277 36.78 -24.52 22.50
C ALA B 277 35.90 -24.44 23.75
N PRO B 278 34.95 -23.52 23.84
CA PRO B 278 34.17 -23.38 25.08
C PRO B 278 33.24 -24.56 25.27
N LYS B 279 33.63 -25.45 26.19
CA LYS B 279 32.93 -26.71 26.39
C LYS B 279 31.72 -26.53 27.29
N ILE B 280 30.79 -27.46 27.19
CA ILE B 280 29.57 -27.44 27.99
C ILE B 280 29.90 -28.02 29.35
N TYR B 281 29.93 -27.17 30.37
CA TYR B 281 30.17 -27.65 31.73
C TYR B 281 28.96 -28.39 32.29
N TRP B 282 27.76 -27.95 31.95
CA TRP B 282 26.54 -28.62 32.40
C TRP B 282 25.45 -28.41 31.37
N HIS B 283 24.72 -29.48 31.07
CA HIS B 283 23.59 -29.41 30.15
C HIS B 283 22.44 -30.19 30.75
N GLY B 284 21.26 -29.57 30.78
CA GLY B 284 20.09 -30.24 31.31
C GLY B 284 18.89 -29.30 31.32
N LYS B 285 17.72 -29.91 31.41
CA LYS B 285 16.45 -29.19 31.44
C LYS B 285 15.90 -29.25 32.86
N ILE B 286 15.77 -28.09 33.48
CA ILE B 286 15.21 -27.98 34.84
C ILE B 286 13.84 -27.30 34.74
N TRP B 287 12.87 -27.87 35.47
CA TRP B 287 11.45 -27.54 35.43
C TRP B 287 10.92 -27.63 34.00
N GLU B 288 10.90 -26.52 33.27
CA GLU B 288 10.46 -26.51 31.89
C GLU B 288 11.45 -25.83 30.94
N HIS B 289 12.21 -24.85 31.41
CA HIS B 289 13.22 -24.20 30.59
C HIS B 289 14.42 -25.12 30.38
N THR B 290 15.27 -24.74 29.43
CA THR B 290 16.51 -25.45 29.15
C THR B 290 17.68 -24.49 29.36
N PHE B 291 18.65 -24.91 30.18
CA PHE B 291 19.81 -24.09 30.49
C PHE B 291 21.06 -24.70 29.86
N LEU B 292 22.04 -23.85 29.59
CA LEU B 292 23.27 -24.27 28.93
C LEU B 292 24.37 -23.29 29.30
N GLY B 293 25.29 -23.73 30.16
CA GLY B 293 26.38 -22.90 30.63
C GLY B 293 27.69 -23.26 29.93
N ILE B 294 28.41 -22.24 29.48
CA ILE B 294 29.67 -22.40 28.78
C ILE B 294 30.72 -21.52 29.45
N GLU B 295 31.99 -21.91 29.29
CA GLU B 295 33.10 -21.20 29.88
C GLU B 295 33.39 -19.91 29.11
N HIS B 296 33.75 -18.88 29.85
CA HIS B 296 34.08 -17.57 29.28
C HIS B 296 35.56 -17.31 29.47
N MET B 297 36.26 -17.02 28.37
CA MET B 297 37.68 -16.72 28.40
C MET B 297 37.88 -15.21 28.47
N LYS B 298 38.98 -14.79 29.11
CA LYS B 298 39.27 -13.38 29.25
C LYS B 298 39.72 -12.80 27.92
N GLY B 299 39.15 -11.67 27.55
CA GLY B 299 39.49 -11.03 26.31
C GLY B 299 38.57 -9.86 26.01
N VAL B 300 38.75 -9.30 24.82
CA VAL B 300 37.97 -8.16 24.36
C VAL B 300 37.36 -8.48 23.00
N PRO B 301 36.18 -7.96 22.67
CA PRO B 301 35.65 -8.15 21.31
C PRO B 301 36.41 -7.34 20.30
N LEU B 302 36.19 -7.66 19.03
CA LEU B 302 37.02 -7.12 17.95
C LEU B 302 36.70 -5.66 17.64
N ASN B 303 35.53 -5.16 18.04
CA ASN B 303 35.26 -3.72 18.02
C ASN B 303 36.29 -2.95 18.85
N ARG B 304 36.49 -3.39 20.09
CA ARG B 304 37.42 -2.70 20.97
C ARG B 304 38.86 -2.90 20.52
N TRP B 305 39.17 -4.07 19.94
CA TRP B 305 40.53 -4.31 19.45
C TRP B 305 40.84 -3.44 18.24
N VAL B 306 39.86 -3.25 17.35
CA VAL B 306 40.07 -2.38 16.21
C VAL B 306 40.15 -0.92 16.65
N THR B 307 39.25 -0.49 17.54
CA THR B 307 39.26 0.92 17.95
C THR B 307 40.39 1.24 18.93
N ASN B 308 41.07 0.24 19.48
CA ASN B 308 42.25 0.49 20.30
C ASN B 308 43.56 0.25 19.56
N ASN B 309 43.56 -0.59 18.53
CA ASN B 309 44.76 -0.91 17.76
C ASN B 309 44.47 -0.62 16.29
N PHE B 310 44.68 0.63 15.88
CA PHE B 310 44.56 1.10 14.51
C PHE B 310 45.23 2.47 14.43
N PRO B 311 45.99 2.76 13.38
CA PRO B 311 46.67 4.06 13.29
C PRO B 311 45.72 5.20 12.94
N LEU B 312 44.86 5.59 13.88
CA LEU B 312 44.00 6.75 13.66
C LEU B 312 44.81 8.04 13.64
N TYR B 313 45.73 8.18 14.58
CA TYR B 313 46.57 9.36 14.70
C TYR B 313 48.01 9.01 14.39
N GLU B 314 48.82 10.04 14.19
CA GLU B 314 50.23 9.86 13.91
C GLU B 314 51.06 9.61 15.17
N VAL B 315 50.48 9.82 16.35
CA VAL B 315 51.21 9.62 17.59
C VAL B 315 50.79 8.34 18.31
N VAL B 316 49.61 7.78 17.99
CA VAL B 316 49.16 6.56 18.66
C VAL B 316 49.91 5.35 18.10
N ASP B 317 50.30 5.39 16.83
CA ASP B 317 51.05 4.30 16.21
C ASP B 317 52.53 4.63 16.26
N LYS B 318 53.26 3.94 17.12
CA LYS B 318 54.70 4.12 17.26
C LYS B 318 55.43 2.86 16.83
N THR B 319 56.48 3.05 16.02
CA THR B 319 57.29 1.98 15.40
C THR B 319 56.44 1.01 14.59
N LYS B 320 55.33 1.51 14.01
CA LYS B 320 54.36 0.79 13.20
C LYS B 320 53.85 -0.47 13.91
N ASP B 321 54.16 -1.64 13.34
CA ASP B 321 53.88 -2.97 13.91
C ASP B 321 52.39 -3.18 14.16
N TYR B 322 51.60 -3.01 13.11
CA TYR B 322 50.18 -3.29 13.15
C TYR B 322 49.74 -4.27 12.07
N LEU B 323 50.30 -4.15 10.86
CA LEU B 323 49.94 -5.08 9.79
C LEU B 323 50.51 -6.46 10.04
N LEU B 324 51.61 -6.56 10.80
CA LEU B 324 52.11 -7.86 11.23
C LEU B 324 51.11 -8.55 12.16
N ARG B 325 50.51 -7.78 13.08
CA ARG B 325 49.47 -8.30 13.96
C ARG B 325 48.24 -8.72 13.16
N VAL B 326 47.87 -7.91 12.16
CA VAL B 326 46.72 -8.22 11.30
C VAL B 326 46.98 -9.51 10.52
N SER B 327 48.18 -9.66 9.98
CA SER B 327 48.53 -10.87 9.23
C SER B 327 48.54 -12.09 10.13
N LYS B 328 49.03 -11.94 11.37
CA LYS B 328 49.02 -13.04 12.32
C LYS B 328 47.60 -13.47 12.68
N ILE B 329 46.71 -12.51 12.95
CA ILE B 329 45.37 -12.91 13.38
C ILE B 329 44.52 -13.41 12.19
N VAL B 330 44.76 -12.89 10.99
CA VAL B 330 44.06 -13.44 9.81
C VAL B 330 44.58 -14.84 9.49
N GLU B 331 45.89 -15.08 9.65
CA GLU B 331 46.42 -16.43 9.44
C GLU B 331 45.88 -17.41 10.47
N LYS B 332 45.74 -16.96 11.73
CA LYS B 332 45.11 -17.80 12.75
C LYS B 332 43.65 -18.06 12.42
N LEU B 333 42.96 -17.04 11.89
CA LEU B 333 41.56 -17.21 11.47
C LEU B 333 41.42 -18.22 10.34
N ILE B 334 42.34 -18.18 9.38
CA ILE B 334 42.29 -19.10 8.24
C ILE B 334 42.58 -20.53 8.70
N ASP B 335 43.60 -20.70 9.55
CA ASP B 335 43.95 -22.03 10.05
C ASP B 335 42.82 -22.61 10.92
N LEU B 336 42.24 -21.79 11.79
CA LEU B 336 41.17 -22.31 12.65
C LEU B 336 39.87 -22.50 11.88
N THR B 337 39.65 -21.73 10.81
CA THR B 337 38.48 -21.92 9.97
C THR B 337 38.58 -23.22 9.19
N ASN B 338 39.77 -23.51 8.65
CA ASN B 338 39.98 -24.80 8.00
C ASN B 338 40.03 -25.96 9.00
N LYS B 339 40.25 -25.66 10.28
CA LYS B 339 40.30 -26.71 11.29
C LYS B 339 38.94 -27.39 11.49
N PHE B 340 37.87 -26.62 11.66
CA PHE B 340 36.57 -27.24 11.91
C PHE B 340 35.79 -27.52 10.63
N HIS B 341 36.37 -27.30 9.46
CA HIS B 341 35.70 -27.64 8.21
C HIS B 341 35.89 -29.10 7.82
N SER B 342 36.58 -29.89 8.65
CA SER B 342 36.80 -31.31 8.39
C SER B 342 35.73 -32.20 9.01
N GLU B 343 35.26 -31.88 10.22
CA GLU B 343 34.28 -32.70 10.90
C GLU B 343 32.84 -32.24 10.66
N ASN B 344 32.62 -31.45 9.60
CA ASN B 344 31.29 -31.02 9.12
C ASN B 344 30.55 -30.23 10.20
N VAL B 345 31.18 -29.12 10.61
CA VAL B 345 30.57 -28.16 11.52
C VAL B 345 30.95 -26.76 11.04
N TYR B 346 30.00 -25.84 11.12
CA TYR B 346 30.20 -24.50 10.59
C TYR B 346 29.57 -23.49 11.54
N HIS B 347 29.79 -22.21 11.25
CA HIS B 347 29.35 -21.12 12.12
C HIS B 347 28.07 -20.45 11.64
N GLN B 348 28.04 -20.05 10.36
CA GLN B 348 26.94 -19.35 9.69
C GLN B 348 26.60 -17.99 10.27
N ASP B 349 27.46 -17.45 11.14
CA ASP B 349 27.30 -16.11 11.68
C ASP B 349 28.70 -15.67 12.11
N LEU B 350 29.32 -14.84 11.29
CA LEU B 350 30.63 -14.28 11.60
C LEU B 350 30.43 -12.80 11.90
N HIS B 351 30.63 -12.43 13.16
CA HIS B 351 30.39 -11.09 13.65
C HIS B 351 31.63 -10.59 14.40
N LEU B 352 31.71 -9.28 14.54
CA LEU B 352 32.77 -8.66 15.33
C LEU B 352 32.70 -9.10 16.79
N GLY B 353 31.50 -9.20 17.34
CA GLY B 353 31.33 -9.67 18.71
C GLY B 353 31.49 -11.16 18.89
N ASN B 354 31.53 -11.92 17.80
CA ASN B 354 31.75 -13.36 17.87
C ASN B 354 33.21 -13.75 17.85
N ILE B 355 34.11 -12.81 17.58
CA ILE B 355 35.55 -13.07 17.56
C ILE B 355 36.16 -12.41 18.78
N LEU B 356 36.71 -13.22 19.68
CA LEU B 356 37.30 -12.74 20.92
C LEU B 356 38.82 -12.81 20.81
N VAL B 357 39.49 -11.72 21.14
CA VAL B 357 40.95 -11.67 21.11
C VAL B 357 41.45 -11.31 22.51
N LYS B 358 42.68 -11.71 22.79
CA LYS B 358 43.27 -11.60 24.12
C LYS B 358 44.71 -11.15 23.96
N ASP B 359 45.50 -11.33 25.02
CA ASP B 359 46.92 -10.99 24.96
C ASP B 359 47.67 -11.89 23.98
N GLU B 360 48.75 -11.34 23.43
CA GLU B 360 49.62 -11.95 22.41
C GLU B 360 48.88 -12.32 21.12
N ASP B 361 47.74 -11.65 20.87
CA ASP B 361 46.94 -11.75 19.64
C ASP B 361 46.49 -13.19 19.37
N GLU B 362 45.73 -13.73 20.31
CA GLU B 362 45.15 -15.07 20.19
C GLU B 362 43.65 -14.93 20.00
N ILE B 363 43.14 -15.45 18.88
CA ILE B 363 41.72 -15.33 18.58
C ILE B 363 40.93 -16.37 19.38
N SER B 364 39.63 -16.15 19.47
CA SER B 364 38.72 -17.10 20.10
C SER B 364 37.33 -16.89 19.51
N ILE B 365 36.69 -17.98 19.08
CA ILE B 365 35.40 -17.91 18.42
C ILE B 365 34.32 -18.35 19.39
N ILE B 366 33.28 -17.53 19.52
CA ILE B 366 32.14 -17.80 20.40
C ILE B 366 30.86 -17.69 19.58
N ASP B 367 29.72 -17.82 20.27
CA ASP B 367 28.38 -17.63 19.73
C ASP B 367 28.08 -18.59 18.57
N TRP B 368 28.07 -19.89 18.91
CA TRP B 368 27.86 -20.95 17.93
C TRP B 368 26.43 -21.44 17.91
N GLU B 369 25.45 -20.55 18.16
CA GLU B 369 24.06 -20.97 18.25
C GLU B 369 23.44 -21.28 16.89
N GLN B 370 23.98 -20.73 15.81
CA GLN B 370 23.45 -20.95 14.46
C GLN B 370 24.33 -21.89 13.65
N ALA B 371 24.87 -22.90 14.31
CA ALA B 371 25.73 -23.88 13.65
C ALA B 371 24.91 -24.81 12.77
N VAL B 372 25.60 -25.46 11.83
CA VAL B 372 25.00 -26.47 10.96
C VAL B 372 25.95 -27.66 10.92
N PHE B 373 25.38 -28.86 10.72
CA PHE B 373 26.13 -30.10 10.79
C PHE B 373 26.13 -30.86 9.46
N SER B 374 25.84 -30.16 8.36
CA SER B 374 25.81 -30.82 7.05
C SER B 374 26.10 -29.77 5.99
N ASN B 375 26.94 -30.14 5.01
CA ASN B 375 27.24 -29.27 3.88
C ASN B 375 26.92 -30.02 2.59
N ASP B 376 25.63 -30.08 2.25
CA ASP B 376 25.21 -30.48 0.92
C ASP B 376 23.97 -29.77 0.41
N GLU B 377 23.39 -28.82 1.14
CA GLU B 377 22.27 -28.02 0.67
C GLU B 377 22.75 -26.63 0.26
N LYS B 378 21.80 -25.79 -0.14
CA LYS B 378 22.02 -24.42 -0.55
C LYS B 378 21.02 -23.50 0.16
N VAL B 379 20.98 -23.60 1.48
CA VAL B 379 20.09 -22.76 2.26
C VAL B 379 20.56 -21.31 2.23
N VAL B 380 19.61 -20.40 2.44
CA VAL B 380 19.90 -18.97 2.43
C VAL B 380 20.31 -18.56 3.84
N HIS B 381 21.16 -17.53 3.93
CA HIS B 381 21.63 -17.02 5.21
C HIS B 381 20.47 -16.35 5.94
N LYS B 382 19.98 -17.00 7.00
CA LYS B 382 18.75 -16.55 7.64
C LYS B 382 18.99 -15.33 8.52
N VAL B 383 19.80 -15.49 9.57
CA VAL B 383 20.08 -14.42 10.51
C VAL B 383 21.56 -14.03 10.35
N ALA B 384 21.81 -12.72 10.31
CA ALA B 384 23.16 -12.24 10.04
C ALA B 384 23.36 -10.87 10.68
N ALA B 385 24.62 -10.52 10.83
CA ALA B 385 25.02 -9.23 11.36
C ALA B 385 24.75 -8.14 10.32
N PRO B 386 24.66 -6.86 10.74
CA PRO B 386 24.55 -5.79 9.75
C PRO B 386 25.83 -5.55 8.98
N GLY B 387 26.08 -6.37 7.97
CA GLY B 387 27.27 -6.26 7.16
C GLY B 387 27.89 -7.60 6.84
N PHE B 388 27.24 -8.68 7.26
CA PHE B 388 27.77 -10.04 7.10
C PHE B 388 26.67 -10.99 6.65
N ARG B 389 25.89 -10.57 5.67
CA ARG B 389 24.81 -11.39 5.12
C ARG B 389 25.19 -11.85 3.72
N ALA B 390 25.07 -13.16 3.48
CA ALA B 390 25.38 -13.73 2.19
C ALA B 390 24.25 -13.46 1.19
N TRP B 391 24.45 -13.87 -0.05
CA TRP B 391 23.53 -13.58 -1.13
C TRP B 391 23.22 -14.85 -1.90
N ARG B 392 21.98 -14.93 -2.40
CA ARG B 392 21.54 -15.90 -3.41
C ARG B 392 21.73 -17.36 -2.97
N GLU B 393 21.21 -17.66 -1.77
CA GLU B 393 21.14 -18.97 -1.12
C GLU B 393 22.36 -19.89 -1.31
N THR B 394 23.55 -19.33 -1.15
CA THR B 394 24.79 -20.07 -1.37
C THR B 394 25.05 -21.03 -0.20
N LEU B 395 26.01 -21.94 -0.38
CA LEU B 395 26.51 -23.08 0.39
C LEU B 395 27.04 -22.62 1.76
N PRO B 396 26.70 -23.34 2.85
CA PRO B 396 27.06 -22.87 4.21
C PRO B 396 28.53 -22.66 4.49
N SER B 397 29.40 -23.52 3.94
CA SER B 397 30.83 -23.39 4.15
C SER B 397 31.36 -22.11 3.52
N GLU B 398 30.88 -21.77 2.33
CA GLU B 398 31.29 -20.53 1.71
C GLU B 398 30.51 -19.33 2.23
N ILE B 399 29.39 -19.53 2.94
CA ILE B 399 28.83 -18.46 3.77
C ILE B 399 29.80 -18.10 4.89
N ASP B 400 30.36 -19.12 5.54
CA ASP B 400 31.40 -18.91 6.54
C ASP B 400 32.64 -18.25 5.92
N TRP B 401 33.01 -18.66 4.71
CA TRP B 401 34.14 -18.06 4.03
C TRP B 401 33.87 -16.62 3.62
N TYR B 402 32.62 -16.30 3.26
CA TYR B 402 32.23 -14.92 2.99
C TYR B 402 32.34 -14.07 4.25
N GLY B 403 31.92 -14.62 5.39
CA GLY B 403 32.09 -13.91 6.64
C GLY B 403 33.54 -13.69 7.00
N ILE B 404 34.40 -14.68 6.72
CA ILE B 404 35.83 -14.54 6.95
C ILE B 404 36.44 -13.48 6.01
N ARG B 405 35.97 -13.44 4.76
CA ARG B 405 36.42 -12.43 3.81
C ARG B 405 36.02 -11.03 4.27
N GLN B 406 34.79 -10.87 4.76
CA GLN B 406 34.32 -9.56 5.20
C GLN B 406 35.02 -9.13 6.48
N ILE B 407 35.32 -10.06 7.38
CA ILE B 407 35.99 -9.65 8.63
C ILE B 407 37.46 -9.34 8.36
N ALA B 408 38.07 -10.02 7.37
CA ALA B 408 39.44 -9.67 6.99
C ALA B 408 39.49 -8.32 6.31
N HIS B 409 38.47 -8.00 5.50
CA HIS B 409 38.43 -6.68 4.88
C HIS B 409 38.08 -5.59 5.89
N TYR B 410 37.35 -5.93 6.96
CA TYR B 410 37.19 -5.01 8.08
C TYR B 410 38.53 -4.75 8.76
N LEU B 411 39.33 -5.80 8.94
CA LEU B 411 40.62 -5.65 9.59
C LEU B 411 41.58 -4.83 8.73
N TYR B 412 41.46 -4.96 7.40
CA TYR B 412 42.26 -4.13 6.51
C TYR B 412 41.77 -2.69 6.49
N MET B 413 40.46 -2.49 6.47
CA MET B 413 39.87 -1.16 6.46
C MET B 413 38.47 -1.22 7.07
N PRO B 414 38.25 -0.60 8.22
CA PRO B 414 37.00 -0.82 8.97
C PRO B 414 35.77 -0.11 8.40
N LEU B 415 35.22 -0.67 7.32
CA LEU B 415 34.01 -0.11 6.69
C LEU B 415 33.10 -1.23 6.18
N VAL B 416 32.85 -2.25 7.01
CA VAL B 416 32.07 -3.40 6.52
C VAL B 416 30.58 -3.10 6.46
N THR B 417 30.13 -2.04 7.16
CA THR B 417 28.74 -1.97 7.61
C THR B 417 27.75 -1.68 6.48
N THR B 418 28.23 -1.34 5.29
CA THR B 418 27.35 -1.14 4.15
C THR B 418 27.46 -2.25 3.12
N SER B 419 28.10 -3.38 3.46
CA SER B 419 28.24 -4.47 2.50
C SER B 419 26.92 -5.22 2.26
N ASP B 420 25.93 -5.04 3.13
CA ASP B 420 24.60 -5.59 2.85
C ASP B 420 23.89 -4.81 1.76
N LEU B 421 24.32 -3.58 1.49
CA LEU B 421 23.67 -2.71 0.52
C LEU B 421 24.24 -2.91 -0.88
N THR B 422 25.54 -2.69 -1.03
CA THR B 422 26.23 -2.86 -2.31
C THR B 422 26.98 -4.18 -2.30
N TYR B 423 26.69 -5.03 -3.29
CA TYR B 423 27.40 -6.30 -3.39
C TYR B 423 28.84 -6.07 -3.81
N ASN B 424 29.75 -6.88 -3.24
CA ASN B 424 31.20 -6.78 -3.43
C ASN B 424 31.72 -5.39 -3.07
N TYR B 425 31.33 -4.92 -1.87
CA TYR B 425 31.81 -3.62 -1.40
C TYR B 425 33.26 -3.67 -0.97
N VAL B 426 33.81 -4.85 -0.69
CA VAL B 426 35.16 -4.99 -0.14
C VAL B 426 36.25 -4.55 -1.11
N SER B 427 35.93 -4.43 -2.41
CA SER B 427 36.87 -3.89 -3.37
C SER B 427 37.18 -2.43 -3.08
N GLN B 428 36.21 -1.69 -2.53
CA GLN B 428 36.44 -0.30 -2.13
C GLN B 428 37.48 -0.22 -1.03
N THR B 429 37.36 -1.08 -0.02
CA THR B 429 38.33 -1.10 1.07
C THR B 429 39.69 -1.56 0.60
N ARG B 430 39.73 -2.57 -0.28
CA ARG B 430 41.00 -3.08 -0.80
C ARG B 430 41.73 -2.03 -1.64
N ILE B 431 40.99 -1.28 -2.45
CA ILE B 431 41.62 -0.21 -3.23
C ILE B 431 42.04 0.94 -2.33
N GLU B 432 41.19 1.35 -1.39
CA GLU B 432 41.42 2.59 -0.66
C GLU B 432 42.50 2.43 0.41
N GLY B 433 42.56 1.27 1.08
CA GLY B 433 43.49 1.11 2.18
C GLY B 433 44.95 1.07 1.74
N LYS B 434 45.20 0.65 0.50
CA LYS B 434 46.56 0.64 -0.03
C LYS B 434 47.09 2.07 -0.21
N LYS B 435 46.24 2.99 -0.65
CA LYS B 435 46.66 4.36 -0.90
C LYS B 435 46.98 5.13 0.37
N LEU B 436 46.49 4.69 1.53
CA LEU B 436 46.85 5.31 2.79
C LEU B 436 47.92 4.52 3.55
N PHE B 437 47.98 3.19 3.36
CA PHE B 437 49.08 2.44 3.94
C PHE B 437 50.40 2.72 3.21
N GLU B 438 50.34 3.16 1.95
CA GLU B 438 51.51 3.72 1.31
C GLU B 438 51.76 5.17 1.72
N SER B 439 50.81 5.80 2.40
CA SER B 439 50.96 7.18 2.87
C SER B 439 51.42 7.26 4.32
N LEU B 440 51.01 6.31 5.17
CA LEU B 440 51.53 6.29 6.53
C LEU B 440 52.99 5.86 6.55
N GLY B 441 53.39 4.97 5.66
CA GLY B 441 54.77 4.57 5.58
C GLY B 441 55.01 3.15 6.05
N TYR B 442 54.00 2.29 5.93
CA TYR B 442 54.15 0.90 6.32
C TYR B 442 55.00 0.14 5.30
N THR B 443 55.57 -0.97 5.76
CA THR B 443 56.54 -1.70 4.95
C THR B 443 55.86 -2.44 3.80
N ARG B 444 56.54 -2.41 2.65
CA ARG B 444 55.99 -2.96 1.41
C ARG B 444 55.81 -4.47 1.50
N GLU B 445 56.67 -5.15 2.28
CA GLU B 445 56.52 -6.58 2.48
C GLU B 445 55.23 -6.91 3.24
N HIS B 446 54.94 -6.16 4.30
CA HIS B 446 53.70 -6.39 5.06
C HIS B 446 52.47 -6.03 4.24
N ILE B 447 52.55 -4.94 3.46
CA ILE B 447 51.40 -4.53 2.65
C ILE B 447 51.14 -5.55 1.54
N ASP B 448 52.19 -6.05 0.91
CA ASP B 448 52.03 -7.07 -0.12
C ASP B 448 51.56 -8.39 0.48
N TYR B 449 51.96 -8.68 1.72
CA TYR B 449 51.51 -9.89 2.39
C TYR B 449 50.01 -9.83 2.69
N VAL B 450 49.53 -8.69 3.22
CA VAL B 450 48.11 -8.60 3.55
C VAL B 450 47.27 -8.48 2.28
N GLU B 451 47.81 -7.87 1.21
CA GLU B 451 47.09 -7.83 -0.06
C GLU B 451 47.02 -9.22 -0.70
N SER B 452 48.08 -10.02 -0.55
CA SER B 452 48.06 -11.39 -1.06
C SER B 452 47.09 -12.25 -0.25
N LEU B 453 46.99 -11.99 1.06
CA LEU B 453 45.99 -12.67 1.88
C LEU B 453 44.57 -12.32 1.44
N LEU B 454 44.33 -11.03 1.16
CA LEU B 454 43.01 -10.60 0.73
C LEU B 454 42.66 -11.13 -0.65
N SER B 455 43.68 -11.29 -1.52
CA SER B 455 43.44 -11.93 -2.81
C SER B 455 43.19 -13.43 -2.66
N TYR B 456 43.83 -14.06 -1.66
CA TYR B 456 43.62 -15.49 -1.42
C TYR B 456 42.21 -15.75 -0.90
N LEU B 457 41.71 -14.88 -0.03
CA LEU B 457 40.35 -15.07 0.49
C LEU B 457 39.29 -14.78 -0.56
N ASP B 458 39.62 -14.01 -1.60
CA ASP B 458 38.67 -13.79 -2.68
C ASP B 458 38.49 -15.01 -3.56
N SER B 459 39.43 -15.96 -3.53
CA SER B 459 39.32 -17.14 -4.37
C SER B 459 38.28 -18.12 -3.83
N LYS B 460 38.03 -18.10 -2.53
CA LYS B 460 37.06 -19.00 -1.91
C LYS B 460 35.68 -18.38 -1.74
N CYS B 461 35.48 -17.16 -2.23
CA CYS B 461 34.17 -16.53 -2.18
C CYS B 461 33.36 -16.86 -3.44
N PRO B 462 32.09 -17.20 -3.28
CA PRO B 462 31.26 -17.54 -4.46
C PRO B 462 30.85 -16.32 -5.28
N GLN B 463 31.70 -15.91 -6.22
CA GLN B 463 31.33 -14.86 -7.16
C GLN B 463 30.16 -15.32 -8.02
N ILE B 464 28.98 -14.77 -7.78
CA ILE B 464 27.73 -15.26 -8.35
C ILE B 464 26.96 -14.09 -8.95
N GLU B 465 25.83 -14.43 -9.56
CA GLU B 465 24.94 -13.42 -10.13
C GLU B 465 24.25 -12.63 -9.03
N ASN B 466 23.97 -11.36 -9.31
CA ASN B 466 23.41 -10.44 -8.32
C ASN B 466 21.92 -10.26 -8.61
N ILE B 467 21.10 -11.03 -7.90
CA ILE B 467 19.64 -10.93 -8.00
C ILE B 467 19.14 -10.63 -6.59
N SER B 468 19.06 -9.34 -6.24
CA SER B 468 18.49 -8.98 -4.95
C SER B 468 17.74 -7.65 -4.99
N ARG B 469 17.44 -7.15 -6.21
CA ARG B 469 16.81 -5.87 -6.57
C ARG B 469 17.78 -4.70 -6.37
N LYS B 470 18.90 -4.94 -5.70
CA LYS B 470 19.97 -3.95 -5.55
C LYS B 470 21.05 -4.16 -6.61
N LYS B 471 20.62 -4.30 -7.87
CA LYS B 471 21.54 -4.30 -8.99
C LYS B 471 21.87 -2.90 -9.46
N VAL B 472 21.14 -1.91 -8.93
CA VAL B 472 21.44 -0.51 -9.18
C VAL B 472 22.78 -0.12 -8.56
N LEU B 473 23.08 -0.64 -7.37
CA LEU B 473 24.28 -0.29 -6.63
C LEU B 473 25.43 -1.22 -7.02
N LYS B 474 26.55 -0.64 -7.43
CA LYS B 474 27.77 -1.35 -7.76
C LYS B 474 28.95 -0.62 -7.14
N PRO B 475 30.05 -1.33 -6.86
CA PRO B 475 31.25 -0.67 -6.35
C PRO B 475 32.04 -0.01 -7.48
N MET B 476 32.91 0.91 -7.07
CA MET B 476 33.84 1.57 -7.98
C MET B 476 35.06 0.71 -8.20
N HIS B 477 35.69 0.85 -9.37
CA HIS B 477 37.02 0.31 -9.60
C HIS B 477 37.89 1.29 -10.36
N GLU B 478 37.46 2.54 -10.49
CA GLU B 478 38.19 3.57 -11.22
C GLU B 478 38.66 4.68 -10.29
N ILE B 479 39.03 4.32 -9.07
CA ILE B 479 39.50 5.28 -8.08
C ILE B 479 40.89 5.76 -8.47
N ARG B 480 40.97 6.95 -9.04
CA ARG B 480 42.22 7.53 -9.50
C ARG B 480 42.58 8.74 -8.66
N THR B 481 43.79 9.25 -8.87
CA THR B 481 44.25 10.42 -8.14
C THR B 481 43.60 11.68 -8.71
N ILE B 482 43.78 12.79 -7.99
CA ILE B 482 43.27 14.09 -8.39
C ILE B 482 44.49 14.98 -8.63
N GLU B 483 44.65 15.45 -9.87
CA GLU B 483 45.79 16.27 -10.24
C GLU B 483 45.38 17.53 -11.00
N SER B 484 44.10 17.76 -11.25
CA SER B 484 43.66 18.90 -12.03
C SER B 484 42.29 19.34 -11.54
N GLU B 485 41.92 20.56 -11.91
CA GLU B 485 40.58 21.05 -11.58
C GLU B 485 39.53 20.37 -12.45
N GLN B 486 39.93 19.91 -13.65
CA GLN B 486 39.03 19.18 -14.53
C GLN B 486 38.56 17.87 -13.89
N ASP B 487 39.44 17.26 -13.07
CA ASP B 487 39.04 16.15 -12.21
C ASP B 487 37.90 16.56 -11.27
N ILE B 488 37.96 17.79 -10.75
CA ILE B 488 36.93 18.24 -9.81
C ILE B 488 35.60 18.45 -10.52
N GLN B 489 35.59 19.09 -11.71
CA GLN B 489 34.26 19.24 -12.33
C GLN B 489 33.72 17.94 -12.91
N ASP B 490 34.56 17.04 -13.44
CA ASP B 490 33.91 15.84 -13.97
C ASP B 490 33.62 14.82 -12.87
N PHE B 491 34.16 15.01 -11.66
CA PHE B 491 33.62 14.29 -10.50
C PHE B 491 32.31 14.92 -10.03
N ILE B 492 32.23 16.25 -10.00
CA ILE B 492 31.11 16.87 -9.30
C ILE B 492 29.88 16.86 -10.21
N ILE B 493 30.08 16.74 -11.53
CA ILE B 493 28.92 16.55 -12.41
C ILE B 493 28.37 15.13 -12.26
N LYS B 494 29.24 14.16 -11.92
CA LYS B 494 28.76 12.82 -11.60
C LYS B 494 27.98 12.82 -10.30
N LEU B 495 28.45 13.59 -9.33
CA LEU B 495 27.73 13.69 -8.06
C LEU B 495 26.40 14.43 -8.23
N LEU B 496 26.35 15.39 -9.16
CA LEU B 496 25.08 16.02 -9.53
C LEU B 496 24.14 15.03 -10.21
N ARG B 497 24.69 14.23 -11.13
CA ARG B 497 23.87 13.29 -11.88
C ARG B 497 23.28 12.22 -10.99
N GLY B 498 24.03 11.76 -9.98
CA GLY B 498 23.59 10.67 -9.12
C GLY B 498 22.39 10.98 -8.24
N PHE B 499 21.97 12.24 -8.16
CA PHE B 499 20.88 12.63 -7.26
C PHE B 499 19.49 12.46 -7.86
N THR B 500 19.28 12.79 -9.14
CA THR B 500 17.96 12.60 -9.73
C THR B 500 17.62 11.13 -9.92
N LEU B 501 18.65 10.28 -9.98
CA LEU B 501 18.48 8.83 -10.05
C LEU B 501 17.80 8.30 -8.79
N THR B 502 18.36 8.64 -7.62
CA THR B 502 17.77 8.19 -6.37
C THR B 502 16.50 8.96 -6.05
N TYR B 503 16.34 10.17 -6.61
CA TYR B 503 15.08 10.89 -6.48
C TYR B 503 13.95 10.15 -7.20
N GLY B 504 14.21 9.72 -8.45
CA GLY B 504 13.22 8.95 -9.18
C GLY B 504 12.95 7.59 -8.56
N GLN B 505 14.00 6.97 -8.00
CA GLN B 505 13.83 5.70 -7.31
C GLN B 505 12.97 5.86 -6.05
N TRP B 506 13.13 6.97 -5.33
CA TRP B 506 12.34 7.21 -4.13
C TRP B 506 10.90 7.56 -4.48
N ARG B 507 10.69 8.37 -5.53
CA ARG B 507 9.33 8.77 -5.87
C ARG B 507 8.56 7.65 -6.56
N LYS B 508 9.27 6.72 -7.20
CA LYS B 508 8.59 5.59 -7.83
C LYS B 508 8.11 4.55 -6.82
N GLU B 509 8.55 4.64 -5.56
CA GLU B 509 8.09 3.73 -4.52
C GLU B 509 7.31 4.40 -3.39
N PHE B 510 7.66 5.63 -3.01
CA PHE B 510 6.93 6.36 -1.99
C PHE B 510 6.30 7.61 -2.59
N GLN B 511 5.26 8.10 -1.91
CA GLN B 511 4.63 9.37 -2.27
C GLN B 511 4.51 10.32 -1.08
N SER B 512 5.05 9.94 0.09
CA SER B 512 4.87 10.75 1.29
C SER B 512 5.79 11.97 1.28
N ARG B 513 7.09 11.75 1.23
CA ARG B 513 8.07 12.82 1.15
C ARG B 513 8.56 12.98 -0.28
N PHE B 514 9.53 13.86 -0.48
CA PHE B 514 10.18 14.03 -1.78
C PHE B 514 11.58 13.45 -1.82
N PHE B 515 12.33 13.53 -0.73
CA PHE B 515 13.68 12.98 -0.63
C PHE B 515 13.75 11.98 0.52
N PRO B 516 14.58 10.94 0.40
CA PRO B 516 14.73 10.00 1.52
C PRO B 516 15.43 10.65 2.70
N VAL B 517 15.14 10.13 3.90
CA VAL B 517 15.72 10.63 5.13
C VAL B 517 16.23 9.46 5.94
N ALA B 518 17.12 9.76 6.89
CA ALA B 518 17.59 8.74 7.82
C ALA B 518 16.51 8.42 8.83
N TYR B 519 16.68 7.32 9.56
CA TYR B 519 15.62 6.97 10.46
C TYR B 519 15.51 8.05 11.47
N TYR B 520 16.63 8.45 12.04
CA TYR B 520 16.53 9.43 13.11
C TYR B 520 15.63 10.60 12.73
N GLY B 521 15.64 10.97 11.44
CA GLY B 521 14.87 12.11 11.00
C GLY B 521 13.95 11.83 9.82
N LEU B 522 13.34 10.64 9.80
CA LEU B 522 12.42 10.30 8.72
C LEU B 522 11.12 11.10 8.84
N ASN B 523 10.62 11.27 10.07
CA ASN B 523 9.40 12.04 10.28
C ASN B 523 9.64 13.55 10.19
N PHE B 524 10.89 13.98 10.38
CA PHE B 524 11.20 15.41 10.31
C PHE B 524 11.20 15.88 8.86
N ASN B 525 10.53 16.99 8.60
CA ASN B 525 10.43 17.54 7.26
C ASN B 525 10.60 19.06 7.27
N GLN B 526 11.52 19.55 8.11
CA GLN B 526 11.75 20.97 8.22
C GLN B 526 13.20 21.22 8.63
N GLY B 527 13.63 22.46 8.51
CA GLY B 527 14.96 22.85 8.93
C GLY B 527 16.05 22.43 7.95
N ILE B 528 17.29 22.51 8.42
CA ILE B 528 18.47 22.13 7.64
C ILE B 528 19.15 20.94 8.30
N ALA B 529 18.37 20.08 8.95
CA ALA B 529 18.88 18.81 9.47
C ALA B 529 18.27 17.62 8.75
N PHE B 530 16.94 17.52 8.74
CA PHE B 530 16.22 16.46 8.04
C PHE B 530 14.97 17.09 7.43
N SER B 531 15.01 17.37 6.14
CA SER B 531 13.88 18.04 5.48
C SER B 531 13.82 17.54 4.04
N ASP B 532 13.08 18.26 3.22
CA ASP B 532 12.98 17.97 1.79
C ASP B 532 13.39 19.12 0.89
N LEU B 533 13.67 20.30 1.45
CA LEU B 533 14.06 21.43 0.63
C LEU B 533 15.48 21.91 0.87
N ALA B 534 16.08 21.56 2.02
CA ALA B 534 17.48 21.89 2.27
C ALA B 534 18.41 21.13 1.34
N ILE B 535 18.06 19.87 1.06
CA ILE B 535 18.87 19.05 0.15
C ILE B 535 18.79 19.61 -1.27
N LEU B 536 17.59 20.04 -1.69
CA LEU B 536 17.42 20.65 -2.99
C LEU B 536 18.12 22.02 -3.06
N TRP B 537 18.16 22.73 -1.94
CA TRP B 537 18.90 23.98 -1.87
C TRP B 537 20.40 23.77 -2.05
N SER B 538 20.96 22.75 -1.38
CA SER B 538 22.36 22.39 -1.56
C SER B 538 22.62 21.92 -2.98
N TYR B 539 21.65 21.20 -3.57
CA TYR B 539 21.72 20.79 -4.96
C TYR B 539 21.79 22.00 -5.89
N GLN B 540 20.99 23.03 -5.61
CA GLN B 540 20.99 24.24 -6.43
C GLN B 540 22.30 25.00 -6.30
N GLN B 541 22.83 25.12 -5.08
CA GLN B 541 24.10 25.81 -4.89
C GLN B 541 25.25 25.07 -5.57
N LEU B 542 25.27 23.75 -5.46
CA LEU B 542 26.35 22.99 -6.08
C LEU B 542 26.18 22.89 -7.59
N ALA B 543 24.94 22.96 -8.09
CA ALA B 543 24.74 23.04 -9.54
C ALA B 543 25.10 24.40 -10.09
N LYS B 544 25.03 25.46 -9.27
CA LYS B 544 25.48 26.78 -9.69
C LYS B 544 26.99 26.87 -9.86
N LYS B 545 27.75 25.93 -9.31
CA LYS B 545 29.20 25.91 -9.45
C LYS B 545 29.66 25.19 -10.72
N VAL B 546 28.74 24.64 -11.49
CA VAL B 546 29.05 23.89 -12.71
C VAL B 546 28.50 24.67 -13.89
N LYS B 547 29.25 24.64 -15.00
CA LYS B 547 28.92 25.45 -16.18
C LYS B 547 27.62 25.00 -16.85
N ASN B 548 27.23 23.75 -16.67
CA ASN B 548 25.97 23.24 -17.21
C ASN B 548 25.20 22.52 -16.11
N PHE B 549 23.87 22.58 -16.21
CA PHE B 549 23.00 21.92 -15.24
C PHE B 549 22.80 20.45 -15.59
N LYS B 550 22.25 20.18 -16.77
CA LYS B 550 21.89 18.84 -17.26
C LYS B 550 20.95 18.12 -16.30
N PHE B 551 19.97 18.85 -15.79
CA PHE B 551 19.00 18.35 -14.83
C PHE B 551 17.69 18.04 -15.54
N ASP B 552 17.21 16.81 -15.39
CA ASP B 552 15.95 16.42 -16.02
C ASP B 552 14.75 17.02 -15.30
N ASP B 553 14.76 17.01 -13.97
CA ASP B 553 13.64 17.51 -13.16
C ASP B 553 14.20 18.52 -12.18
N TYR B 554 14.03 19.81 -12.48
CA TYR B 554 14.49 20.87 -11.60
C TYR B 554 13.54 22.04 -11.44
N TYR B 555 12.51 22.17 -12.27
CA TYR B 555 11.63 23.33 -12.23
C TYR B 555 10.34 23.07 -11.47
N GLU B 556 9.67 21.94 -11.76
CA GLU B 556 8.41 21.63 -11.09
C GLU B 556 8.65 21.26 -9.63
N ILE B 557 9.80 20.67 -9.32
CA ILE B 557 10.19 20.41 -7.93
C ILE B 557 10.40 21.73 -7.19
N ARG B 558 11.05 22.68 -7.86
CA ARG B 558 11.29 24.01 -7.31
C ARG B 558 9.99 24.75 -7.05
N THR B 559 9.03 24.64 -7.95
CA THR B 559 7.73 25.27 -7.74
C THR B 559 6.81 24.46 -6.83
N GLN B 560 7.15 23.22 -6.54
CA GLN B 560 6.32 22.40 -5.65
C GLN B 560 6.75 22.48 -4.18
N VAL B 561 8.05 22.65 -3.92
CA VAL B 561 8.53 22.66 -2.54
C VAL B 561 8.06 23.92 -1.81
N ILE B 562 7.91 25.03 -2.54
CA ILE B 562 7.38 26.26 -1.94
C ILE B 562 5.92 26.08 -1.56
N ASN B 563 5.16 25.30 -2.34
CA ASN B 563 3.77 25.06 -2.00
C ASN B 563 3.64 24.08 -0.85
N GLU B 564 4.53 23.10 -0.75
CA GLU B 564 4.40 22.12 0.33
C GLU B 564 5.17 22.50 1.59
N ALA B 565 5.93 23.60 1.57
CA ALA B 565 6.72 24.01 2.73
C ALA B 565 6.10 25.20 3.46
N VAL B 566 4.82 25.47 3.25
CA VAL B 566 4.14 26.57 3.91
C VAL B 566 2.99 26.11 4.79
N ASN B 567 2.50 24.88 4.64
CA ASN B 567 1.45 24.35 5.48
C ASN B 567 1.98 23.62 6.70
N ASN B 568 3.30 23.48 6.84
CA ASN B 568 3.87 22.82 8.01
C ASN B 568 3.87 23.73 9.22
N PHE B 569 3.73 25.05 9.01
CA PHE B 569 3.68 25.98 10.14
C PHE B 569 2.39 25.82 10.92
N LYS B 570 1.30 25.49 10.24
CA LYS B 570 0.02 25.23 10.91
C LYS B 570 -0.10 23.79 11.40
N LYS B 571 0.88 22.94 11.13
CA LYS B 571 0.84 21.54 11.53
C LYS B 571 1.94 21.20 12.53
N SER B 572 3.19 21.51 12.22
CA SER B 572 4.29 21.17 13.11
C SER B 572 4.41 22.19 14.24
N SER B 573 5.10 21.78 15.31
CA SER B 573 5.27 22.62 16.49
C SER B 573 6.69 22.53 17.04
N LEU B 574 7.66 22.11 16.23
CA LEU B 574 9.05 21.99 16.64
C LEU B 574 9.82 23.20 16.13
N SER B 575 10.36 24.00 17.05
CA SER B 575 11.08 25.21 16.72
C SER B 575 12.57 25.00 16.88
N GLY B 576 13.34 26.03 16.53
CA GLY B 576 14.78 25.99 16.60
C GLY B 576 15.40 26.32 15.25
N LEU B 577 16.68 25.98 15.12
CA LEU B 577 17.39 26.18 13.86
C LEU B 577 17.37 24.92 13.01
N PHE B 578 17.92 23.83 13.53
CA PHE B 578 17.85 22.53 12.87
C PHE B 578 16.51 21.89 13.21
N ASP B 579 15.75 21.53 12.16
CA ASP B 579 14.38 21.01 12.25
C ASP B 579 13.47 21.97 13.03
N GLY B 580 13.60 23.27 12.74
CA GLY B 580 12.83 24.29 13.40
C GLY B 580 11.94 25.04 12.42
N LYS B 581 11.18 25.99 12.98
CA LYS B 581 10.25 26.76 12.17
C LYS B 581 10.95 27.79 11.30
N ILE B 582 12.02 28.40 11.80
CA ILE B 582 12.70 29.48 11.09
C ILE B 582 13.75 28.97 10.10
N GLY B 583 14.13 27.69 10.20
CA GLY B 583 15.09 27.13 9.25
C GLY B 583 14.53 27.05 7.85
N THR B 584 13.24 26.73 7.73
CA THR B 584 12.59 26.70 6.42
C THR B 584 12.47 28.10 5.83
N ILE B 585 12.25 29.10 6.68
CA ILE B 585 12.19 30.49 6.22
C ILE B 585 13.57 30.94 5.74
N TRP B 586 14.62 30.51 6.44
CA TRP B 586 15.99 30.77 6.00
C TRP B 586 16.28 30.09 4.67
N LEU B 587 15.77 28.87 4.49
CA LEU B 587 15.91 28.17 3.21
C LEU B 587 15.18 28.88 2.08
N ILE B 588 13.98 29.41 2.35
CA ILE B 588 13.22 30.15 1.35
C ILE B 588 13.91 31.48 1.01
N TYR B 589 14.67 32.04 1.96
CA TYR B 589 15.38 33.30 1.71
C TYR B 589 16.44 33.14 0.62
N GLU B 590 17.24 32.08 0.68
CA GLU B 590 18.17 31.79 -0.40
C GLU B 590 17.57 30.83 -1.43
N PHE B 591 16.38 31.16 -1.91
CA PHE B 591 15.65 30.29 -2.83
C PHE B 591 14.93 31.03 -3.94
N GLY B 592 14.62 32.30 -3.78
CA GLY B 592 13.64 33.00 -4.58
C GLY B 592 12.43 33.32 -3.74
N GLU B 593 11.56 34.18 -4.30
CA GLU B 593 10.42 34.79 -3.61
C GLU B 593 10.86 35.48 -2.32
N ILE B 594 11.69 36.51 -2.48
CA ILE B 594 12.27 37.22 -1.34
C ILE B 594 11.17 37.98 -0.58
N ASP B 595 10.18 38.49 -1.31
CA ASP B 595 9.04 39.14 -0.67
C ASP B 595 8.22 38.16 0.16
N ARG B 596 8.03 36.93 -0.36
CA ARG B 596 7.32 35.91 0.40
C ARG B 596 8.10 35.48 1.62
N ALA B 597 9.43 35.37 1.49
CA ALA B 597 10.27 35.03 2.63
C ALA B 597 10.25 36.11 3.70
N VAL B 598 10.28 37.38 3.27
CA VAL B 598 10.23 38.49 4.23
C VAL B 598 8.87 38.57 4.90
N GLU B 599 7.80 38.28 4.15
CA GLU B 599 6.45 38.26 4.72
C GLU B 599 6.30 37.13 5.74
N LEU B 600 6.84 35.95 5.44
CA LEU B 600 6.78 34.84 6.38
C LEU B 600 7.62 35.12 7.62
N PHE B 601 8.79 35.76 7.44
CA PHE B 601 9.64 36.12 8.57
C PHE B 601 8.98 37.17 9.45
N THR B 602 8.30 38.15 8.85
CA THR B 602 7.62 39.17 9.63
C THR B 602 6.36 38.61 10.29
N THR B 603 5.74 37.60 9.69
CA THR B 603 4.53 37.01 10.26
C THR B 603 4.87 36.10 11.44
N HIS B 604 5.68 35.06 11.21
CA HIS B 604 6.00 34.08 12.24
C HIS B 604 7.38 34.41 12.81
N PHE B 605 7.41 35.36 13.74
CA PHE B 605 8.63 35.70 14.45
C PHE B 605 8.48 35.74 15.96
N ILE B 606 7.34 36.23 16.46
CA ILE B 606 7.18 36.37 17.90
C ILE B 606 6.70 35.06 18.52
N GLU B 607 5.89 34.29 17.79
CA GLU B 607 5.32 33.07 18.32
C GLU B 607 6.33 31.94 18.43
N ILE B 608 7.46 32.03 17.72
CA ILE B 608 8.46 30.98 17.72
C ILE B 608 9.58 31.25 18.72
N PHE B 609 9.62 32.43 19.32
CA PHE B 609 10.67 32.78 20.26
C PHE B 609 10.35 32.34 21.68
N GLU B 610 9.11 32.52 22.13
CA GLU B 610 8.70 32.10 23.46
C GLU B 610 8.24 30.64 23.52
N ASN B 611 8.18 29.97 22.37
CA ASN B 611 7.74 28.58 22.30
C ASN B 611 8.88 27.58 22.52
N SER B 612 10.11 28.06 22.71
CA SER B 612 11.25 27.17 22.89
C SER B 612 11.48 26.94 24.38
N GLN B 613 11.40 25.68 24.80
CA GLN B 613 11.66 25.31 26.18
C GLN B 613 13.15 25.04 26.45
N ASN B 614 13.98 25.08 25.42
CA ASN B 614 15.42 24.91 25.56
C ASN B 614 16.13 26.11 24.95
N LYS B 615 17.44 26.19 25.18
CA LYS B 615 18.26 27.28 24.67
C LYS B 615 19.46 26.78 23.88
N ASN B 616 19.37 25.61 23.27
CA ASN B 616 20.46 25.06 22.47
C ASN B 616 20.40 25.60 21.05
N LEU B 617 21.50 25.39 20.32
CA LEU B 617 21.53 25.80 18.93
C LEU B 617 20.70 24.88 18.04
N TYR B 618 20.46 23.65 18.50
CA TYR B 618 19.63 22.72 17.75
C TYR B 618 18.15 23.15 17.80
N SER B 619 17.59 23.19 19.00
CA SER B 619 16.19 23.56 19.23
C SER B 619 16.17 24.56 20.38
N GLY B 620 16.23 25.85 20.06
CA GLY B 620 16.22 26.88 21.07
C GLY B 620 16.21 28.24 20.42
N GLN B 621 16.17 29.27 21.27
CA GLN B 621 16.03 30.65 20.79
C GLN B 621 17.29 31.17 20.12
N ALA B 622 18.42 30.47 20.27
CA ALA B 622 19.67 30.89 19.64
C ALA B 622 19.58 30.84 18.12
N GLY B 623 18.90 29.84 17.58
CA GLY B 623 18.74 29.75 16.13
C GLY B 623 17.86 30.84 15.56
N ILE B 624 16.76 31.16 16.26
CA ILE B 624 15.89 32.26 15.84
C ILE B 624 16.62 33.59 15.93
N LEU B 625 17.42 33.78 16.99
CA LEU B 625 18.26 34.97 17.11
C LEU B 625 19.31 35.04 16.00
N LEU B 626 19.84 33.88 15.59
CA LEU B 626 20.83 33.85 14.52
C LEU B 626 20.22 34.23 13.17
N VAL B 627 19.04 33.69 12.88
CA VAL B 627 18.39 34.01 11.60
C VAL B 627 17.92 35.48 11.59
N GLY B 628 17.46 35.97 12.75
CA GLY B 628 17.10 37.38 12.84
C GLY B 628 18.30 38.30 12.71
N LEU B 629 19.46 37.89 13.26
CA LEU B 629 20.69 38.64 13.10
C LEU B 629 21.15 38.65 11.66
N TYR B 630 21.00 37.52 10.96
CA TYR B 630 21.35 37.45 9.55
C TYR B 630 20.43 38.34 8.71
N PHE B 631 19.14 38.37 9.05
CA PHE B 631 18.20 39.25 8.37
C PHE B 631 18.48 40.73 8.67
N LEU B 632 18.96 41.04 9.88
CA LEU B 632 19.36 42.41 10.19
C LEU B 632 20.60 42.82 9.42
N SER B 633 21.55 41.89 9.24
CA SER B 633 22.73 42.18 8.44
C SER B 633 22.38 42.35 6.97
N LYS B 634 21.42 41.56 6.48
CA LYS B 634 20.99 41.70 5.09
C LYS B 634 20.16 42.95 4.87
N GLY B 635 19.41 43.38 5.89
CA GLY B 635 18.56 44.55 5.76
C GLY B 635 17.21 44.30 5.14
N GLU B 636 16.64 43.11 5.34
CA GLU B 636 15.36 42.77 4.73
C GLU B 636 14.15 43.18 5.57
N ILE B 637 14.37 43.62 6.82
CA ILE B 637 13.29 44.03 7.69
C ILE B 637 13.51 45.49 8.11
N ASP B 638 12.58 46.01 8.89
CA ASP B 638 12.62 47.39 9.33
C ASP B 638 13.17 47.49 10.75
N ASN B 639 13.43 48.74 11.17
CA ASN B 639 14.01 49.00 12.49
C ASN B 639 13.02 48.71 13.61
N LYS B 640 11.72 48.86 13.34
CA LYS B 640 10.70 48.57 14.36
C LYS B 640 10.69 47.09 14.71
N LEU B 641 10.88 46.22 13.72
CA LEU B 641 11.02 44.79 14.00
C LEU B 641 12.42 44.46 14.53
N GLY B 642 13.45 45.18 14.09
CA GLY B 642 14.80 44.83 14.47
C GLY B 642 15.28 45.38 15.80
N GLU B 643 14.51 46.28 16.42
CA GLU B 643 14.95 46.91 17.67
C GLU B 643 14.90 45.94 18.84
N GLU B 644 13.81 45.18 18.97
CA GLU B 644 13.63 44.34 20.14
C GLU B 644 14.44 43.05 20.08
N ILE B 645 14.99 42.70 18.91
CA ILE B 645 15.78 41.47 18.78
C ILE B 645 17.06 41.58 19.59
N LEU B 646 17.72 42.73 19.52
CA LEU B 646 18.94 42.96 20.30
C LEU B 646 18.64 43.01 21.80
N ILE B 647 17.49 43.58 22.17
CA ILE B 647 17.11 43.66 23.58
C ILE B 647 16.81 42.28 24.14
N ARG B 648 16.16 41.43 23.34
CA ARG B 648 15.90 40.06 23.80
C ARG B 648 17.15 39.20 23.74
N LEU B 649 18.12 39.55 22.90
CA LEU B 649 19.40 38.85 22.90
C LEU B 649 20.27 39.24 24.08
N ARG B 650 20.17 40.48 24.55
CA ARG B 650 20.93 40.91 25.72
C ARG B 650 20.46 40.20 26.97
N GLU B 651 19.15 39.94 27.08
CA GLU B 651 18.61 39.19 28.21
C GLU B 651 19.04 37.72 28.16
N TYR B 652 19.39 37.22 26.97
CA TYR B 652 19.92 35.87 26.84
C TYR B 652 21.37 35.76 27.31
N THR B 653 22.13 36.86 27.30
CA THR B 653 23.54 36.78 27.63
C THR B 653 23.91 37.38 28.98
N LEU B 654 23.10 38.28 29.55
CA LEU B 654 23.43 38.82 30.86
C LEU B 654 23.29 37.76 31.96
N ASN B 655 22.27 36.90 31.86
CA ASN B 655 22.18 35.79 32.78
C ASN B 655 23.18 34.69 32.43
N TYR B 656 23.60 34.63 31.17
CA TYR B 656 24.60 33.64 30.76
C TYR B 656 25.97 33.97 31.32
N ILE B 657 26.30 35.26 31.41
CA ILE B 657 27.58 35.67 31.99
C ILE B 657 27.60 35.39 33.49
N GLU B 658 26.51 35.73 34.19
CA GLU B 658 26.45 35.51 35.63
C GLU B 658 26.29 34.03 35.96
N ASN B 659 25.43 33.32 35.22
CA ASN B 659 25.20 31.89 35.41
C ASN B 659 25.58 31.18 34.12
N PRO B 660 26.78 30.60 34.03
CA PRO B 660 27.19 29.93 32.79
C PRO B 660 26.60 28.54 32.61
N GLU B 661 26.18 27.87 33.68
CA GLU B 661 25.67 26.50 33.53
C GLU B 661 24.26 26.51 32.96
N THR B 662 23.30 27.07 33.72
CA THR B 662 21.86 27.13 33.44
C THR B 662 21.28 25.83 32.90
N PHE B 663 21.40 25.62 31.59
CA PHE B 663 20.86 24.44 30.92
C PHE B 663 21.94 23.43 30.52
N CYS B 664 23.14 23.53 31.10
CA CYS B 664 24.22 22.62 30.75
C CYS B 664 23.95 21.21 31.26
N LYS B 665 23.27 21.09 32.40
CA LYS B 665 22.82 19.84 33.05
C LYS B 665 24.04 18.98 33.38
N VAL B 666 23.90 17.66 33.28
CA VAL B 666 24.97 16.75 33.65
C VAL B 666 26.06 16.75 32.58
N GLY B 667 27.23 16.23 32.94
CA GLY B 667 28.37 16.23 32.06
C GLY B 667 28.52 14.98 31.22
N ALA B 668 27.57 14.75 30.32
CA ALA B 668 27.63 13.59 29.43
C ALA B 668 28.68 13.78 28.34
N SER B 669 29.22 12.68 27.82
CA SER B 669 30.26 12.75 26.81
C SER B 669 30.07 11.70 25.72
N ASP B 670 28.83 11.27 25.50
CA ASP B 670 28.53 10.30 24.46
C ASP B 670 27.45 10.83 23.53
N VAL B 671 27.29 10.21 22.36
CA VAL B 671 26.25 10.64 21.43
C VAL B 671 25.32 9.50 21.03
N GLN B 672 25.88 8.36 20.59
CA GLN B 672 25.16 7.18 20.10
C GLN B 672 24.08 7.51 19.07
N SER B 673 22.82 7.56 19.51
CA SER B 673 21.70 7.89 18.64
C SER B 673 21.28 9.35 18.74
N ASN B 674 22.01 10.15 19.54
CA ASN B 674 21.92 11.60 19.65
C ASN B 674 20.59 12.13 20.17
N ASP B 675 19.70 11.27 20.68
CA ASP B 675 18.61 11.74 21.53
C ASP B 675 18.96 11.93 23.02
N PRO B 676 19.46 10.89 23.78
CA PRO B 676 19.43 11.03 25.24
C PRO B 676 20.56 11.82 25.89
N TYR B 677 20.40 13.15 25.98
CA TYR B 677 21.30 14.04 26.74
C TYR B 677 22.74 14.00 26.20
N GLU B 678 22.90 14.67 25.06
CA GLU B 678 24.06 14.58 24.18
C GLU B 678 25.37 15.00 24.85
N ASN B 679 26.49 14.86 24.14
CA ASN B 679 27.81 15.20 24.66
C ASN B 679 28.03 16.71 24.78
N PHE B 680 27.10 17.54 24.27
CA PHE B 680 27.08 19.00 24.25
C PHE B 680 28.42 19.65 23.86
N GLY B 681 29.16 19.03 22.95
CA GLY B 681 30.36 19.61 22.41
C GLY B 681 30.09 20.21 21.05
N GLY B 682 30.83 21.27 20.71
CA GLY B 682 30.74 21.84 19.38
C GLY B 682 29.45 22.61 19.14
N LEU B 683 28.97 22.53 17.90
CA LEU B 683 27.79 23.23 17.45
C LEU B 683 26.56 22.32 17.59
N LEU B 684 25.44 22.73 16.98
CA LEU B 684 24.18 22.00 16.89
C LEU B 684 23.62 21.67 18.27
N TYR B 685 23.83 20.44 18.72
CA TYR B 685 23.48 20.04 20.09
C TYR B 685 24.45 20.58 21.13
N GLY B 686 25.55 21.19 20.69
CA GLY B 686 26.61 21.57 21.59
C GLY B 686 26.35 22.83 22.39
N HIS B 687 27.23 23.06 23.36
CA HIS B 687 27.20 24.23 24.22
C HIS B 687 27.90 25.44 23.60
N ALA B 688 28.59 25.26 22.48
CA ALA B 688 29.41 26.30 21.90
C ALA B 688 28.72 27.05 20.77
N GLY B 689 27.42 26.82 20.55
CA GLY B 689 26.70 27.60 19.56
C GLY B 689 26.50 29.05 19.97
N VAL B 690 26.43 29.30 21.29
CA VAL B 690 26.30 30.67 21.77
C VAL B 690 27.57 31.47 21.49
N ALA B 691 28.72 30.80 21.37
CA ALA B 691 29.93 31.47 20.90
C ALA B 691 29.81 31.90 19.45
N TRP B 692 29.15 31.07 18.62
CA TRP B 692 28.92 31.45 17.23
C TRP B 692 27.97 32.64 17.14
N LEU B 693 26.92 32.63 17.98
CA LEU B 693 26.03 33.79 18.08
C LEU B 693 26.76 35.05 18.51
N PHE B 694 27.64 34.95 19.50
CA PHE B 694 28.36 36.12 19.99
C PHE B 694 29.36 36.63 18.95
N GLY B 695 29.98 35.70 18.21
CA GLY B 695 30.87 36.10 17.13
C GLY B 695 30.14 36.81 15.99
N GLU B 696 28.99 36.28 15.58
CA GLU B 696 28.23 36.94 14.52
C GLU B 696 27.59 38.23 15.00
N ALA B 697 27.34 38.36 16.31
CA ALA B 697 26.81 39.61 16.84
C ALA B 697 27.88 40.68 16.95
N TYR B 698 29.11 40.30 17.31
CA TYR B 698 30.20 41.26 17.38
C TYR B 698 30.76 41.55 15.99
N LYS B 699 30.46 40.71 15.00
CA LYS B 699 30.73 41.07 13.62
C LYS B 699 29.85 42.24 13.17
N LEU B 700 28.59 42.25 13.59
CA LEU B 700 27.68 43.32 13.18
C LEU B 700 27.82 44.56 14.07
N THR B 701 27.49 44.43 15.36
CA THR B 701 27.58 45.52 16.30
C THR B 701 28.95 45.47 16.99
N GLY B 702 29.12 46.24 18.06
CA GLY B 702 30.31 46.08 18.86
C GLY B 702 30.25 46.74 20.22
N GLU B 703 30.52 45.95 21.25
CA GLU B 703 30.60 46.41 22.64
C GLU B 703 31.38 45.35 23.41
N SER B 704 31.66 45.61 24.68
CA SER B 704 32.38 44.68 25.53
C SER B 704 31.47 43.68 26.23
N ILE B 705 30.15 43.79 26.06
CA ILE B 705 29.23 42.87 26.71
C ILE B 705 29.26 41.50 26.02
N TYR B 706 29.27 41.48 24.69
CA TYR B 706 29.24 40.22 23.96
C TYR B 706 30.59 39.51 23.98
N LYS B 707 31.68 40.28 24.06
CA LYS B 707 33.01 39.68 23.97
C LYS B 707 33.35 38.87 25.22
N ASN B 708 32.96 39.36 26.39
CA ASN B 708 33.21 38.62 27.63
C ASN B 708 32.41 37.32 27.67
N GLY B 709 31.15 37.35 27.23
CA GLY B 709 30.37 36.13 27.12
C GLY B 709 30.91 35.18 26.07
N LEU B 710 31.49 35.73 25.00
CA LEU B 710 32.13 34.92 23.98
C LEU B 710 33.33 34.17 24.53
N GLU B 711 34.20 34.87 25.26
CA GLU B 711 35.37 34.22 25.84
C GLU B 711 34.98 33.25 26.94
N LEU B 712 33.91 33.56 27.69
CA LEU B 712 33.42 32.62 28.69
C LEU B 712 32.83 31.37 28.05
N ALA B 713 32.17 31.51 26.89
CA ALA B 713 31.66 30.35 26.18
C ALA B 713 32.79 29.49 25.63
N VAL B 714 33.86 30.13 25.15
CA VAL B 714 35.03 29.39 24.67
C VAL B 714 35.71 28.66 25.82
N ASP B 715 35.80 29.29 27.00
CA ASP B 715 36.37 28.63 28.16
C ASP B 715 35.48 27.50 28.67
N LYS B 716 34.15 27.66 28.55
CA LYS B 716 33.23 26.61 28.97
C LYS B 716 33.30 25.42 28.02
N GLU B 717 33.52 25.67 26.73
CA GLU B 717 33.77 24.58 25.80
C GLU B 717 35.17 24.00 25.98
N LEU B 718 36.08 24.77 26.58
CA LEU B 718 37.48 24.40 26.68
C LEU B 718 37.78 23.45 27.83
N VAL B 719 36.80 23.13 28.68
CA VAL B 719 37.04 22.22 29.79
C VAL B 719 37.18 20.77 29.32
N ALA B 720 36.74 20.47 28.10
CA ALA B 720 36.89 19.14 27.51
C ALA B 720 38.23 18.95 26.80
N TYR B 721 39.20 19.80 27.07
CA TYR B 721 40.53 19.67 26.48
C TYR B 721 41.26 18.50 27.12
N LYS B 722 41.25 17.35 26.44
CA LYS B 722 41.89 16.15 26.97
C LYS B 722 42.32 15.23 25.84
N ARG B 736 39.04 13.99 22.46
CA ARG B 736 39.50 12.64 22.71
C ARG B 736 39.15 11.78 21.55
N LEU B 737 38.27 10.81 21.77
CA LEU B 737 37.80 10.01 20.64
C LEU B 737 36.57 10.64 19.98
N LEU B 738 36.34 11.93 20.19
CA LEU B 738 35.23 12.65 19.57
C LEU B 738 35.73 13.94 18.93
N PRO B 739 36.39 13.85 17.78
CA PRO B 739 36.86 15.06 17.08
C PRO B 739 35.91 15.63 16.05
N TYR B 740 34.62 15.27 16.07
CA TYR B 740 33.75 15.50 14.93
C TYR B 740 33.31 16.97 14.87
N LEU B 741 32.46 17.30 13.90
CA LEU B 741 32.12 18.69 13.65
C LEU B 741 30.99 19.17 14.54
N ALA B 742 29.82 18.52 14.44
CA ALA B 742 28.64 18.95 15.19
C ALA B 742 28.81 18.67 16.67
N THR B 743 28.95 17.41 17.03
CA THR B 743 29.23 17.01 18.41
C THR B 743 30.67 16.51 18.45
N GLY B 744 31.59 17.42 18.71
CA GLY B 744 33.00 17.05 18.74
C GLY B 744 33.86 18.29 18.83
N SER B 745 35.17 18.08 18.66
CA SER B 745 36.13 19.15 18.91
C SER B 745 36.40 20.01 17.68
N ALA B 746 35.94 19.60 16.49
CA ALA B 746 36.22 20.39 15.29
C ALA B 746 35.39 21.67 15.26
N GLY B 747 34.29 21.71 16.01
CA GLY B 747 33.51 22.93 16.09
C GLY B 747 34.26 24.05 16.78
N LEU B 748 35.08 23.72 17.78
CA LEU B 748 35.91 24.71 18.44
C LEU B 748 36.95 25.28 17.48
N LEU B 749 37.54 24.41 16.66
CA LEU B 749 38.48 24.87 15.62
C LEU B 749 37.76 25.76 14.60
N LEU B 750 36.51 25.43 14.28
CA LEU B 750 35.70 26.26 13.39
C LEU B 750 35.45 27.64 13.99
N LEU B 751 35.13 27.70 15.28
CA LEU B 751 34.87 28.98 15.94
C LEU B 751 36.14 29.84 16.01
N ILE B 752 37.28 29.22 16.34
CA ILE B 752 38.52 29.96 16.45
C ILE B 752 39.00 30.44 15.07
N ASN B 753 38.78 29.61 14.03
CA ASN B 753 39.13 30.04 12.67
C ASN B 753 38.19 31.13 12.17
N ARG B 754 36.93 31.13 12.64
CA ARG B 754 36.02 32.21 12.30
C ARG B 754 36.44 33.52 12.96
N ASN B 755 36.87 33.44 14.22
CA ASN B 755 37.16 34.63 15.02
C ASN B 755 38.63 34.69 15.43
N LYS B 756 39.54 34.47 14.48
CA LYS B 756 40.97 34.50 14.77
C LYS B 756 41.44 35.90 15.12
N GLU B 757 40.90 36.92 14.44
CA GLU B 757 41.31 38.29 14.73
C GLU B 757 40.69 38.81 16.02
N ILE B 758 39.62 38.17 16.50
CA ILE B 758 38.93 38.66 17.69
C ILE B 758 39.56 38.07 18.95
N LEU B 759 39.82 36.77 18.95
CA LEU B 759 40.35 36.10 20.13
C LEU B 759 41.83 36.41 20.29
N SER B 760 42.31 36.32 21.53
CA SER B 760 43.68 36.68 21.85
C SER B 760 44.63 35.54 21.47
N SER B 761 45.94 35.83 21.62
CA SER B 761 46.96 34.86 21.21
C SER B 761 47.03 33.67 22.15
N LYS B 762 46.58 33.85 23.40
CA LYS B 762 46.48 32.71 24.32
C LYS B 762 45.42 31.72 23.83
N TYR B 763 44.30 32.24 23.33
CA TYR B 763 43.25 31.38 22.79
C TYR B 763 43.66 30.81 21.44
N LEU B 764 44.40 31.59 20.64
CA LEU B 764 44.93 31.09 19.37
C LEU B 764 46.10 30.14 19.56
N LYS B 765 46.65 30.03 20.76
CA LYS B 765 47.73 29.09 21.02
C LYS B 765 47.22 27.64 20.96
N TYR B 766 45.95 27.43 21.31
CA TYR B 766 45.35 26.10 21.25
C TYR B 766 44.93 25.69 19.84
N LEU B 767 44.96 26.62 18.87
CA LEU B 767 44.65 26.29 17.49
C LEU B 767 45.65 25.29 16.92
N THR B 768 46.93 25.47 17.23
CA THR B 768 47.94 24.49 16.85
C THR B 768 47.86 23.21 17.69
N SER B 769 47.12 23.23 18.80
CA SER B 769 47.02 22.06 19.66
C SER B 769 45.90 21.12 19.21
N LEU B 770 44.74 21.65 18.83
CA LEU B 770 43.66 20.72 18.50
C LEU B 770 43.73 20.27 17.04
N GLU B 771 44.63 20.88 16.25
CA GLU B 771 44.81 20.47 14.86
C GLU B 771 45.35 19.04 14.75
N ARG B 772 46.30 18.68 15.61
CA ARG B 772 46.80 17.31 15.61
C ARG B 772 45.79 16.35 16.21
N ALA B 773 44.84 16.86 17.01
CA ALA B 773 43.77 16.03 17.51
C ALA B 773 42.75 15.73 16.42
N THR B 774 42.46 16.72 15.57
CA THR B 774 41.46 16.55 14.53
C THR B 774 42.03 16.05 13.20
N ASP B 775 43.33 15.77 13.13
CA ASP B 775 43.93 15.26 11.89
C ASP B 775 43.91 13.74 11.85
N VAL B 776 42.73 13.16 12.05
CA VAL B 776 42.58 11.71 11.98
C VAL B 776 42.46 11.28 10.52
N VAL B 777 42.95 10.09 10.22
CA VAL B 777 42.95 9.57 8.85
C VAL B 777 41.73 8.70 8.56
N PHE B 778 40.82 8.57 9.53
CA PHE B 778 39.66 7.70 9.34
C PHE B 778 38.52 8.17 10.23
N CYS B 779 37.31 8.18 9.67
CA CYS B 779 36.08 8.29 10.44
C CYS B 779 35.08 7.30 9.86
N VAL B 780 34.14 6.85 10.71
CA VAL B 780 33.25 5.77 10.31
C VAL B 780 32.16 6.28 9.38
N LEU B 781 31.40 7.28 9.82
CA LEU B 781 30.30 7.79 9.02
C LEU B 781 30.82 8.72 7.93
N PRO B 782 30.09 8.86 6.82
CA PRO B 782 30.54 9.74 5.73
C PRO B 782 29.98 11.15 5.77
N GLY B 783 29.15 11.52 6.73
CA GLY B 783 28.47 12.79 6.71
C GLY B 783 29.32 13.94 7.19
N LEU B 784 28.66 15.06 7.47
CA LEU B 784 29.33 16.23 8.02
C LEU B 784 28.96 16.56 9.45
N PHE B 785 27.75 16.20 9.90
CA PHE B 785 27.40 16.35 11.31
C PHE B 785 28.24 15.41 12.17
N ASN B 786 28.08 14.11 11.97
CA ASN B 786 28.80 13.11 12.74
C ASN B 786 29.54 12.15 11.81
N GLY B 787 30.20 12.70 10.79
CA GLY B 787 30.99 11.89 9.89
C GLY B 787 32.41 12.39 9.68
N PHE B 788 32.96 12.16 8.48
CA PHE B 788 34.31 12.58 8.14
C PHE B 788 34.37 13.95 7.49
N CYS B 789 33.37 14.32 6.69
CA CYS B 789 33.44 15.52 5.88
C CYS B 789 33.41 16.80 6.71
N GLY B 790 32.79 16.76 7.89
CA GLY B 790 32.76 17.90 8.77
C GLY B 790 34.11 18.31 9.32
N LEU B 791 35.02 17.35 9.48
CA LEU B 791 36.38 17.67 9.88
C LEU B 791 37.13 18.38 8.75
N GLU B 792 37.04 17.82 7.54
CA GLU B 792 37.83 18.31 6.43
C GLU B 792 37.30 19.62 5.88
N VAL B 793 36.00 19.92 6.06
CA VAL B 793 35.49 21.21 5.61
C VAL B 793 35.95 22.30 6.57
N ALA B 794 36.23 21.94 7.83
CA ALA B 794 36.71 22.91 8.80
C ALA B 794 38.23 22.99 8.86
N ASN B 795 38.93 22.02 8.25
CA ASN B 795 40.40 22.05 8.28
C ASN B 795 40.98 23.19 7.45
N ASN B 796 40.25 23.65 6.44
CA ASN B 796 40.71 24.76 5.60
C ASN B 796 39.56 25.73 5.34
N ILE B 797 38.81 26.06 6.38
CA ILE B 797 37.61 26.87 6.20
C ILE B 797 37.96 28.37 6.13
N TYR B 798 38.92 28.84 6.91
CA TYR B 798 39.29 30.26 6.95
C TYR B 798 40.80 30.41 6.96
N SER B 799 41.46 29.71 6.03
CA SER B 799 42.92 29.75 5.96
C SER B 799 43.46 31.07 5.42
N ASP B 800 42.61 31.86 4.73
CA ASP B 800 42.98 33.11 4.06
C ASP B 800 44.12 32.89 3.06
N ILE B 801 44.06 31.79 2.34
CA ILE B 801 45.09 31.43 1.37
C ILE B 801 44.43 30.53 0.33
N ASP B 802 45.07 30.41 -0.84
CA ASP B 802 44.52 29.67 -1.96
C ASP B 802 45.09 28.25 -1.93
N ASP B 803 44.53 27.41 -1.08
CA ASP B 803 44.84 25.98 -1.04
C ASP B 803 43.57 25.17 -1.25
N ASN B 804 42.66 25.72 -2.07
CA ASN B 804 41.37 25.10 -2.30
C ASN B 804 41.51 23.79 -3.06
N PHE B 805 42.41 23.76 -4.06
CA PHE B 805 42.64 22.54 -4.83
C PHE B 805 43.26 21.45 -3.96
N SER B 806 44.15 21.83 -3.03
CA SER B 806 44.69 20.87 -2.08
C SER B 806 43.62 20.34 -1.14
N GLY B 807 42.68 21.21 -0.75
CA GLY B 807 41.56 20.76 0.07
C GLY B 807 40.65 19.77 -0.65
N GLN B 808 40.37 20.02 -1.93
CA GLN B 808 39.60 19.08 -2.72
C GLN B 808 40.36 17.77 -2.92
N LYS B 809 41.65 17.84 -3.23
CA LYS B 809 42.48 16.66 -3.42
C LYS B 809 42.66 15.85 -2.15
N LYS B 810 42.47 16.46 -0.99
CA LYS B 810 42.39 15.73 0.26
C LYS B 810 41.01 15.09 0.46
N LEU B 811 39.95 15.90 0.36
CA LEU B 811 38.62 15.48 0.80
C LEU B 811 38.03 14.43 -0.13
N ILE B 812 38.17 14.61 -1.45
CA ILE B 812 37.56 13.66 -2.38
C ILE B 812 38.29 12.32 -2.37
N GLU B 813 39.62 12.35 -2.27
CA GLU B 813 40.40 11.12 -2.19
C GLU B 813 40.15 10.38 -0.89
N GLN B 814 39.83 11.11 0.18
CA GLN B 814 39.35 10.42 1.37
C GLN B 814 37.91 9.95 1.22
N LEU B 815 37.11 10.63 0.39
CA LEU B 815 35.70 10.32 0.24
C LEU B 815 35.45 9.16 -0.71
N TYR B 816 36.48 8.70 -1.44
CA TYR B 816 36.31 7.57 -2.36
C TYR B 816 35.95 6.27 -1.66
N ARG B 817 36.18 6.16 -0.35
CA ARG B 817 35.86 4.91 0.35
C ARG B 817 34.37 4.77 0.65
N TYR B 818 33.59 5.85 0.59
CA TYR B 818 32.17 5.80 0.93
C TYR B 818 31.25 5.84 -0.29
N LEU B 819 31.78 5.78 -1.50
CA LEU B 819 31.00 5.97 -2.71
C LEU B 819 30.55 4.62 -3.28
N CYS B 820 29.32 4.60 -3.80
CA CYS B 820 28.79 3.48 -4.58
C CYS B 820 28.26 4.04 -5.89
N VAL B 821 28.64 3.43 -7.01
CA VAL B 821 28.38 4.01 -8.33
C VAL B 821 27.02 3.54 -8.84
N ILE B 822 26.27 4.48 -9.41
CA ILE B 822 24.95 4.25 -10.01
C ILE B 822 24.90 5.05 -11.30
N GLU B 823 24.50 4.41 -12.42
CA GLU B 823 24.66 4.94 -13.78
C GLU B 823 26.08 5.39 -14.05
N GLU B 824 26.23 6.67 -14.37
CA GLU B 824 27.50 7.36 -14.42
C GLU B 824 27.66 8.36 -13.27
N GLY B 825 27.12 8.02 -12.10
CA GLY B 825 27.11 8.96 -10.99
C GLY B 825 27.41 8.28 -9.67
N PHE B 826 27.72 9.10 -8.67
CA PHE B 826 28.06 8.62 -7.34
C PHE B 826 26.98 9.03 -6.35
N VAL B 827 26.96 8.35 -5.21
CA VAL B 827 25.93 8.56 -4.20
C VAL B 827 26.49 8.09 -2.85
N ILE B 828 26.02 8.71 -1.78
CA ILE B 828 26.59 8.54 -0.44
C ILE B 828 25.75 7.54 0.34
N ALA B 829 26.42 6.55 0.92
CA ALA B 829 25.76 5.65 1.87
C ALA B 829 25.41 6.40 3.14
N GLY B 830 24.21 6.15 3.67
CA GLY B 830 23.67 6.95 4.74
C GLY B 830 24.21 6.65 6.12
N ASP B 831 23.37 6.83 7.12
CA ASP B 831 23.80 6.54 8.44
C ASP B 831 24.07 5.08 8.65
N ASN B 832 24.84 4.81 9.68
CA ASN B 832 25.20 3.44 10.05
C ASN B 832 25.60 2.60 8.84
N GLY B 833 26.16 3.23 7.81
CA GLY B 833 26.60 2.50 6.64
C GLY B 833 25.49 2.09 5.70
N LEU B 834 24.68 1.12 6.10
CA LEU B 834 23.67 0.58 5.21
C LEU B 834 22.47 1.52 5.13
N LYS B 835 21.55 1.17 4.24
CA LYS B 835 20.26 1.83 4.04
C LYS B 835 20.46 3.31 3.64
N ILE B 836 20.95 3.45 2.41
CA ILE B 836 21.29 4.70 1.71
C ILE B 836 20.24 5.79 1.86
N THR B 837 20.69 7.03 2.07
CA THR B 837 19.81 8.18 2.16
C THR B 837 20.56 9.44 1.74
N THR B 838 19.80 10.52 1.61
CA THR B 838 20.37 11.85 1.35
C THR B 838 19.74 12.87 2.30
N ASP B 839 20.57 13.39 3.20
CA ASP B 839 20.15 14.47 4.09
C ASP B 839 21.40 15.27 4.45
N ILE B 840 21.26 16.17 5.43
CA ILE B 840 22.40 16.96 5.89
C ILE B 840 23.25 16.15 6.86
N ALA B 841 22.64 15.14 7.50
CA ALA B 841 23.38 14.33 8.46
C ALA B 841 24.38 13.41 7.76
N SER B 842 23.90 12.58 6.82
CA SER B 842 24.78 11.69 6.09
C SER B 842 24.10 11.37 4.75
N GLY B 843 24.55 12.05 3.69
CA GLY B 843 23.95 11.82 2.39
C GLY B 843 24.65 12.62 1.32
N PHE B 844 23.94 12.78 0.19
CA PHE B 844 24.45 13.61 -0.90
C PHE B 844 24.61 15.05 -0.46
N ALA B 845 23.65 15.56 0.32
CA ALA B 845 23.78 16.90 0.86
C ALA B 845 24.88 16.96 1.91
N GLY B 846 25.11 15.85 2.63
CA GLY B 846 26.12 15.83 3.67
C GLY B 846 27.54 15.82 3.14
N VAL B 847 27.71 15.63 1.84
CA VAL B 847 28.98 15.95 1.19
C VAL B 847 28.84 17.17 0.30
N ALA B 848 27.62 17.52 -0.11
CA ALA B 848 27.43 18.61 -1.05
C ALA B 848 27.68 19.96 -0.40
N ILE B 849 27.29 20.09 0.86
CA ILE B 849 27.54 21.32 1.61
C ILE B 849 29.05 21.48 1.85
N GLY B 850 29.74 20.39 2.12
CA GLY B 850 31.19 20.44 2.27
C GLY B 850 31.90 20.80 0.97
N LEU B 851 31.45 20.24 -0.15
CA LEU B 851 32.02 20.60 -1.46
C LEU B 851 31.76 22.06 -1.83
N VAL B 852 30.55 22.56 -1.57
CA VAL B 852 30.29 23.95 -1.94
C VAL B 852 30.94 24.91 -0.95
N SER B 853 31.29 24.44 0.25
CA SER B 853 31.91 25.30 1.24
C SER B 853 33.43 25.31 1.18
N ILE B 854 34.06 24.22 0.73
CA ILE B 854 35.51 24.13 0.83
C ILE B 854 36.19 25.04 -0.19
N MET B 855 35.57 25.26 -1.35
CA MET B 855 36.18 26.07 -2.39
C MET B 855 35.63 27.48 -2.45
N ASP B 856 34.69 27.84 -1.57
CA ASP B 856 34.20 29.20 -1.45
C ASP B 856 34.52 29.84 -0.11
N ASN B 857 34.92 29.04 0.90
CA ASN B 857 35.21 29.47 2.26
C ASN B 857 34.04 30.19 2.92
N LYS B 858 32.82 29.79 2.59
CA LYS B 858 31.62 30.46 3.08
C LYS B 858 30.97 29.69 4.23
N LEU B 859 30.94 28.35 4.12
CA LEU B 859 30.25 27.46 5.05
C LEU B 859 28.77 27.82 5.16
N THR B 860 28.04 27.55 4.07
CA THR B 860 26.65 27.98 3.87
C THR B 860 25.64 27.43 4.88
N ILE B 861 26.07 26.60 5.83
CA ILE B 861 25.23 26.24 6.97
C ILE B 861 24.91 27.49 7.80
N LEU B 862 25.93 28.28 8.12
CA LEU B 862 25.78 29.44 8.98
C LEU B 862 26.54 30.63 8.41
N PRO B 863 25.97 31.83 8.44
CA PRO B 863 26.53 32.94 7.67
C PRO B 863 27.71 33.59 8.39
N GLN B 864 28.28 34.59 7.72
CA GLN B 864 29.39 35.38 8.24
C GLN B 864 29.01 36.85 8.34
N ILE B 865 27.76 37.11 8.73
CA ILE B 865 27.17 38.44 8.90
C ILE B 865 27.26 39.32 7.65
N GLN C 1 -1.15 -28.58 -43.50
CA GLN C 1 -0.64 -27.58 -42.57
C GLN C 1 0.33 -26.64 -43.27
N GLY C 2 0.17 -25.35 -43.00
CA GLY C 2 1.01 -24.34 -43.62
C GLY C 2 0.26 -23.18 -44.23
N MET C 3 -1.03 -23.05 -43.91
CA MET C 3 -1.81 -21.89 -44.32
C MET C 3 -1.38 -20.68 -43.49
N ALA C 4 -1.65 -19.48 -44.00
CA ALA C 4 -1.24 -18.27 -43.28
C ALA C 4 -2.37 -17.25 -43.26
N GLU C 5 -3.55 -17.64 -43.74
CA GLU C 5 -4.66 -16.71 -43.84
C GLU C 5 -5.56 -16.72 -42.63
N GLU C 6 -5.36 -17.63 -41.68
CA GLU C 6 -6.25 -17.70 -40.52
C GLU C 6 -5.94 -16.56 -39.55
N VAL C 7 -4.73 -16.01 -39.63
CA VAL C 7 -4.44 -14.74 -38.98
C VAL C 7 -4.92 -13.60 -39.86
N LEU C 8 -4.87 -13.79 -41.18
CA LEU C 8 -5.14 -12.72 -42.13
C LEU C 8 -6.61 -12.58 -42.47
N ASN C 9 -7.49 -13.23 -41.71
CA ASN C 9 -8.92 -12.98 -41.82
C ASN C 9 -9.52 -12.71 -40.45
N LEU C 10 -8.68 -12.81 -39.41
CA LEU C 10 -9.13 -12.81 -38.03
C LEU C 10 -9.47 -11.38 -37.59
N GLN C 11 -9.07 -10.40 -38.40
CA GLN C 11 -9.24 -9.00 -38.02
C GLN C 11 -10.64 -8.47 -38.32
N LEU C 12 -11.50 -9.27 -38.96
CA LEU C 12 -12.79 -8.79 -39.43
C LEU C 12 -13.74 -8.49 -38.27
N VAL C 13 -14.51 -7.41 -38.40
CA VAL C 13 -15.38 -6.97 -37.32
C VAL C 13 -16.85 -7.15 -37.69
N SER C 14 -17.20 -6.83 -38.95
CA SER C 14 -18.55 -6.84 -39.52
C SER C 14 -19.64 -6.31 -38.57
N VAL C 15 -20.80 -6.98 -38.55
CA VAL C 15 -21.88 -6.64 -37.61
C VAL C 15 -22.73 -7.87 -37.36
N GLN C 16 -22.92 -8.22 -36.09
CA GLN C 16 -23.72 -9.38 -35.69
C GLN C 16 -24.66 -9.08 -34.53
N VAL C 17 -24.91 -7.80 -34.22
CA VAL C 17 -25.79 -7.41 -33.14
C VAL C 17 -27.23 -7.74 -33.51
N ASP C 18 -27.97 -8.34 -32.58
CA ASP C 18 -29.36 -8.71 -32.82
C ASP C 18 -30.27 -7.50 -32.81
N VAL D 1 13.44 -30.94 39.03
CA VAL D 1 12.30 -30.13 38.61
C VAL D 1 11.53 -29.64 39.82
N SER D 2 10.23 -29.45 39.63
CA SER D 2 9.25 -29.09 40.67
C SER D 2 9.63 -27.80 41.41
N MET D 3 9.80 -26.71 40.67
CA MET D 3 10.16 -25.44 41.29
C MET D 3 9.66 -24.30 40.43
N ALA D 4 9.34 -23.18 41.09
CA ALA D 4 8.98 -21.94 40.42
C ALA D 4 10.07 -20.89 40.52
N GLU D 5 11.31 -21.27 40.79
CA GLU D 5 12.38 -20.32 41.02
C GLU D 5 12.86 -19.66 39.73
N GLU D 6 12.64 -20.32 38.59
CA GLU D 6 13.07 -19.79 37.30
C GLU D 6 12.34 -18.51 36.91
N VAL D 7 11.03 -18.46 37.12
CA VAL D 7 10.32 -17.22 36.83
C VAL D 7 10.63 -16.16 37.89
N LEU D 8 10.80 -16.56 39.14
CA LEU D 8 11.19 -15.60 40.18
C LEU D 8 12.70 -15.53 40.41
N ASN D 9 13.50 -15.46 39.35
CA ASN D 9 14.86 -14.92 39.45
C ASN D 9 15.22 -14.17 38.16
N LEU D 10 14.24 -14.05 37.27
CA LEU D 10 14.51 -13.75 35.87
C LEU D 10 14.51 -12.24 35.63
N GLN D 11 14.49 -11.45 36.70
CA GLN D 11 14.68 -10.00 36.58
C GLN D 11 15.47 -9.52 37.80
N LEU D 12 16.73 -9.16 37.59
CA LEU D 12 17.49 -8.48 38.62
C LEU D 12 18.07 -7.16 38.12
N VAL D 13 18.69 -7.19 36.93
CA VAL D 13 19.30 -6.07 36.21
C VAL D 13 20.41 -5.39 37.01
N SER D 14 21.66 -5.64 36.62
CA SER D 14 22.80 -5.00 37.27
C SER D 14 24.00 -4.93 36.33
N VAL D 15 24.93 -4.02 36.67
CA VAL D 15 26.26 -3.69 36.09
C VAL D 15 26.18 -3.26 34.62
N GLN D 16 27.00 -2.28 34.24
CA GLN D 16 26.98 -1.78 32.88
C GLN D 16 28.39 -1.56 32.33
N VAL D 17 29.34 -2.41 32.74
CA VAL D 17 30.70 -2.30 32.26
C VAL D 17 30.94 -3.29 31.12
#